data_2AWU
# 
_entry.id   2AWU 
# 
_audit_conform.dict_name       mmcif_pdbx.dic 
_audit_conform.dict_version    5.392 
_audit_conform.dict_location   http://mmcif.pdb.org/dictionaries/ascii/mmcif_pdbx.dic 
# 
loop_
_database_2.database_id 
_database_2.database_code 
_database_2.pdbx_database_accession 
_database_2.pdbx_DOI 
PDB   2AWU         pdb_00002awu 10.2210/pdb2awu/pdb 
RCSB  RCSB034408   ?            ?                   
WWPDB D_1000034408 ?            ?                   
# 
loop_
_pdbx_audit_revision_history.ordinal 
_pdbx_audit_revision_history.data_content_type 
_pdbx_audit_revision_history.major_revision 
_pdbx_audit_revision_history.minor_revision 
_pdbx_audit_revision_history.revision_date 
1 'Structure model' 1 0 2006-08-29 
2 'Structure model' 1 1 2008-05-01 
3 'Structure model' 1 2 2011-07-13 
4 'Structure model' 1 3 2017-10-11 
5 'Structure model' 1 4 2021-11-10 
6 'Structure model' 1 5 2024-05-29 
# 
_pdbx_audit_revision_details.ordinal             1 
_pdbx_audit_revision_details.revision_ordinal    1 
_pdbx_audit_revision_details.data_content_type   'Structure model' 
_pdbx_audit_revision_details.provider            repository 
_pdbx_audit_revision_details.type                'Initial release' 
_pdbx_audit_revision_details.description         ? 
_pdbx_audit_revision_details.details             ? 
# 
loop_
_pdbx_audit_revision_group.ordinal 
_pdbx_audit_revision_group.revision_ordinal 
_pdbx_audit_revision_group.data_content_type 
_pdbx_audit_revision_group.group 
1 2 'Structure model' 'Version format compliance' 
2 3 'Structure model' 'Version format compliance' 
3 4 'Structure model' 'Refinement description'    
4 5 'Structure model' 'Data collection'           
5 5 'Structure model' 'Database references'       
6 6 'Structure model' 'Data collection'           
# 
loop_
_pdbx_audit_revision_category.ordinal 
_pdbx_audit_revision_category.revision_ordinal 
_pdbx_audit_revision_category.data_content_type 
_pdbx_audit_revision_category.category 
1 4 'Structure model' software           
2 5 'Structure model' database_2         
3 5 'Structure model' diffrn_source      
4 5 'Structure model' struct_ref_seq_dif 
5 6 'Structure model' chem_comp_atom     
6 6 'Structure model' chem_comp_bond     
# 
loop_
_pdbx_audit_revision_item.ordinal 
_pdbx_audit_revision_item.revision_ordinal 
_pdbx_audit_revision_item.data_content_type 
_pdbx_audit_revision_item.item 
1 4 'Structure model' '_software.classification'             
2 4 'Structure model' '_software.name'                       
3 5 'Structure model' '_database_2.pdbx_DOI'                 
4 5 'Structure model' '_database_2.pdbx_database_accession'  
5 5 'Structure model' '_diffrn_source.pdbx_synchrotron_site' 
6 5 'Structure model' '_struct_ref_seq_dif.details'          
# 
_pdbx_database_status.entry_id                        2AWU 
_pdbx_database_status.deposit_site                    RCSB 
_pdbx_database_status.process_site                    PDBJ 
_pdbx_database_status.recvd_initial_deposition_date   2005-09-02 
_pdbx_database_status.status_code                     REL 
_pdbx_database_status.status_code_sf                  REL 
_pdbx_database_status.status_code_mr                  ? 
_pdbx_database_status.SG_entry                        ? 
_pdbx_database_status.pdb_format_compatible           Y 
_pdbx_database_status.status_code_cs                  ? 
_pdbx_database_status.methods_development_category    ? 
_pdbx_database_status.status_code_nmr_data            ? 
# 
loop_
_pdbx_database_related.db_name 
_pdbx_database_related.db_id 
_pdbx_database_related.details 
_pdbx_database_related.content_type 
PDB 1YUQ 'Synapse associated protein 97 PDZ2 domain with GluR-A C-terminal peptide' unspecified 
PDB 2AWW 'The same protein C378G mutant with C-terminal GluR-A peptide'             unspecified 
PDB 2AWX 'The same protein C378S mutant'                                            unspecified 
# 
loop_
_audit_author.name 
_audit_author.pdbx_ordinal 
'Von Ossowski, I.' 1 
'Oksanen, E.'      2 
'Von Ossowski, L.' 3 
'Cai, C.'          4 
'Sundberg, M.'     5 
'Goldman, A.'      6 
'Keinanen, K.'     7 
# 
_citation.id                        primary 
_citation.title                     
'Crystal structure of the second PDZ domain of SAP97 in complex with a GluR-A C-terminal peptide' 
_citation.journal_abbrev            'Febs J.' 
_citation.journal_volume            273 
_citation.page_first                5219 
_citation.page_last                 5229 
_citation.year                      2006 
_citation.journal_id_ASTM           ? 
_citation.country                   UK 
_citation.journal_id_ISSN           1742-464X 
_citation.journal_id_CSD            ? 
_citation.book_publisher            ? 
_citation.pdbx_database_id_PubMed   17069616 
_citation.pdbx_database_id_DOI      10.1111/j.1742-4658.2006.05521.x 
# 
loop_
_citation_author.citation_id 
_citation_author.name 
_citation_author.ordinal 
_citation_author.identifier_ORCID 
primary 'von Ossowski, I.' 1 ? 
primary 'Oksanen, E.'      2 ? 
primary 'von Ossowski, L.' 3 ? 
primary 'Cai, C.'          4 ? 
primary 'Sundberg, M.'     5 ? 
primary 'Goldman, A.'      6 ? 
primary 'Keinanen, K.'     7 ? 
# 
loop_
_entity.id 
_entity.type 
_entity.src_method 
_entity.pdbx_description 
_entity.formula_weight 
_entity.pdbx_number_of_molecules 
_entity.pdbx_ec 
_entity.pdbx_mutation 
_entity.pdbx_fragment 
_entity.details 
1 polymer man 'Synapse-associated protein 97' 11425.163 2  ? C378G 'PDZ2 domain' ? 
2 polymer syn AHH                             365.387   1  ? ?     ?             ? 
3 water   nat water                           18.015    74 ? ?     ?             ? 
# 
_entity_name_com.entity_id   1 
_entity_name_com.name        'Presynaptic protein SAP97, SAP-97' 
# 
loop_
_entity_poly.entity_id 
_entity_poly.type 
_entity_poly.nstd_linkage 
_entity_poly.nstd_monomer 
_entity_poly.pdbx_seq_one_letter_code 
_entity_poly.pdbx_seq_one_letter_code_can 
_entity_poly.pdbx_strand_id 
_entity_poly.pdbx_target_identifier 
1 'polypeptide(L)' no no 
;MEKIMEIKLIKGPKGLGFSIAGGVGNQHIPGDNSIYVTKIIEGGAAHKDGKLQIGDKLLAVNSVGLEEVTHEEAVTALKN
TSDFVYLKVAKPTSMYISRHHHHHH
;
;MEKIMEIKLIKGPKGLGFSIAGGVGNQHIPGDNSIYVTKIIEGGAAHKDGKLQIGDKLLAVNSVGLEEVTHEEAVTALKN
TSDFVYLKVAKPTSMYISRHHHHHH
;
A,B ? 
2 'polypeptide(L)' no no AHH AHH C   ? 
# 
_pdbx_entity_nonpoly.entity_id   3 
_pdbx_entity_nonpoly.name        water 
_pdbx_entity_nonpoly.comp_id     HOH 
# 
loop_
_entity_poly_seq.entity_id 
_entity_poly_seq.num 
_entity_poly_seq.mon_id 
_entity_poly_seq.hetero 
1 1   MET n 
1 2   GLU n 
1 3   LYS n 
1 4   ILE n 
1 5   MET n 
1 6   GLU n 
1 7   ILE n 
1 8   LYS n 
1 9   LEU n 
1 10  ILE n 
1 11  LYS n 
1 12  GLY n 
1 13  PRO n 
1 14  LYS n 
1 15  GLY n 
1 16  LEU n 
1 17  GLY n 
1 18  PHE n 
1 19  SER n 
1 20  ILE n 
1 21  ALA n 
1 22  GLY n 
1 23  GLY n 
1 24  VAL n 
1 25  GLY n 
1 26  ASN n 
1 27  GLN n 
1 28  HIS n 
1 29  ILE n 
1 30  PRO n 
1 31  GLY n 
1 32  ASP n 
1 33  ASN n 
1 34  SER n 
1 35  ILE n 
1 36  TYR n 
1 37  VAL n 
1 38  THR n 
1 39  LYS n 
1 40  ILE n 
1 41  ILE n 
1 42  GLU n 
1 43  GLY n 
1 44  GLY n 
1 45  ALA n 
1 46  ALA n 
1 47  HIS n 
1 48  LYS n 
1 49  ASP n 
1 50  GLY n 
1 51  LYS n 
1 52  LEU n 
1 53  GLN n 
1 54  ILE n 
1 55  GLY n 
1 56  ASP n 
1 57  LYS n 
1 58  LEU n 
1 59  LEU n 
1 60  ALA n 
1 61  VAL n 
1 62  ASN n 
1 63  SER n 
1 64  VAL n 
1 65  GLY n 
1 66  LEU n 
1 67  GLU n 
1 68  GLU n 
1 69  VAL n 
1 70  THR n 
1 71  HIS n 
1 72  GLU n 
1 73  GLU n 
1 74  ALA n 
1 75  VAL n 
1 76  THR n 
1 77  ALA n 
1 78  LEU n 
1 79  LYS n 
1 80  ASN n 
1 81  THR n 
1 82  SER n 
1 83  ASP n 
1 84  PHE n 
1 85  VAL n 
1 86  TYR n 
1 87  LEU n 
1 88  LYS n 
1 89  VAL n 
1 90  ALA n 
1 91  LYS n 
1 92  PRO n 
1 93  THR n 
1 94  SER n 
1 95  MET n 
1 96  TYR n 
1 97  ILE n 
1 98  SER n 
1 99  ARG n 
1 100 HIS n 
1 101 HIS n 
1 102 HIS n 
1 103 HIS n 
1 104 HIS n 
1 105 HIS n 
2 1   ALA n 
2 2   HIS n 
2 3   HIS n 
# 
_entity_src_gen.entity_id                          1 
_entity_src_gen.pdbx_src_id                        1 
_entity_src_gen.pdbx_alt_source_flag               sample 
_entity_src_gen.pdbx_seq_type                      ? 
_entity_src_gen.pdbx_beg_seq_num                   ? 
_entity_src_gen.pdbx_end_seq_num                   ? 
_entity_src_gen.gene_src_common_name               'Norway rat' 
_entity_src_gen.gene_src_genus                     Rattus 
_entity_src_gen.pdbx_gene_src_gene                 Dlg1 
_entity_src_gen.gene_src_species                   ? 
_entity_src_gen.gene_src_strain                    ? 
_entity_src_gen.gene_src_tissue                    ? 
_entity_src_gen.gene_src_tissue_fraction           ? 
_entity_src_gen.gene_src_details                   ? 
_entity_src_gen.pdbx_gene_src_fragment             ? 
_entity_src_gen.pdbx_gene_src_scientific_name      'Rattus norvegicus' 
_entity_src_gen.pdbx_gene_src_ncbi_taxonomy_id     10116 
_entity_src_gen.pdbx_gene_src_variant              ? 
_entity_src_gen.pdbx_gene_src_cell_line            ? 
_entity_src_gen.pdbx_gene_src_atcc                 ? 
_entity_src_gen.pdbx_gene_src_organ                ? 
_entity_src_gen.pdbx_gene_src_organelle            ? 
_entity_src_gen.pdbx_gene_src_cell                 ? 
_entity_src_gen.pdbx_gene_src_cellular_location    ? 
_entity_src_gen.host_org_common_name               ? 
_entity_src_gen.pdbx_host_org_scientific_name      'Escherichia coli BL21(DE3)' 
_entity_src_gen.pdbx_host_org_ncbi_taxonomy_id     469008 
_entity_src_gen.host_org_genus                     Escherichia 
_entity_src_gen.pdbx_host_org_gene                 ? 
_entity_src_gen.pdbx_host_org_organ                ? 
_entity_src_gen.host_org_species                   'Escherichia coli' 
_entity_src_gen.pdbx_host_org_tissue               ? 
_entity_src_gen.pdbx_host_org_tissue_fraction      ? 
_entity_src_gen.pdbx_host_org_strain               'BL21 (DE3)' 
_entity_src_gen.pdbx_host_org_variant              ? 
_entity_src_gen.pdbx_host_org_cell_line            ? 
_entity_src_gen.pdbx_host_org_atcc                 ? 
_entity_src_gen.pdbx_host_org_culture_collection   ? 
_entity_src_gen.pdbx_host_org_cell                 ? 
_entity_src_gen.pdbx_host_org_organelle            ? 
_entity_src_gen.pdbx_host_org_cellular_location    ? 
_entity_src_gen.pdbx_host_org_vector_type          plasmid 
_entity_src_gen.pdbx_host_org_vector               ? 
_entity_src_gen.host_org_details                   ? 
_entity_src_gen.expression_system_id               ? 
_entity_src_gen.plasmid_name                       PK0302-2 
_entity_src_gen.plasmid_details                    ? 
_entity_src_gen.pdbx_description                   ? 
# 
_pdbx_entity_src_syn.entity_id              2 
_pdbx_entity_src_syn.pdbx_src_id            1 
_pdbx_entity_src_syn.pdbx_alt_source_flag   sample 
_pdbx_entity_src_syn.pdbx_beg_seq_num       ? 
_pdbx_entity_src_syn.pdbx_end_seq_num       ? 
_pdbx_entity_src_syn.organism_scientific    ? 
_pdbx_entity_src_syn.organism_common_name   ? 
_pdbx_entity_src_syn.ncbi_taxonomy_id       ? 
_pdbx_entity_src_syn.details                'the peptide was chemicaly synthesized' 
# 
loop_
_chem_comp.id 
_chem_comp.type 
_chem_comp.mon_nstd_flag 
_chem_comp.name 
_chem_comp.pdbx_synonyms 
_chem_comp.formula 
_chem_comp.formula_weight 
ALA 'L-peptide linking' y ALANINE         ? 'C3 H7 N O2'     89.093  
ARG 'L-peptide linking' y ARGININE        ? 'C6 H15 N4 O2 1' 175.209 
ASN 'L-peptide linking' y ASPARAGINE      ? 'C4 H8 N2 O3'    132.118 
ASP 'L-peptide linking' y 'ASPARTIC ACID' ? 'C4 H7 N O4'     133.103 
CYS 'L-peptide linking' y CYSTEINE        ? 'C3 H7 N O2 S'   121.158 
GLN 'L-peptide linking' y GLUTAMINE       ? 'C5 H10 N2 O3'   146.144 
GLU 'L-peptide linking' y 'GLUTAMIC ACID' ? 'C5 H9 N O4'     147.129 
GLY 'peptide linking'   y GLYCINE         ? 'C2 H5 N O2'     75.067  
HIS 'L-peptide linking' y HISTIDINE       ? 'C6 H10 N3 O2 1' 156.162 
HOH non-polymer         . WATER           ? 'H2 O'           18.015  
ILE 'L-peptide linking' y ISOLEUCINE      ? 'C6 H13 N O2'    131.173 
LEU 'L-peptide linking' y LEUCINE         ? 'C6 H13 N O2'    131.173 
LYS 'L-peptide linking' y LYSINE          ? 'C6 H15 N2 O2 1' 147.195 
MET 'L-peptide linking' y METHIONINE      ? 'C5 H11 N O2 S'  149.211 
PHE 'L-peptide linking' y PHENYLALANINE   ? 'C9 H11 N O2'    165.189 
PRO 'L-peptide linking' y PROLINE         ? 'C5 H9 N O2'     115.130 
SER 'L-peptide linking' y SERINE          ? 'C3 H7 N O3'     105.093 
THR 'L-peptide linking' y THREONINE       ? 'C4 H9 N O3'     119.119 
TYR 'L-peptide linking' y TYROSINE        ? 'C9 H11 N O3'    181.189 
VAL 'L-peptide linking' y VALINE          ? 'C5 H11 N O2'    117.146 
# 
loop_
_pdbx_poly_seq_scheme.asym_id 
_pdbx_poly_seq_scheme.entity_id 
_pdbx_poly_seq_scheme.seq_id 
_pdbx_poly_seq_scheme.mon_id 
_pdbx_poly_seq_scheme.ndb_seq_num 
_pdbx_poly_seq_scheme.pdb_seq_num 
_pdbx_poly_seq_scheme.auth_seq_num 
_pdbx_poly_seq_scheme.pdb_mon_id 
_pdbx_poly_seq_scheme.auth_mon_id 
_pdbx_poly_seq_scheme.pdb_strand_id 
_pdbx_poly_seq_scheme.pdb_ins_code 
_pdbx_poly_seq_scheme.hetero 
A 1 1   MET 1   314 ?   ?   ?   A . n 
A 1 2   GLU 2   315 ?   ?   ?   A . n 
A 1 3   LYS 3   316 316 LYS LYS A . n 
A 1 4   ILE 4   317 317 ILE ILE A . n 
A 1 5   MET 5   318 318 MET MET A . n 
A 1 6   GLU 6   319 319 GLU GLU A . n 
A 1 7   ILE 7   320 320 ILE ILE A . n 
A 1 8   LYS 8   321 321 LYS LYS A . n 
A 1 9   LEU 9   322 322 LEU LEU A . n 
A 1 10  ILE 10  323 323 ILE ILE A . n 
A 1 11  LYS 11  324 324 LYS LYS A . n 
A 1 12  GLY 12  325 325 GLY GLY A . n 
A 1 13  PRO 13  326 326 PRO PRO A . n 
A 1 14  LYS 14  327 327 LYS LYS A . n 
A 1 15  GLY 15  328 328 GLY GLY A . n 
A 1 16  LEU 16  329 329 LEU LEU A . n 
A 1 17  GLY 17  330 330 GLY GLY A . n 
A 1 18  PHE 18  331 331 PHE PHE A . n 
A 1 19  SER 19  332 332 SER SER A . n 
A 1 20  ILE 20  333 333 ILE ILE A . n 
A 1 21  ALA 21  334 334 ALA ALA A . n 
A 1 22  GLY 22  335 335 GLY GLY A . n 
A 1 23  GLY 23  336 336 GLY GLY A . n 
A 1 24  VAL 24  337 337 VAL VAL A . n 
A 1 25  GLY 25  338 338 GLY GLY A . n 
A 1 26  ASN 26  339 339 ASN ASN A . n 
A 1 27  GLN 27  340 340 GLN GLN A . n 
A 1 28  HIS 28  341 341 HIS HIS A . n 
A 1 29  ILE 29  342 342 ILE ILE A . n 
A 1 30  PRO 30  343 343 PRO PRO A . n 
A 1 31  GLY 31  344 344 GLY GLY A . n 
A 1 32  ASP 32  345 345 ASP ASP A . n 
A 1 33  ASN 33  346 346 ASN ASN A . n 
A 1 34  SER 34  347 347 SER SER A . n 
A 1 35  ILE 35  348 348 ILE ILE A . n 
A 1 36  TYR 36  349 349 TYR TYR A . n 
A 1 37  VAL 37  350 350 VAL VAL A . n 
A 1 38  THR 38  351 351 THR THR A . n 
A 1 39  LYS 39  352 352 LYS LYS A . n 
A 1 40  ILE 40  353 353 ILE ILE A . n 
A 1 41  ILE 41  354 354 ILE ILE A . n 
A 1 42  GLU 42  355 355 GLU GLU A . n 
A 1 43  GLY 43  356 356 GLY GLY A . n 
A 1 44  GLY 44  357 357 GLY GLY A . n 
A 1 45  ALA 45  358 358 ALA ALA A . n 
A 1 46  ALA 46  359 359 ALA ALA A . n 
A 1 47  HIS 47  360 360 HIS HIS A . n 
A 1 48  LYS 48  361 361 LYS LYS A . n 
A 1 49  ASP 49  362 362 ASP ASP A . n 
A 1 50  GLY 50  363 363 GLY GLY A . n 
A 1 51  LYS 51  364 364 LYS LYS A . n 
A 1 52  LEU 52  365 365 LEU LEU A . n 
A 1 53  GLN 53  366 366 GLN GLN A . n 
A 1 54  ILE 54  367 367 ILE ILE A . n 
A 1 55  GLY 55  368 368 GLY GLY A . n 
A 1 56  ASP 56  369 369 ASP ASP A . n 
A 1 57  LYS 57  370 370 LYS LYS A . n 
A 1 58  LEU 58  371 371 LEU LEU A . n 
A 1 59  LEU 59  372 372 LEU LEU A . n 
A 1 60  ALA 60  373 373 ALA ALA A . n 
A 1 61  VAL 61  374 374 VAL VAL A . n 
A 1 62  ASN 62  375 375 ASN ASN A . n 
A 1 63  SER 63  376 376 SER SER A . n 
A 1 64  VAL 64  377 377 VAL VAL A . n 
A 1 65  GLY 65  378 378 GLY GLY A . n 
A 1 66  LEU 66  379 379 LEU LEU A . n 
A 1 67  GLU 67  380 380 GLU GLU A . n 
A 1 68  GLU 68  381 381 GLU GLU A . n 
A 1 69  VAL 69  382 382 VAL VAL A . n 
A 1 70  THR 70  383 383 THR THR A . n 
A 1 71  HIS 71  384 384 HIS HIS A . n 
A 1 72  GLU 72  385 385 GLU GLU A . n 
A 1 73  GLU 73  386 386 GLU GLU A . n 
A 1 74  ALA 74  387 387 ALA ALA A . n 
A 1 75  VAL 75  388 388 VAL VAL A . n 
A 1 76  THR 76  389 389 THR THR A . n 
A 1 77  ALA 77  390 390 ALA ALA A . n 
A 1 78  LEU 78  391 391 LEU LEU A . n 
A 1 79  LYS 79  392 392 LYS LYS A . n 
A 1 80  ASN 80  393 393 ASN ASN A . n 
A 1 81  THR 81  394 394 THR THR A . n 
A 1 82  SER 82  395 395 SER SER A . n 
A 1 83  ASP 83  396 396 ASP ASP A . n 
A 1 84  PHE 84  397 397 PHE PHE A . n 
A 1 85  VAL 85  398 398 VAL VAL A . n 
A 1 86  TYR 86  399 399 TYR TYR A . n 
A 1 87  LEU 87  400 400 LEU LEU A . n 
A 1 88  LYS 88  401 401 LYS LYS A . n 
A 1 89  VAL 89  402 402 VAL VAL A . n 
A 1 90  ALA 90  403 403 ALA ALA A . n 
A 1 91  LYS 91  404 404 LYS LYS A . n 
A 1 92  PRO 92  405 405 PRO PRO A . n 
A 1 93  THR 93  406 406 THR THR A . n 
A 1 94  SER 94  407 407 SER SER A . n 
A 1 95  MET 95  408 408 MET MET A . n 
A 1 96  TYR 96  409 409 TYR TYR A . n 
A 1 97  ILE 97  410 410 ILE ILE A . n 
A 1 98  SER 98  411 ?   ?   ?   A . n 
A 1 99  ARG 99  412 ?   ?   ?   A . n 
A 1 100 HIS 100 413 ?   ?   ?   A . n 
A 1 101 HIS 101 414 ?   ?   ?   A . n 
A 1 102 HIS 102 415 ?   ?   ?   A . n 
A 1 103 HIS 103 416 ?   ?   ?   A . n 
A 1 104 HIS 104 417 ?   ?   ?   A . n 
A 1 105 HIS 105 418 ?   ?   ?   A . n 
B 1 1   MET 1   314 ?   ?   ?   B . n 
B 1 2   GLU 2   315 ?   ?   ?   B . n 
B 1 3   LYS 3   316 ?   ?   ?   B . n 
B 1 4   ILE 4   317 317 ILE ILE B . n 
B 1 5   MET 5   318 318 MET MET B . n 
B 1 6   GLU 6   319 319 GLU GLU B . n 
B 1 7   ILE 7   320 320 ILE ILE B . n 
B 1 8   LYS 8   321 321 LYS LYS B . n 
B 1 9   LEU 9   322 322 LEU LEU B . n 
B 1 10  ILE 10  323 323 ILE ILE B . n 
B 1 11  LYS 11  324 324 LYS LYS B . n 
B 1 12  GLY 12  325 325 GLY GLY B . n 
B 1 13  PRO 13  326 326 PRO PRO B . n 
B 1 14  LYS 14  327 327 LYS LYS B . n 
B 1 15  GLY 15  328 328 GLY GLY B . n 
B 1 16  LEU 16  329 329 LEU LEU B . n 
B 1 17  GLY 17  330 330 GLY GLY B . n 
B 1 18  PHE 18  331 331 PHE PHE B . n 
B 1 19  SER 19  332 332 SER SER B . n 
B 1 20  ILE 20  333 333 ILE ILE B . n 
B 1 21  ALA 21  334 334 ALA ALA B . n 
B 1 22  GLY 22  335 335 GLY GLY B . n 
B 1 23  GLY 23  336 336 GLY GLY B . n 
B 1 24  VAL 24  337 337 VAL VAL B . n 
B 1 25  GLY 25  338 338 GLY GLY B . n 
B 1 26  ASN 26  339 339 ASN ASN B . n 
B 1 27  GLN 27  340 340 GLN GLN B . n 
B 1 28  HIS 28  341 341 HIS HIS B . n 
B 1 29  ILE 29  342 342 ILE ILE B . n 
B 1 30  PRO 30  343 343 PRO PRO B . n 
B 1 31  GLY 31  344 344 GLY GLY B . n 
B 1 32  ASP 32  345 345 ASP ASP B . n 
B 1 33  ASN 33  346 346 ASN ASN B . n 
B 1 34  SER 34  347 347 SER SER B . n 
B 1 35  ILE 35  348 348 ILE ILE B . n 
B 1 36  TYR 36  349 349 TYR TYR B . n 
B 1 37  VAL 37  350 350 VAL VAL B . n 
B 1 38  THR 38  351 351 THR THR B . n 
B 1 39  LYS 39  352 352 LYS LYS B . n 
B 1 40  ILE 40  353 353 ILE ILE B . n 
B 1 41  ILE 41  354 354 ILE ILE B . n 
B 1 42  GLU 42  355 355 GLU GLU B . n 
B 1 43  GLY 43  356 356 GLY GLY B . n 
B 1 44  GLY 44  357 357 GLY GLY B . n 
B 1 45  ALA 45  358 358 ALA ALA B . n 
B 1 46  ALA 46  359 359 ALA ALA B . n 
B 1 47  HIS 47  360 360 HIS HIS B . n 
B 1 48  LYS 48  361 361 LYS LYS B . n 
B 1 49  ASP 49  362 362 ASP ASP B . n 
B 1 50  GLY 50  363 363 GLY GLY B . n 
B 1 51  LYS 51  364 364 LYS LYS B . n 
B 1 52  LEU 52  365 365 LEU LEU B . n 
B 1 53  GLN 53  366 366 GLN GLN B . n 
B 1 54  ILE 54  367 367 ILE ILE B . n 
B 1 55  GLY 55  368 368 GLY GLY B . n 
B 1 56  ASP 56  369 369 ASP ASP B . n 
B 1 57  LYS 57  370 370 LYS LYS B . n 
B 1 58  LEU 58  371 371 LEU LEU B . n 
B 1 59  LEU 59  372 372 LEU LEU B . n 
B 1 60  ALA 60  373 373 ALA ALA B . n 
B 1 61  VAL 61  374 374 VAL VAL B . n 
B 1 62  ASN 62  375 375 ASN ASN B . n 
B 1 63  SER 63  376 376 SER SER B . n 
B 1 64  VAL 64  377 377 VAL VAL B . n 
B 1 65  GLY 65  378 378 GLY GLY B . n 
B 1 66  LEU 66  379 379 LEU LEU B . n 
B 1 67  GLU 67  380 380 GLU GLU B . n 
B 1 68  GLU 68  381 381 GLU GLU B . n 
B 1 69  VAL 69  382 382 VAL VAL B . n 
B 1 70  THR 70  383 383 THR THR B . n 
B 1 71  HIS 71  384 384 HIS HIS B . n 
B 1 72  GLU 72  385 385 GLU GLU B . n 
B 1 73  GLU 73  386 386 GLU GLU B . n 
B 1 74  ALA 74  387 387 ALA ALA B . n 
B 1 75  VAL 75  388 388 VAL VAL B . n 
B 1 76  THR 76  389 389 THR THR B . n 
B 1 77  ALA 77  390 390 ALA ALA B . n 
B 1 78  LEU 78  391 391 LEU LEU B . n 
B 1 79  LYS 79  392 392 LYS LYS B . n 
B 1 80  ASN 80  393 393 ASN ASN B . n 
B 1 81  THR 81  394 394 THR THR B . n 
B 1 82  SER 82  395 395 SER SER B . n 
B 1 83  ASP 83  396 396 ASP ASP B . n 
B 1 84  PHE 84  397 397 PHE PHE B . n 
B 1 85  VAL 85  398 398 VAL VAL B . n 
B 1 86  TYR 86  399 399 TYR TYR B . n 
B 1 87  LEU 87  400 400 LEU LEU B . n 
B 1 88  LYS 88  401 401 LYS LYS B . n 
B 1 89  VAL 89  402 402 VAL VAL B . n 
B 1 90  ALA 90  403 403 ALA ALA B . n 
B 1 91  LYS 91  404 404 LYS LYS B . n 
B 1 92  PRO 92  405 405 PRO PRO B . n 
B 1 93  THR 93  406 406 THR THR B . n 
B 1 94  SER 94  407 ?   ?   ?   B . n 
B 1 95  MET 95  408 ?   ?   ?   B . n 
B 1 96  TYR 96  409 ?   ?   ?   B . n 
B 1 97  ILE 97  410 ?   ?   ?   B . n 
B 1 98  SER 98  411 ?   ?   ?   B . n 
B 1 99  ARG 99  412 ?   ?   ?   B . n 
B 1 100 HIS 100 413 ?   ?   ?   B . n 
B 1 101 HIS 101 414 ?   ?   ?   B . n 
B 1 102 HIS 102 415 ?   ?   ?   B . n 
B 1 103 HIS 103 416 ?   ?   ?   B . n 
B 1 104 HIS 104 417 ?   ?   ?   B . n 
B 1 105 HIS 105 418 ?   ?   ?   B . n 
C 2 1   ALA 1   5   5   ALA ALA C . n 
C 2 2   HIS 2   6   6   HIS HIS C . n 
C 2 3   HIS 3   7   7   HIS HIS C . n 
# 
loop_
_pdbx_nonpoly_scheme.asym_id 
_pdbx_nonpoly_scheme.entity_id 
_pdbx_nonpoly_scheme.mon_id 
_pdbx_nonpoly_scheme.ndb_seq_num 
_pdbx_nonpoly_scheme.pdb_seq_num 
_pdbx_nonpoly_scheme.auth_seq_num 
_pdbx_nonpoly_scheme.pdb_mon_id 
_pdbx_nonpoly_scheme.auth_mon_id 
_pdbx_nonpoly_scheme.pdb_strand_id 
_pdbx_nonpoly_scheme.pdb_ins_code 
D 3 HOH 1  1   1  HOH HOH A . 
D 3 HOH 2  3   3  HOH HOH A . 
D 3 HOH 3  5   5  HOH HOH A . 
D 3 HOH 4  6   6  HOH HOH A . 
D 3 HOH 5  10  10 HOH HOH A . 
D 3 HOH 6  12  12 HOH HOH A . 
D 3 HOH 7  14  14 HOH HOH A . 
D 3 HOH 8  15  15 HOH HOH A . 
D 3 HOH 9  16  16 HOH HOH A . 
D 3 HOH 10 17  17 HOH HOH A . 
D 3 HOH 11 19  19 HOH HOH A . 
D 3 HOH 12 20  20 HOH HOH A . 
D 3 HOH 13 22  22 HOH HOH A . 
D 3 HOH 14 23  23 HOH HOH A . 
D 3 HOH 15 28  28 HOH HOH A . 
D 3 HOH 16 30  30 HOH HOH A . 
D 3 HOH 17 32  32 HOH HOH A . 
D 3 HOH 18 33  33 HOH HOH A . 
D 3 HOH 19 35  35 HOH HOH A . 
D 3 HOH 20 38  38 HOH HOH A . 
D 3 HOH 21 42  42 HOH HOH A . 
D 3 HOH 22 46  46 HOH HOH A . 
D 3 HOH 23 48  48 HOH HOH A . 
D 3 HOH 24 49  49 HOH HOH A . 
D 3 HOH 25 50  50 HOH HOH A . 
D 3 HOH 26 52  52 HOH HOH A . 
D 3 HOH 27 56  56 HOH HOH A . 
D 3 HOH 28 57  57 HOH HOH A . 
D 3 HOH 29 58  58 HOH HOH A . 
D 3 HOH 30 60  60 HOH HOH A . 
D 3 HOH 31 65  65 HOH HOH A . 
D 3 HOH 32 66  66 HOH HOH A . 
D 3 HOH 33 103 3  HOH HOH A . 
D 3 HOH 34 105 5  HOH HOH A . 
D 3 HOH 35 106 6  HOH HOH A . 
D 3 HOH 36 114 14 HOH HOH A . 
D 3 HOH 37 119 19 HOH HOH A . 
D 3 HOH 38 121 21 HOH HOH A . 
E 3 HOH 1  2   2  HOH HOH B . 
E 3 HOH 2  4   4  HOH HOH B . 
E 3 HOH 3  7   7  HOH HOH B . 
E 3 HOH 4  8   8  HOH HOH B . 
E 3 HOH 5  9   9  HOH HOH B . 
E 3 HOH 6  13  13 HOH HOH B . 
E 3 HOH 7  21  21 HOH HOH B . 
E 3 HOH 8  25  25 HOH HOH B . 
E 3 HOH 9  34  34 HOH HOH B . 
E 3 HOH 10 36  36 HOH HOH B . 
E 3 HOH 11 37  37 HOH HOH B . 
E 3 HOH 12 41  41 HOH HOH B . 
E 3 HOH 13 43  43 HOH HOH B . 
E 3 HOH 14 44  44 HOH HOH B . 
E 3 HOH 15 45  45 HOH HOH B . 
E 3 HOH 16 47  47 HOH HOH B . 
E 3 HOH 17 51  51 HOH HOH B . 
E 3 HOH 18 53  53 HOH HOH B . 
E 3 HOH 19 54  54 HOH HOH B . 
E 3 HOH 20 61  61 HOH HOH B . 
E 3 HOH 21 62  62 HOH HOH B . 
E 3 HOH 22 63  63 HOH HOH B . 
E 3 HOH 23 64  64 HOH HOH B . 
E 3 HOH 24 68  68 HOH HOH B . 
E 3 HOH 25 69  69 HOH HOH B . 
E 3 HOH 26 70  70 HOH HOH B . 
E 3 HOH 27 101 1  HOH HOH B . 
E 3 HOH 28 102 2  HOH HOH B . 
E 3 HOH 29 107 7  HOH HOH B . 
E 3 HOH 30 109 9  HOH HOH B . 
E 3 HOH 31 110 10 HOH HOH B . 
E 3 HOH 32 112 12 HOH HOH B . 
E 3 HOH 33 115 15 HOH HOH B . 
E 3 HOH 34 116 16 HOH HOH B . 
E 3 HOH 35 120 20 HOH HOH B . 
F 3 HOH 1  26  26 HOH HOH C . 
# 
loop_
_pdbx_unobs_or_zero_occ_atoms.id 
_pdbx_unobs_or_zero_occ_atoms.PDB_model_num 
_pdbx_unobs_or_zero_occ_atoms.polymer_flag 
_pdbx_unobs_or_zero_occ_atoms.occupancy_flag 
_pdbx_unobs_or_zero_occ_atoms.auth_asym_id 
_pdbx_unobs_or_zero_occ_atoms.auth_comp_id 
_pdbx_unobs_or_zero_occ_atoms.auth_seq_id 
_pdbx_unobs_or_zero_occ_atoms.PDB_ins_code 
_pdbx_unobs_or_zero_occ_atoms.auth_atom_id 
_pdbx_unobs_or_zero_occ_atoms.label_alt_id 
_pdbx_unobs_or_zero_occ_atoms.label_asym_id 
_pdbx_unobs_or_zero_occ_atoms.label_comp_id 
_pdbx_unobs_or_zero_occ_atoms.label_seq_id 
_pdbx_unobs_or_zero_occ_atoms.label_atom_id 
1  1 Y 1 A LYS 316 ? CG  ? A LYS 3  CG  
2  1 Y 1 A LYS 316 ? CD  ? A LYS 3  CD  
3  1 Y 1 A LYS 316 ? CE  ? A LYS 3  CE  
4  1 Y 1 A LYS 316 ? NZ  ? A LYS 3  NZ  
5  1 Y 1 A LYS 361 ? CD  ? A LYS 48 CD  
6  1 Y 1 A LYS 361 ? CE  ? A LYS 48 CE  
7  1 Y 1 A LYS 361 ? NZ  ? A LYS 48 NZ  
8  1 Y 1 A ILE 410 ? CG1 ? A ILE 97 CG1 
9  1 Y 1 A ILE 410 ? CG2 ? A ILE 97 CG2 
10 1 Y 1 A ILE 410 ? CD1 ? A ILE 97 CD1 
11 1 Y 1 B MET 318 ? CG  ? B MET 5  CG  
12 1 Y 1 B MET 318 ? SD  ? B MET 5  SD  
13 1 Y 1 B MET 318 ? CE  ? B MET 5  CE  
14 1 Y 1 B LYS 327 ? CD  ? B LYS 14 CD  
15 1 Y 1 B LYS 327 ? CE  ? B LYS 14 CE  
16 1 Y 1 B LYS 327 ? NZ  ? B LYS 14 NZ  
17 1 Y 1 B LYS 392 ? CE  ? B LYS 79 CE  
18 1 Y 1 B LYS 392 ? NZ  ? B LYS 79 NZ  
# 
loop_
_software.name 
_software.version 
_software.date 
_software.type 
_software.contact_author 
_software.contact_author_email 
_software.classification 
_software.location 
_software.language 
_software.citation_id 
_software.pdbx_ordinal 
XSCALE      .        ?               program 'Wolfgang Kabsch' ?                        'data scaling'    
http://www.mpimf-heidelberg.mpg.de/~kabsch/xds/xscale_program.html ?       ? 1 
MOLREP      .        ?               program 'A. Vagin'        alexei@ysbl.york.ac.uk   phasing           
http://www.ccp4.ac.uk/dist/html/molrep.html                        Fortran ? 2 
REFMAC      5.2.0005 ?               program 'Murshudov, G.N.' ccp4@dl.ac.uk            refinement        
http://www.ccp4.ac.uk/main.html                                    Fortran ? 3 
PDB_EXTRACT 1.700    'May. 30, 2005' package PDB               sw-help@rcsb.rutgers.edu 'data extraction' 
http://pdb.rutgers.edu/software/                                   C++     ? 4 
MAR345      .        ?               ?       ?                 ?                        'data collection' ? ?       ? 5 
XDS         .        ?               ?       ?                 ?                        'data scaling'    ? ?       ? 6 
# 
_cell.length_a           32.220 
_cell.length_b           52.140 
_cell.length_c           52.640 
_cell.angle_alpha        90.00 
_cell.angle_beta         102.74 
_cell.angle_gamma        90.00 
_cell.entry_id           2AWU 
_cell.pdbx_unique_axis   ? 
_cell.Z_PDB              4 
_cell.length_a_esd       ? 
_cell.length_b_esd       ? 
_cell.length_c_esd       ? 
_cell.angle_alpha_esd    ? 
_cell.angle_beta_esd     ? 
_cell.angle_gamma_esd    ? 
# 
_symmetry.space_group_name_H-M             'P 1 21 1' 
_symmetry.entry_id                         2AWU 
_symmetry.pdbx_full_space_group_name_H-M   ? 
_symmetry.Int_Tables_number                4 
_symmetry.cell_setting                     ? 
_symmetry.space_group_name_Hall            ? 
# 
_exptl.entry_id          2AWU 
_exptl.crystals_number   1 
_exptl.method            'X-RAY DIFFRACTION' 
# 
_exptl_crystal.id                    1 
_exptl_crystal.density_Matthews      1.9 
_exptl_crystal.density_meas          ? 
_exptl_crystal.density_percent_sol   34.4 
_exptl_crystal.description           ? 
_exptl_crystal.F_000                 ? 
_exptl_crystal.preparation           ? 
# 
_exptl_crystal_grow.crystal_id      1 
_exptl_crystal_grow.method          'VAPOR DIFFUSION, SITTING DROP' 
_exptl_crystal_grow.pH              8.5 
_exptl_crystal_grow.temp            277 
_exptl_crystal_grow.temp_details    ? 
_exptl_crystal_grow.pdbx_details    
'0.2M Sodium acetate, 0.1M Tris-HCl, 30% PEG4000, pH 8.5, VAPOR DIFFUSION, SITTING DROP, temperature 277K' 
_exptl_crystal_grow.pdbx_pH_range   . 
# 
_diffrn.id                     1 
_diffrn.ambient_temp           100 
_diffrn.ambient_temp_details   ? 
_diffrn.crystal_id             1 
# 
_diffrn_detector.diffrn_id              1 
_diffrn_detector.detector               CCD 
_diffrn_detector.type                   MARRESEARCH 
_diffrn_detector.pdbx_collection_date   2005-02-11 
_diffrn_detector.details                ? 
# 
_diffrn_radiation.diffrn_id                        1 
_diffrn_radiation.wavelength_id                    1 
_diffrn_radiation.pdbx_diffrn_protocol             'SINGLE WAVELENGTH' 
_diffrn_radiation.monochromator                    'Double crystal silicon (111)' 
_diffrn_radiation.pdbx_monochromatic_or_laue_m_l   M 
_diffrn_radiation.pdbx_scattering_type             x-ray 
# 
_diffrn_radiation_wavelength.id           1 
_diffrn_radiation_wavelength.wavelength   1.519 
_diffrn_radiation_wavelength.wt           1.0 
# 
_diffrn_source.diffrn_id                   1 
_diffrn_source.source                      SYNCHROTRON 
_diffrn_source.type                        'EMBL/DESY, HAMBURG BEAMLINE BW7A' 
_diffrn_source.pdbx_wavelength             ? 
_diffrn_source.pdbx_wavelength_list        1.519 
_diffrn_source.pdbx_synchrotron_site       'EMBL/DESY, HAMBURG' 
_diffrn_source.pdbx_synchrotron_beamline   BW7A 
# 
_reflns.entry_id                     2AWU 
_reflns.d_resolution_low             20 
_reflns.d_resolution_high            2.44 
_reflns.number_obs                   6219 
_reflns.percent_possible_obs         96.600 
_reflns.pdbx_Rmerge_I_obs            0.029 
_reflns.pdbx_chi_squared             ? 
_reflns.pdbx_redundancy              ? 
_reflns.pdbx_scaling_rejects         ? 
_reflns.pdbx_netI_over_sigmaI        37.190 
_reflns.pdbx_Rsym_value              ? 
_reflns.observed_criterion_sigma_F   0 
_reflns.observed_criterion_sigma_I   0 
_reflns.number_all                   6219 
_reflns.B_iso_Wilson_estimate        ? 
_reflns.R_free_details               ? 
_reflns.limit_h_max                  ? 
_reflns.limit_h_min                  ? 
_reflns.limit_k_max                  ? 
_reflns.limit_k_min                  ? 
_reflns.limit_l_max                  ? 
_reflns.limit_l_min                  ? 
_reflns.observed_criterion_F_max     ? 
_reflns.observed_criterion_F_min     ? 
_reflns.pdbx_diffrn_id               1 
_reflns.pdbx_ordinal                 1 
# 
_reflns_shell.d_res_low              2.59 
_reflns_shell.d_res_high             2.44 
_reflns_shell.number_measured_obs    6332 
_reflns_shell.percent_possible_obs   90.800 
_reflns_shell.Rmerge_I_obs           0.094 
_reflns_shell.pdbx_chi_squared       ? 
_reflns_shell.pdbx_redundancy        ? 
_reflns_shell.number_unique_obs      1766 
_reflns_shell.meanI_over_sigI_obs    17.840 
_reflns_shell.pdbx_Rsym_value        ? 
_reflns_shell.percent_possible_all   91.6 
_reflns_shell.number_unique_all      ? 
_reflns_shell.number_measured_all    ? 
_reflns_shell.pdbx_diffrn_id         ? 
_reflns_shell.pdbx_ordinal           1 
# 
_refine.ls_d_res_high                            2.440 
_refine.ls_d_res_low                             19.650 
_refine.pdbx_ls_sigma_F                          0.00 
_refine.ls_percent_reflns_obs                    100.000 
_refine.ls_number_reflns_obs                     6219 
_refine.pdbx_ls_cross_valid_method               THROUGHOUT 
_refine.pdbx_R_Free_selection_details            RANDOM 
_refine.details                                  'HYDROGENS HAVE BEEN ADDED IN THE RIDING POSITIONS' 
_refine.ls_R_factor_all                          0.186 
_refine.ls_R_factor_R_work                       0.18 
_refine.ls_R_factor_R_free                       0.295 
_refine.ls_percent_reflns_R_free                 5.000 
_refine.ls_number_reflns_R_free                  311 
_refine.B_iso_mean                               16.937 
_refine.aniso_B[1][1]                            0.730 
_refine.aniso_B[2][2]                            -0.330 
_refine.aniso_B[3][3]                            -0.120 
_refine.aniso_B[1][2]                            0.000 
_refine.aniso_B[1][3]                            0.630 
_refine.aniso_B[2][3]                            0.000 
_refine.correlation_coeff_Fo_to_Fc               0.938 
_refine.correlation_coeff_Fo_to_Fc_free          0.848 
_refine.pdbx_overall_ESU_R                       1.822 
_refine.pdbx_overall_ESU_R_Free                  0.364 
_refine.overall_SU_ML                            0.241 
_refine.overall_SU_B                             10.267 
_refine.solvent_model_details                    MASK 
_refine.pdbx_solvent_vdw_probe_radii             1.200 
_refine.pdbx_solvent_ion_probe_radii             0.800 
_refine.pdbx_solvent_shrinkage_radii             0.800 
_refine.pdbx_stereochemistry_target_values       'MAXIMUM LIKELIHOOD' 
_refine.entry_id                                 2AWU 
_refine.pdbx_ls_sigma_I                          ? 
_refine.ls_number_reflns_all                     6219 
_refine.ls_R_factor_obs                          0.186 
_refine.ls_redundancy_reflns_obs                 ? 
_refine.pdbx_data_cutoff_high_absF               ? 
_refine.pdbx_data_cutoff_low_absF                ? 
_refine.ls_number_parameters                     ? 
_refine.ls_number_restraints                     ? 
_refine.ls_R_factor_R_free_error                 ? 
_refine.ls_R_factor_R_free_error_details         ? 
_refine.pdbx_method_to_determine_struct          'MOLECULAR REPLACEMENT' 
_refine.pdbx_starting_model                      ? 
_refine.pdbx_stereochem_target_val_spec_case     ? 
_refine.solvent_model_param_bsol                 ? 
_refine.solvent_model_param_ksol                 ? 
_refine.occupancy_max                            ? 
_refine.occupancy_min                            ? 
_refine.pdbx_isotropic_thermal_model             ? 
_refine.B_iso_min                                ? 
_refine.B_iso_max                                ? 
_refine.overall_SU_R_Cruickshank_DPI             ? 
_refine.overall_SU_R_free                        ? 
_refine.pdbx_data_cutoff_high_rms_absF           ? 
_refine.ls_wR_factor_R_free                      ? 
_refine.ls_wR_factor_R_work                      ? 
_refine.overall_FOM_free_R_set                   ? 
_refine.overall_FOM_work_R_set                   ? 
_refine.pdbx_refine_id                           'X-RAY DIFFRACTION' 
_refine.pdbx_diffrn_id                           1 
_refine.pdbx_TLS_residual_ADP_flag               ? 
_refine.pdbx_overall_phase_error                 ? 
_refine.pdbx_overall_SU_R_free_Cruickshank_DPI   ? 
_refine.pdbx_overall_SU_R_Blow_DPI               ? 
_refine.pdbx_overall_SU_R_free_Blow_DPI          ? 
# 
_refine_hist.pdbx_refine_id                   'X-RAY DIFFRACTION' 
_refine_hist.cycle_id                         LAST 
_refine_hist.pdbx_number_atoms_protein        1381 
_refine_hist.pdbx_number_atoms_nucleic_acid   0 
_refine_hist.pdbx_number_atoms_ligand         0 
_refine_hist.number_atoms_solvent             74 
_refine_hist.number_atoms_total               1455 
_refine_hist.d_res_high                       2.440 
_refine_hist.d_res_low                        19.650 
# 
loop_
_refine_ls_restr.type 
_refine_ls_restr.number 
_refine_ls_restr.dev_ideal 
_refine_ls_restr.dev_ideal_target 
_refine_ls_restr.weight 
_refine_ls_restr.pdbx_refine_id 
_refine_ls_restr.pdbx_restraint_function 
r_bond_refined_d         1401 0.015  0.022  ? 'X-RAY DIFFRACTION' ? 
r_angle_refined_deg      1891 1.560  1.973  ? 'X-RAY DIFFRACTION' ? 
r_dihedral_angle_1_deg   185  6.835  5.000  ? 'X-RAY DIFFRACTION' ? 
r_dihedral_angle_2_deg   49   41.308 26.531 ? 'X-RAY DIFFRACTION' ? 
r_dihedral_angle_3_deg   246  16.381 15.000 ? 'X-RAY DIFFRACTION' ? 
r_chiral_restr           224  0.100  0.200  ? 'X-RAY DIFFRACTION' ? 
r_gen_planes_refined     1012 0.005  0.020  ? 'X-RAY DIFFRACTION' ? 
r_nbd_refined            563  0.220  0.200  ? 'X-RAY DIFFRACTION' ? 
r_nbtor_refined          929  0.310  0.200  ? 'X-RAY DIFFRACTION' ? 
r_xyhbond_nbd_refined    106  0.145  0.200  ? 'X-RAY DIFFRACTION' ? 
r_symmetry_vdw_refined   66   0.187  0.200  ? 'X-RAY DIFFRACTION' ? 
r_symmetry_hbond_refined 8    0.180  0.200  ? 'X-RAY DIFFRACTION' ? 
r_mcbond_it              942  0.820  1.500  ? 'X-RAY DIFFRACTION' ? 
r_mcangle_it             1469 1.426  2.000  ? 'X-RAY DIFFRACTION' ? 
r_scbond_it              504  2.110  3.000  ? 'X-RAY DIFFRACTION' ? 
r_scangle_it             422  3.212  4.500  ? 'X-RAY DIFFRACTION' ? 
# 
_refine_ls_shell.d_res_high                       2.442 
_refine_ls_shell.d_res_low                        2.504 
_refine_ls_shell.pdbx_total_number_of_bins_used   20 
_refine_ls_shell.percent_reflns_obs               100.000 
_refine_ls_shell.number_reflns_R_work             396 
_refine_ls_shell.R_factor_R_work                  0.209 
_refine_ls_shell.R_factor_R_free                  0.38 
_refine_ls_shell.percent_reflns_R_free            ? 
_refine_ls_shell.number_reflns_R_free             20 
_refine_ls_shell.R_factor_R_free_error            ? 
_refine_ls_shell.number_reflns_all                416 
_refine_ls_shell.number_reflns_obs                ? 
_refine_ls_shell.redundancy_reflns_obs            ? 
_refine_ls_shell.R_factor_all                     ? 
_refine_ls_shell.pdbx_refine_id                   'X-RAY DIFFRACTION' 
# 
_struct.entry_id                  2AWU 
_struct.title                     'Synapse associated protein 97 PDZ2 domain variant C378G' 
_struct.pdbx_model_details        ? 
_struct.pdbx_CASP_flag            ? 
_struct.pdbx_model_type_details   ? 
# 
_struct_keywords.entry_id        2AWU 
_struct_keywords.pdbx_keywords   'MEMBRANE PROTEIN' 
_struct_keywords.text            'membrane protein, synaptic signaling, trafficking protein' 
# 
loop_
_struct_asym.id 
_struct_asym.pdbx_blank_PDB_chainid_flag 
_struct_asym.pdbx_modified 
_struct_asym.entity_id 
_struct_asym.details 
A N N 1 ? 
B N N 1 ? 
C N N 2 ? 
D N N 3 ? 
E N N 3 ? 
F N N 3 ? 
# 
loop_
_struct_ref.id 
_struct_ref.db_name 
_struct_ref.db_code 
_struct_ref.entity_id 
_struct_ref.pdbx_seq_one_letter_code 
_struct_ref.pdbx_align_begin 
_struct_ref.pdbx_db_accession 
_struct_ref.pdbx_db_isoform 
1 UNP DLG1_RAT 1 
;RKNHEIKLIKGPKGLGFSIAGGVGNQHIPGDNSIYVTKIIEGGAAHKDGKLQIGDKLLAVNSVCLEEVTHEEAVTALKNT
SDFVYLKAAKPTSMYI
;
314 Q62696 ? 
2 PDB 2AWU     2 ?                                                                                                   ?   2AWU   ? 
# 
loop_
_struct_ref_seq.align_id 
_struct_ref_seq.ref_id 
_struct_ref_seq.pdbx_PDB_id_code 
_struct_ref_seq.pdbx_strand_id 
_struct_ref_seq.seq_align_beg 
_struct_ref_seq.pdbx_seq_align_beg_ins_code 
_struct_ref_seq.seq_align_end 
_struct_ref_seq.pdbx_seq_align_end_ins_code 
_struct_ref_seq.pdbx_db_accession 
_struct_ref_seq.db_align_beg 
_struct_ref_seq.pdbx_db_align_beg_ins_code 
_struct_ref_seq.db_align_end 
_struct_ref_seq.pdbx_db_align_end_ins_code 
_struct_ref_seq.pdbx_auth_seq_align_beg 
_struct_ref_seq.pdbx_auth_seq_align_end 
1 1 2AWU A 2 ? 97 ? Q62696 314 ? 409 ? 315 410 
2 1 2AWU B 2 ? 97 ? Q62696 314 ? 409 ? 315 410 
3 2 2AWU C 1 ? 3  ? 2AWU   5   ? 7   ? 5   7   
# 
loop_
_struct_ref_seq_dif.align_id 
_struct_ref_seq_dif.pdbx_pdb_id_code 
_struct_ref_seq_dif.mon_id 
_struct_ref_seq_dif.pdbx_pdb_strand_id 
_struct_ref_seq_dif.seq_num 
_struct_ref_seq_dif.pdbx_pdb_ins_code 
_struct_ref_seq_dif.pdbx_seq_db_name 
_struct_ref_seq_dif.pdbx_seq_db_accession_code 
_struct_ref_seq_dif.db_mon_id 
_struct_ref_seq_dif.pdbx_seq_db_seq_num 
_struct_ref_seq_dif.details 
_struct_ref_seq_dif.pdbx_auth_seq_num 
_struct_ref_seq_dif.pdbx_ordinal 
1 2AWU MET A 1   ? UNP Q62696 ?   ?   'cloning artifact'    314 1  
1 2AWU GLU A 2   ? UNP Q62696 ARG 314 'SEE REMARK 999'      315 2  
1 2AWU ILE A 4   ? UNP Q62696 ASN 316 'SEE REMARK 999'      317 3  
1 2AWU MET A 5   ? UNP Q62696 HIS 317 'SEE REMARK 999'      318 4  
1 2AWU GLY A 65  ? UNP Q62696 CYS 377 'engineered mutation' 378 5  
1 2AWU VAL A 89  ? UNP Q62696 ALA 401 'SEE REMARK 999'      402 6  
1 2AWU SER A 98  ? UNP Q62696 ?   ?   'cloning artifact'    411 7  
1 2AWU ARG A 99  ? UNP Q62696 ?   ?   'cloning artifact'    412 8  
1 2AWU HIS A 100 ? UNP Q62696 ?   ?   'cloning artifact'    413 9  
1 2AWU HIS A 101 ? UNP Q62696 ?   ?   'cloning artifact'    414 10 
1 2AWU HIS A 102 ? UNP Q62696 ?   ?   'cloning artifact'    415 11 
1 2AWU HIS A 103 ? UNP Q62696 ?   ?   'cloning artifact'    416 12 
1 2AWU HIS A 104 ? UNP Q62696 ?   ?   'cloning artifact'    417 13 
1 2AWU HIS A 105 ? UNP Q62696 ?   ?   'cloning artifact'    418 14 
2 2AWU MET B 1   ? UNP Q62696 ?   ?   'cloning artifact'    314 15 
2 2AWU GLU B 2   ? UNP Q62696 ARG 314 'SEE REMARK 999'      315 16 
2 2AWU ILE B 4   ? UNP Q62696 ASN 316 'SEE REMARK 999'      317 17 
2 2AWU MET B 5   ? UNP Q62696 HIS 317 'SEE REMARK 999'      318 18 
2 2AWU GLY B 65  ? UNP Q62696 CYS 377 'engineered mutation' 378 19 
2 2AWU VAL B 89  ? UNP Q62696 ALA 401 'SEE REMARK 999'      402 20 
2 2AWU SER B 98  ? UNP Q62696 ?   ?   'cloning artifact'    411 21 
2 2AWU ARG B 99  ? UNP Q62696 ?   ?   'cloning artifact'    412 22 
2 2AWU HIS B 100 ? UNP Q62696 ?   ?   'cloning artifact'    413 23 
2 2AWU HIS B 101 ? UNP Q62696 ?   ?   'cloning artifact'    414 24 
2 2AWU HIS B 102 ? UNP Q62696 ?   ?   'cloning artifact'    415 25 
2 2AWU HIS B 103 ? UNP Q62696 ?   ?   'cloning artifact'    416 26 
2 2AWU HIS B 104 ? UNP Q62696 ?   ?   'cloning artifact'    417 27 
2 2AWU HIS B 105 ? UNP Q62696 ?   ?   'cloning artifact'    418 28 
# 
loop_
_pdbx_struct_assembly.id 
_pdbx_struct_assembly.details 
_pdbx_struct_assembly.method_details 
_pdbx_struct_assembly.oligomeric_details 
_pdbx_struct_assembly.oligomeric_count 
1 author_and_software_defined_assembly PISA monomeric 1 
2 author_defined_assembly              ?    monomeric 1 
3 author_defined_assembly              ?    monomeric 1 
# 
loop_
_pdbx_struct_assembly_gen.assembly_id 
_pdbx_struct_assembly_gen.oper_expression 
_pdbx_struct_assembly_gen.asym_id_list 
1 1 A,D 
2 1 B,E 
3 1 C,F 
# 
_pdbx_struct_oper_list.id                   1 
_pdbx_struct_oper_list.type                 'identity operation' 
_pdbx_struct_oper_list.name                 1_555 
_pdbx_struct_oper_list.symmetry_operation   x,y,z 
_pdbx_struct_oper_list.matrix[1][1]         1.0000000000 
_pdbx_struct_oper_list.matrix[1][2]         0.0000000000 
_pdbx_struct_oper_list.matrix[1][3]         0.0000000000 
_pdbx_struct_oper_list.vector[1]            0.0000000000 
_pdbx_struct_oper_list.matrix[2][1]         0.0000000000 
_pdbx_struct_oper_list.matrix[2][2]         1.0000000000 
_pdbx_struct_oper_list.matrix[2][3]         0.0000000000 
_pdbx_struct_oper_list.vector[2]            0.0000000000 
_pdbx_struct_oper_list.matrix[3][1]         0.0000000000 
_pdbx_struct_oper_list.matrix[3][2]         0.0000000000 
_pdbx_struct_oper_list.matrix[3][3]         1.0000000000 
_pdbx_struct_oper_list.vector[3]            0.0000000000 
# 
loop_
_struct_biol.id 
_struct_biol.pdbx_parent_biol_id 
_struct_biol.details 
1 ? ? 
2 ? ? 
3 ? ? 
# 
loop_
_struct_conf.conf_type_id 
_struct_conf.id 
_struct_conf.pdbx_PDB_helix_id 
_struct_conf.beg_label_comp_id 
_struct_conf.beg_label_asym_id 
_struct_conf.beg_label_seq_id 
_struct_conf.pdbx_beg_PDB_ins_code 
_struct_conf.end_label_comp_id 
_struct_conf.end_label_asym_id 
_struct_conf.end_label_seq_id 
_struct_conf.pdbx_end_PDB_ins_code 
_struct_conf.beg_auth_comp_id 
_struct_conf.beg_auth_asym_id 
_struct_conf.beg_auth_seq_id 
_struct_conf.end_auth_comp_id 
_struct_conf.end_auth_asym_id 
_struct_conf.end_auth_seq_id 
_struct_conf.pdbx_PDB_helix_class 
_struct_conf.details 
_struct_conf.pdbx_PDB_helix_length 
HELX_P HELX_P1 1 GLY A 44 ? GLY A 50 ? GLY A 357 GLY A 363 1 ? 7  
HELX_P HELX_P2 2 THR A 70 ? ASN A 80 ? THR A 383 ASN A 393 1 ? 11 
HELX_P HELX_P3 3 GLY B 44 ? GLY B 50 ? GLY B 357 GLY B 363 1 ? 7  
HELX_P HELX_P4 4 THR B 70 ? ASN B 80 ? THR B 383 ASN B 393 1 ? 11 
# 
_struct_conf_type.id          HELX_P 
_struct_conf_type.criteria    ? 
_struct_conf_type.reference   ? 
# 
loop_
_struct_sheet.id 
_struct_sheet.type 
_struct_sheet.number_strands 
_struct_sheet.details 
A ? 5 ? 
B ? 4 ? 
C ? 5 ? 
D ? 4 ? 
# 
loop_
_struct_sheet_order.sheet_id 
_struct_sheet_order.range_id_1 
_struct_sheet_order.range_id_2 
_struct_sheet_order.offset 
_struct_sheet_order.sense 
A 1 2 ? anti-parallel 
A 2 3 ? anti-parallel 
A 3 4 ? anti-parallel 
A 4 5 ? anti-parallel 
B 1 2 ? anti-parallel 
B 2 3 ? anti-parallel 
B 3 4 ? anti-parallel 
C 1 2 ? anti-parallel 
C 2 3 ? anti-parallel 
C 3 4 ? anti-parallel 
C 4 5 ? anti-parallel 
D 1 2 ? anti-parallel 
D 2 3 ? anti-parallel 
D 3 4 ? anti-parallel 
# 
loop_
_struct_sheet_range.sheet_id 
_struct_sheet_range.id 
_struct_sheet_range.beg_label_comp_id 
_struct_sheet_range.beg_label_asym_id 
_struct_sheet_range.beg_label_seq_id 
_struct_sheet_range.pdbx_beg_PDB_ins_code 
_struct_sheet_range.end_label_comp_id 
_struct_sheet_range.end_label_asym_id 
_struct_sheet_range.end_label_seq_id 
_struct_sheet_range.pdbx_end_PDB_ins_code 
_struct_sheet_range.beg_auth_comp_id 
_struct_sheet_range.beg_auth_asym_id 
_struct_sheet_range.beg_auth_seq_id 
_struct_sheet_range.end_auth_comp_id 
_struct_sheet_range.end_auth_asym_id 
_struct_sheet_range.end_auth_seq_id 
A 1 ILE A 4  ? ILE A 10 ? ILE A 317 ILE A 323 
A 2 PHE A 84 ? ALA A 90 ? PHE A 397 ALA A 403 
A 3 LYS A 57 ? VAL A 61 ? LYS A 370 VAL A 374 
A 4 ILE A 35 ? ILE A 40 ? ILE A 348 ILE A 353 
A 5 PHE A 18 ? GLY A 22 ? PHE A 331 GLY A 335 
B 1 ILE A 4  ? ILE A 10 ? ILE A 317 ILE A 323 
B 2 PHE A 84 ? ALA A 90 ? PHE A 397 ALA A 403 
B 3 LYS A 57 ? VAL A 61 ? LYS A 370 VAL A 374 
B 4 VAL A 64 ? GLY A 65 ? VAL A 377 GLY A 378 
C 1 MET B 5  ? ILE B 10 ? MET B 318 ILE B 323 
C 2 PHE B 84 ? ALA B 90 ? PHE B 397 ALA B 403 
C 3 LYS B 57 ? VAL B 61 ? LYS B 370 VAL B 374 
C 4 ILE B 35 ? ILE B 40 ? ILE B 348 ILE B 353 
C 5 PHE B 18 ? GLY B 22 ? PHE B 331 GLY B 335 
D 1 MET B 5  ? ILE B 10 ? MET B 318 ILE B 323 
D 2 PHE B 84 ? ALA B 90 ? PHE B 397 ALA B 403 
D 3 LYS B 57 ? VAL B 61 ? LYS B 370 VAL B 374 
D 4 VAL B 64 ? GLY B 65 ? VAL B 377 GLY B 378 
# 
loop_
_pdbx_struct_sheet_hbond.sheet_id 
_pdbx_struct_sheet_hbond.range_id_1 
_pdbx_struct_sheet_hbond.range_id_2 
_pdbx_struct_sheet_hbond.range_1_label_atom_id 
_pdbx_struct_sheet_hbond.range_1_label_comp_id 
_pdbx_struct_sheet_hbond.range_1_label_asym_id 
_pdbx_struct_sheet_hbond.range_1_label_seq_id 
_pdbx_struct_sheet_hbond.range_1_PDB_ins_code 
_pdbx_struct_sheet_hbond.range_1_auth_atom_id 
_pdbx_struct_sheet_hbond.range_1_auth_comp_id 
_pdbx_struct_sheet_hbond.range_1_auth_asym_id 
_pdbx_struct_sheet_hbond.range_1_auth_seq_id 
_pdbx_struct_sheet_hbond.range_2_label_atom_id 
_pdbx_struct_sheet_hbond.range_2_label_comp_id 
_pdbx_struct_sheet_hbond.range_2_label_asym_id 
_pdbx_struct_sheet_hbond.range_2_label_seq_id 
_pdbx_struct_sheet_hbond.range_2_PDB_ins_code 
_pdbx_struct_sheet_hbond.range_2_auth_atom_id 
_pdbx_struct_sheet_hbond.range_2_auth_comp_id 
_pdbx_struct_sheet_hbond.range_2_auth_asym_id 
_pdbx_struct_sheet_hbond.range_2_auth_seq_id 
A 1 2 N LEU A 9  ? N LEU A 322 O VAL A 85 ? O VAL A 398 
A 2 3 O ALA A 90 ? O ALA A 403 N LYS A 57 ? N LYS A 370 
A 3 4 O LEU A 58 ? O LEU A 371 N ILE A 35 ? N ILE A 348 
A 4 5 O TYR A 36 ? O TYR A 349 N ALA A 21 ? N ALA A 334 
B 1 2 N LEU A 9  ? N LEU A 322 O VAL A 85 ? O VAL A 398 
B 2 3 O ALA A 90 ? O ALA A 403 N LYS A 57 ? N LYS A 370 
B 3 4 N VAL A 61 ? N VAL A 374 O VAL A 64 ? O VAL A 377 
C 1 2 N ILE B 7  ? N ILE B 320 O LEU B 87 ? O LEU B 400 
C 2 3 O ALA B 90 ? O ALA B 403 N LYS B 57 ? N LYS B 370 
C 3 4 O LEU B 58 ? O LEU B 371 N ILE B 35 ? N ILE B 348 
C 4 5 O THR B 38 ? O THR B 351 N SER B 19 ? N SER B 332 
D 1 2 N ILE B 7  ? N ILE B 320 O LEU B 87 ? O LEU B 400 
D 2 3 O ALA B 90 ? O ALA B 403 N LYS B 57 ? N LYS B 370 
D 3 4 N VAL B 61 ? N VAL B 374 O VAL B 64 ? O VAL B 377 
# 
loop_
_pdbx_validate_torsion.id 
_pdbx_validate_torsion.PDB_model_num 
_pdbx_validate_torsion.auth_comp_id 
_pdbx_validate_torsion.auth_asym_id 
_pdbx_validate_torsion.auth_seq_id 
_pdbx_validate_torsion.PDB_ins_code 
_pdbx_validate_torsion.label_alt_id 
_pdbx_validate_torsion.phi 
_pdbx_validate_torsion.psi 
1  1 ASN A 339 ? ? -147.93 46.03   
2  1 PRO A 343 ? ? -40.91  109.75  
3  1 ASN A 375 ? ? 40.74   -123.30 
4  1 SER A 407 ? ? -64.39  -151.16 
5  1 TYR A 409 ? ? 138.53  -114.70 
6  1 ASN B 339 ? ? -153.52 42.70   
7  1 ALA B 373 ? ? -172.04 146.09  
8  1 ASN B 375 ? ? 57.57   -124.29 
9  1 ASN B 393 ? ? -81.94  44.84   
10 1 SER B 395 ? ? -91.48  -141.47 
11 1 PRO B 405 ? ? -47.66  155.95  
# 
_pdbx_phasing_MR.entry_id                     2AWU 
_pdbx_phasing_MR.method_rotation              ? 
_pdbx_phasing_MR.method_translation           ? 
_pdbx_phasing_MR.model_details                ? 
_pdbx_phasing_MR.R_factor                     0.436 
_pdbx_phasing_MR.R_rigid_body                 ? 
_pdbx_phasing_MR.correlation_coeff_Fo_to_Fc   0.544 
_pdbx_phasing_MR.correlation_coeff_Io_to_Ic   ? 
_pdbx_phasing_MR.d_res_high_rotation          3.000 
_pdbx_phasing_MR.d_res_low_rotation           19.650 
_pdbx_phasing_MR.d_res_high_translation       3.000 
_pdbx_phasing_MR.d_res_low_translation        19.650 
_pdbx_phasing_MR.packing                      ? 
_pdbx_phasing_MR.reflns_percent_rotation      ? 
_pdbx_phasing_MR.reflns_percent_translation   ? 
_pdbx_phasing_MR.sigma_F_rotation             ? 
_pdbx_phasing_MR.sigma_F_translation          ? 
_pdbx_phasing_MR.sigma_I_rotation             ? 
_pdbx_phasing_MR.sigma_I_translation          ? 
# 
loop_
_pdbx_unobs_or_zero_occ_residues.id 
_pdbx_unobs_or_zero_occ_residues.PDB_model_num 
_pdbx_unobs_or_zero_occ_residues.polymer_flag 
_pdbx_unobs_or_zero_occ_residues.occupancy_flag 
_pdbx_unobs_or_zero_occ_residues.auth_asym_id 
_pdbx_unobs_or_zero_occ_residues.auth_comp_id 
_pdbx_unobs_or_zero_occ_residues.auth_seq_id 
_pdbx_unobs_or_zero_occ_residues.PDB_ins_code 
_pdbx_unobs_or_zero_occ_residues.label_asym_id 
_pdbx_unobs_or_zero_occ_residues.label_comp_id 
_pdbx_unobs_or_zero_occ_residues.label_seq_id 
1  1 Y 1 A MET 314 ? A MET 1   
2  1 Y 1 A GLU 315 ? A GLU 2   
3  1 Y 1 A SER 411 ? A SER 98  
4  1 Y 1 A ARG 412 ? A ARG 99  
5  1 Y 1 A HIS 413 ? A HIS 100 
6  1 Y 1 A HIS 414 ? A HIS 101 
7  1 Y 1 A HIS 415 ? A HIS 102 
8  1 Y 1 A HIS 416 ? A HIS 103 
9  1 Y 1 A HIS 417 ? A HIS 104 
10 1 Y 1 A HIS 418 ? A HIS 105 
11 1 Y 1 B MET 314 ? B MET 1   
12 1 Y 1 B GLU 315 ? B GLU 2   
13 1 Y 1 B LYS 316 ? B LYS 3   
14 1 Y 1 B SER 407 ? B SER 94  
15 1 Y 1 B MET 408 ? B MET 95  
16 1 Y 1 B TYR 409 ? B TYR 96  
17 1 Y 1 B ILE 410 ? B ILE 97  
18 1 Y 1 B SER 411 ? B SER 98  
19 1 Y 1 B ARG 412 ? B ARG 99  
20 1 Y 1 B HIS 413 ? B HIS 100 
21 1 Y 1 B HIS 414 ? B HIS 101 
22 1 Y 1 B HIS 415 ? B HIS 102 
23 1 Y 1 B HIS 416 ? B HIS 103 
24 1 Y 1 B HIS 417 ? B HIS 104 
25 1 Y 1 B HIS 418 ? B HIS 105 
# 
loop_
_chem_comp_atom.comp_id 
_chem_comp_atom.atom_id 
_chem_comp_atom.type_symbol 
_chem_comp_atom.pdbx_aromatic_flag 
_chem_comp_atom.pdbx_stereo_config 
_chem_comp_atom.pdbx_ordinal 
ALA N    N N N 1   
ALA CA   C N S 2   
ALA C    C N N 3   
ALA O    O N N 4   
ALA CB   C N N 5   
ALA OXT  O N N 6   
ALA H    H N N 7   
ALA H2   H N N 8   
ALA HA   H N N 9   
ALA HB1  H N N 10  
ALA HB2  H N N 11  
ALA HB3  H N N 12  
ALA HXT  H N N 13  
ARG N    N N N 14  
ARG CA   C N S 15  
ARG C    C N N 16  
ARG O    O N N 17  
ARG CB   C N N 18  
ARG CG   C N N 19  
ARG CD   C N N 20  
ARG NE   N N N 21  
ARG CZ   C N N 22  
ARG NH1  N N N 23  
ARG NH2  N N N 24  
ARG OXT  O N N 25  
ARG H    H N N 26  
ARG H2   H N N 27  
ARG HA   H N N 28  
ARG HB2  H N N 29  
ARG HB3  H N N 30  
ARG HG2  H N N 31  
ARG HG3  H N N 32  
ARG HD2  H N N 33  
ARG HD3  H N N 34  
ARG HE   H N N 35  
ARG HH11 H N N 36  
ARG HH12 H N N 37  
ARG HH21 H N N 38  
ARG HH22 H N N 39  
ARG HXT  H N N 40  
ASN N    N N N 41  
ASN CA   C N S 42  
ASN C    C N N 43  
ASN O    O N N 44  
ASN CB   C N N 45  
ASN CG   C N N 46  
ASN OD1  O N N 47  
ASN ND2  N N N 48  
ASN OXT  O N N 49  
ASN H    H N N 50  
ASN H2   H N N 51  
ASN HA   H N N 52  
ASN HB2  H N N 53  
ASN HB3  H N N 54  
ASN HD21 H N N 55  
ASN HD22 H N N 56  
ASN HXT  H N N 57  
ASP N    N N N 58  
ASP CA   C N S 59  
ASP C    C N N 60  
ASP O    O N N 61  
ASP CB   C N N 62  
ASP CG   C N N 63  
ASP OD1  O N N 64  
ASP OD2  O N N 65  
ASP OXT  O N N 66  
ASP H    H N N 67  
ASP H2   H N N 68  
ASP HA   H N N 69  
ASP HB2  H N N 70  
ASP HB3  H N N 71  
ASP HD2  H N N 72  
ASP HXT  H N N 73  
CYS N    N N N 74  
CYS CA   C N R 75  
CYS C    C N N 76  
CYS O    O N N 77  
CYS CB   C N N 78  
CYS SG   S N N 79  
CYS OXT  O N N 80  
CYS H    H N N 81  
CYS H2   H N N 82  
CYS HA   H N N 83  
CYS HB2  H N N 84  
CYS HB3  H N N 85  
CYS HG   H N N 86  
CYS HXT  H N N 87  
GLN N    N N N 88  
GLN CA   C N S 89  
GLN C    C N N 90  
GLN O    O N N 91  
GLN CB   C N N 92  
GLN CG   C N N 93  
GLN CD   C N N 94  
GLN OE1  O N N 95  
GLN NE2  N N N 96  
GLN OXT  O N N 97  
GLN H    H N N 98  
GLN H2   H N N 99  
GLN HA   H N N 100 
GLN HB2  H N N 101 
GLN HB3  H N N 102 
GLN HG2  H N N 103 
GLN HG3  H N N 104 
GLN HE21 H N N 105 
GLN HE22 H N N 106 
GLN HXT  H N N 107 
GLU N    N N N 108 
GLU CA   C N S 109 
GLU C    C N N 110 
GLU O    O N N 111 
GLU CB   C N N 112 
GLU CG   C N N 113 
GLU CD   C N N 114 
GLU OE1  O N N 115 
GLU OE2  O N N 116 
GLU OXT  O N N 117 
GLU H    H N N 118 
GLU H2   H N N 119 
GLU HA   H N N 120 
GLU HB2  H N N 121 
GLU HB3  H N N 122 
GLU HG2  H N N 123 
GLU HG3  H N N 124 
GLU HE2  H N N 125 
GLU HXT  H N N 126 
GLY N    N N N 127 
GLY CA   C N N 128 
GLY C    C N N 129 
GLY O    O N N 130 
GLY OXT  O N N 131 
GLY H    H N N 132 
GLY H2   H N N 133 
GLY HA2  H N N 134 
GLY HA3  H N N 135 
GLY HXT  H N N 136 
HIS N    N N N 137 
HIS CA   C N S 138 
HIS C    C N N 139 
HIS O    O N N 140 
HIS CB   C N N 141 
HIS CG   C Y N 142 
HIS ND1  N Y N 143 
HIS CD2  C Y N 144 
HIS CE1  C Y N 145 
HIS NE2  N Y N 146 
HIS OXT  O N N 147 
HIS H    H N N 148 
HIS H2   H N N 149 
HIS HA   H N N 150 
HIS HB2  H N N 151 
HIS HB3  H N N 152 
HIS HD1  H N N 153 
HIS HD2  H N N 154 
HIS HE1  H N N 155 
HIS HE2  H N N 156 
HIS HXT  H N N 157 
HOH O    O N N 158 
HOH H1   H N N 159 
HOH H2   H N N 160 
ILE N    N N N 161 
ILE CA   C N S 162 
ILE C    C N N 163 
ILE O    O N N 164 
ILE CB   C N S 165 
ILE CG1  C N N 166 
ILE CG2  C N N 167 
ILE CD1  C N N 168 
ILE OXT  O N N 169 
ILE H    H N N 170 
ILE H2   H N N 171 
ILE HA   H N N 172 
ILE HB   H N N 173 
ILE HG12 H N N 174 
ILE HG13 H N N 175 
ILE HG21 H N N 176 
ILE HG22 H N N 177 
ILE HG23 H N N 178 
ILE HD11 H N N 179 
ILE HD12 H N N 180 
ILE HD13 H N N 181 
ILE HXT  H N N 182 
LEU N    N N N 183 
LEU CA   C N S 184 
LEU C    C N N 185 
LEU O    O N N 186 
LEU CB   C N N 187 
LEU CG   C N N 188 
LEU CD1  C N N 189 
LEU CD2  C N N 190 
LEU OXT  O N N 191 
LEU H    H N N 192 
LEU H2   H N N 193 
LEU HA   H N N 194 
LEU HB2  H N N 195 
LEU HB3  H N N 196 
LEU HG   H N N 197 
LEU HD11 H N N 198 
LEU HD12 H N N 199 
LEU HD13 H N N 200 
LEU HD21 H N N 201 
LEU HD22 H N N 202 
LEU HD23 H N N 203 
LEU HXT  H N N 204 
LYS N    N N N 205 
LYS CA   C N S 206 
LYS C    C N N 207 
LYS O    O N N 208 
LYS CB   C N N 209 
LYS CG   C N N 210 
LYS CD   C N N 211 
LYS CE   C N N 212 
LYS NZ   N N N 213 
LYS OXT  O N N 214 
LYS H    H N N 215 
LYS H2   H N N 216 
LYS HA   H N N 217 
LYS HB2  H N N 218 
LYS HB3  H N N 219 
LYS HG2  H N N 220 
LYS HG3  H N N 221 
LYS HD2  H N N 222 
LYS HD3  H N N 223 
LYS HE2  H N N 224 
LYS HE3  H N N 225 
LYS HZ1  H N N 226 
LYS HZ2  H N N 227 
LYS HZ3  H N N 228 
LYS HXT  H N N 229 
MET N    N N N 230 
MET CA   C N S 231 
MET C    C N N 232 
MET O    O N N 233 
MET CB   C N N 234 
MET CG   C N N 235 
MET SD   S N N 236 
MET CE   C N N 237 
MET OXT  O N N 238 
MET H    H N N 239 
MET H2   H N N 240 
MET HA   H N N 241 
MET HB2  H N N 242 
MET HB3  H N N 243 
MET HG2  H N N 244 
MET HG3  H N N 245 
MET HE1  H N N 246 
MET HE2  H N N 247 
MET HE3  H N N 248 
MET HXT  H N N 249 
PHE N    N N N 250 
PHE CA   C N S 251 
PHE C    C N N 252 
PHE O    O N N 253 
PHE CB   C N N 254 
PHE CG   C Y N 255 
PHE CD1  C Y N 256 
PHE CD2  C Y N 257 
PHE CE1  C Y N 258 
PHE CE2  C Y N 259 
PHE CZ   C Y N 260 
PHE OXT  O N N 261 
PHE H    H N N 262 
PHE H2   H N N 263 
PHE HA   H N N 264 
PHE HB2  H N N 265 
PHE HB3  H N N 266 
PHE HD1  H N N 267 
PHE HD2  H N N 268 
PHE HE1  H N N 269 
PHE HE2  H N N 270 
PHE HZ   H N N 271 
PHE HXT  H N N 272 
PRO N    N N N 273 
PRO CA   C N S 274 
PRO C    C N N 275 
PRO O    O N N 276 
PRO CB   C N N 277 
PRO CG   C N N 278 
PRO CD   C N N 279 
PRO OXT  O N N 280 
PRO H    H N N 281 
PRO HA   H N N 282 
PRO HB2  H N N 283 
PRO HB3  H N N 284 
PRO HG2  H N N 285 
PRO HG3  H N N 286 
PRO HD2  H N N 287 
PRO HD3  H N N 288 
PRO HXT  H N N 289 
SER N    N N N 290 
SER CA   C N S 291 
SER C    C N N 292 
SER O    O N N 293 
SER CB   C N N 294 
SER OG   O N N 295 
SER OXT  O N N 296 
SER H    H N N 297 
SER H2   H N N 298 
SER HA   H N N 299 
SER HB2  H N N 300 
SER HB3  H N N 301 
SER HG   H N N 302 
SER HXT  H N N 303 
THR N    N N N 304 
THR CA   C N S 305 
THR C    C N N 306 
THR O    O N N 307 
THR CB   C N R 308 
THR OG1  O N N 309 
THR CG2  C N N 310 
THR OXT  O N N 311 
THR H    H N N 312 
THR H2   H N N 313 
THR HA   H N N 314 
THR HB   H N N 315 
THR HG1  H N N 316 
THR HG21 H N N 317 
THR HG22 H N N 318 
THR HG23 H N N 319 
THR HXT  H N N 320 
TYR N    N N N 321 
TYR CA   C N S 322 
TYR C    C N N 323 
TYR O    O N N 324 
TYR CB   C N N 325 
TYR CG   C Y N 326 
TYR CD1  C Y N 327 
TYR CD2  C Y N 328 
TYR CE1  C Y N 329 
TYR CE2  C Y N 330 
TYR CZ   C Y N 331 
TYR OH   O N N 332 
TYR OXT  O N N 333 
TYR H    H N N 334 
TYR H2   H N N 335 
TYR HA   H N N 336 
TYR HB2  H N N 337 
TYR HB3  H N N 338 
TYR HD1  H N N 339 
TYR HD2  H N N 340 
TYR HE1  H N N 341 
TYR HE2  H N N 342 
TYR HH   H N N 343 
TYR HXT  H N N 344 
VAL N    N N N 345 
VAL CA   C N S 346 
VAL C    C N N 347 
VAL O    O N N 348 
VAL CB   C N N 349 
VAL CG1  C N N 350 
VAL CG2  C N N 351 
VAL OXT  O N N 352 
VAL H    H N N 353 
VAL H2   H N N 354 
VAL HA   H N N 355 
VAL HB   H N N 356 
VAL HG11 H N N 357 
VAL HG12 H N N 358 
VAL HG13 H N N 359 
VAL HG21 H N N 360 
VAL HG22 H N N 361 
VAL HG23 H N N 362 
VAL HXT  H N N 363 
# 
loop_
_chem_comp_bond.comp_id 
_chem_comp_bond.atom_id_1 
_chem_comp_bond.atom_id_2 
_chem_comp_bond.value_order 
_chem_comp_bond.pdbx_aromatic_flag 
_chem_comp_bond.pdbx_stereo_config 
_chem_comp_bond.pdbx_ordinal 
ALA N   CA   sing N N 1   
ALA N   H    sing N N 2   
ALA N   H2   sing N N 3   
ALA CA  C    sing N N 4   
ALA CA  CB   sing N N 5   
ALA CA  HA   sing N N 6   
ALA C   O    doub N N 7   
ALA C   OXT  sing N N 8   
ALA CB  HB1  sing N N 9   
ALA CB  HB2  sing N N 10  
ALA CB  HB3  sing N N 11  
ALA OXT HXT  sing N N 12  
ARG N   CA   sing N N 13  
ARG N   H    sing N N 14  
ARG N   H2   sing N N 15  
ARG CA  C    sing N N 16  
ARG CA  CB   sing N N 17  
ARG CA  HA   sing N N 18  
ARG C   O    doub N N 19  
ARG C   OXT  sing N N 20  
ARG CB  CG   sing N N 21  
ARG CB  HB2  sing N N 22  
ARG CB  HB3  sing N N 23  
ARG CG  CD   sing N N 24  
ARG CG  HG2  sing N N 25  
ARG CG  HG3  sing N N 26  
ARG CD  NE   sing N N 27  
ARG CD  HD2  sing N N 28  
ARG CD  HD3  sing N N 29  
ARG NE  CZ   sing N N 30  
ARG NE  HE   sing N N 31  
ARG CZ  NH1  sing N N 32  
ARG CZ  NH2  doub N N 33  
ARG NH1 HH11 sing N N 34  
ARG NH1 HH12 sing N N 35  
ARG NH2 HH21 sing N N 36  
ARG NH2 HH22 sing N N 37  
ARG OXT HXT  sing N N 38  
ASN N   CA   sing N N 39  
ASN N   H    sing N N 40  
ASN N   H2   sing N N 41  
ASN CA  C    sing N N 42  
ASN CA  CB   sing N N 43  
ASN CA  HA   sing N N 44  
ASN C   O    doub N N 45  
ASN C   OXT  sing N N 46  
ASN CB  CG   sing N N 47  
ASN CB  HB2  sing N N 48  
ASN CB  HB3  sing N N 49  
ASN CG  OD1  doub N N 50  
ASN CG  ND2  sing N N 51  
ASN ND2 HD21 sing N N 52  
ASN ND2 HD22 sing N N 53  
ASN OXT HXT  sing N N 54  
ASP N   CA   sing N N 55  
ASP N   H    sing N N 56  
ASP N   H2   sing N N 57  
ASP CA  C    sing N N 58  
ASP CA  CB   sing N N 59  
ASP CA  HA   sing N N 60  
ASP C   O    doub N N 61  
ASP C   OXT  sing N N 62  
ASP CB  CG   sing N N 63  
ASP CB  HB2  sing N N 64  
ASP CB  HB3  sing N N 65  
ASP CG  OD1  doub N N 66  
ASP CG  OD2  sing N N 67  
ASP OD2 HD2  sing N N 68  
ASP OXT HXT  sing N N 69  
CYS N   CA   sing N N 70  
CYS N   H    sing N N 71  
CYS N   H2   sing N N 72  
CYS CA  C    sing N N 73  
CYS CA  CB   sing N N 74  
CYS CA  HA   sing N N 75  
CYS C   O    doub N N 76  
CYS C   OXT  sing N N 77  
CYS CB  SG   sing N N 78  
CYS CB  HB2  sing N N 79  
CYS CB  HB3  sing N N 80  
CYS SG  HG   sing N N 81  
CYS OXT HXT  sing N N 82  
GLN N   CA   sing N N 83  
GLN N   H    sing N N 84  
GLN N   H2   sing N N 85  
GLN CA  C    sing N N 86  
GLN CA  CB   sing N N 87  
GLN CA  HA   sing N N 88  
GLN C   O    doub N N 89  
GLN C   OXT  sing N N 90  
GLN CB  CG   sing N N 91  
GLN CB  HB2  sing N N 92  
GLN CB  HB3  sing N N 93  
GLN CG  CD   sing N N 94  
GLN CG  HG2  sing N N 95  
GLN CG  HG3  sing N N 96  
GLN CD  OE1  doub N N 97  
GLN CD  NE2  sing N N 98  
GLN NE2 HE21 sing N N 99  
GLN NE2 HE22 sing N N 100 
GLN OXT HXT  sing N N 101 
GLU N   CA   sing N N 102 
GLU N   H    sing N N 103 
GLU N   H2   sing N N 104 
GLU CA  C    sing N N 105 
GLU CA  CB   sing N N 106 
GLU CA  HA   sing N N 107 
GLU C   O    doub N N 108 
GLU C   OXT  sing N N 109 
GLU CB  CG   sing N N 110 
GLU CB  HB2  sing N N 111 
GLU CB  HB3  sing N N 112 
GLU CG  CD   sing N N 113 
GLU CG  HG2  sing N N 114 
GLU CG  HG3  sing N N 115 
GLU CD  OE1  doub N N 116 
GLU CD  OE2  sing N N 117 
GLU OE2 HE2  sing N N 118 
GLU OXT HXT  sing N N 119 
GLY N   CA   sing N N 120 
GLY N   H    sing N N 121 
GLY N   H2   sing N N 122 
GLY CA  C    sing N N 123 
GLY CA  HA2  sing N N 124 
GLY CA  HA3  sing N N 125 
GLY C   O    doub N N 126 
GLY C   OXT  sing N N 127 
GLY OXT HXT  sing N N 128 
HIS N   CA   sing N N 129 
HIS N   H    sing N N 130 
HIS N   H2   sing N N 131 
HIS CA  C    sing N N 132 
HIS CA  CB   sing N N 133 
HIS CA  HA   sing N N 134 
HIS C   O    doub N N 135 
HIS C   OXT  sing N N 136 
HIS CB  CG   sing N N 137 
HIS CB  HB2  sing N N 138 
HIS CB  HB3  sing N N 139 
HIS CG  ND1  sing Y N 140 
HIS CG  CD2  doub Y N 141 
HIS ND1 CE1  doub Y N 142 
HIS ND1 HD1  sing N N 143 
HIS CD2 NE2  sing Y N 144 
HIS CD2 HD2  sing N N 145 
HIS CE1 NE2  sing Y N 146 
HIS CE1 HE1  sing N N 147 
HIS NE2 HE2  sing N N 148 
HIS OXT HXT  sing N N 149 
HOH O   H1   sing N N 150 
HOH O   H2   sing N N 151 
ILE N   CA   sing N N 152 
ILE N   H    sing N N 153 
ILE N   H2   sing N N 154 
ILE CA  C    sing N N 155 
ILE CA  CB   sing N N 156 
ILE CA  HA   sing N N 157 
ILE C   O    doub N N 158 
ILE C   OXT  sing N N 159 
ILE CB  CG1  sing N N 160 
ILE CB  CG2  sing N N 161 
ILE CB  HB   sing N N 162 
ILE CG1 CD1  sing N N 163 
ILE CG1 HG12 sing N N 164 
ILE CG1 HG13 sing N N 165 
ILE CG2 HG21 sing N N 166 
ILE CG2 HG22 sing N N 167 
ILE CG2 HG23 sing N N 168 
ILE CD1 HD11 sing N N 169 
ILE CD1 HD12 sing N N 170 
ILE CD1 HD13 sing N N 171 
ILE OXT HXT  sing N N 172 
LEU N   CA   sing N N 173 
LEU N   H    sing N N 174 
LEU N   H2   sing N N 175 
LEU CA  C    sing N N 176 
LEU CA  CB   sing N N 177 
LEU CA  HA   sing N N 178 
LEU C   O    doub N N 179 
LEU C   OXT  sing N N 180 
LEU CB  CG   sing N N 181 
LEU CB  HB2  sing N N 182 
LEU CB  HB3  sing N N 183 
LEU CG  CD1  sing N N 184 
LEU CG  CD2  sing N N 185 
LEU CG  HG   sing N N 186 
LEU CD1 HD11 sing N N 187 
LEU CD1 HD12 sing N N 188 
LEU CD1 HD13 sing N N 189 
LEU CD2 HD21 sing N N 190 
LEU CD2 HD22 sing N N 191 
LEU CD2 HD23 sing N N 192 
LEU OXT HXT  sing N N 193 
LYS N   CA   sing N N 194 
LYS N   H    sing N N 195 
LYS N   H2   sing N N 196 
LYS CA  C    sing N N 197 
LYS CA  CB   sing N N 198 
LYS CA  HA   sing N N 199 
LYS C   O    doub N N 200 
LYS C   OXT  sing N N 201 
LYS CB  CG   sing N N 202 
LYS CB  HB2  sing N N 203 
LYS CB  HB3  sing N N 204 
LYS CG  CD   sing N N 205 
LYS CG  HG2  sing N N 206 
LYS CG  HG3  sing N N 207 
LYS CD  CE   sing N N 208 
LYS CD  HD2  sing N N 209 
LYS CD  HD3  sing N N 210 
LYS CE  NZ   sing N N 211 
LYS CE  HE2  sing N N 212 
LYS CE  HE3  sing N N 213 
LYS NZ  HZ1  sing N N 214 
LYS NZ  HZ2  sing N N 215 
LYS NZ  HZ3  sing N N 216 
LYS OXT HXT  sing N N 217 
MET N   CA   sing N N 218 
MET N   H    sing N N 219 
MET N   H2   sing N N 220 
MET CA  C    sing N N 221 
MET CA  CB   sing N N 222 
MET CA  HA   sing N N 223 
MET C   O    doub N N 224 
MET C   OXT  sing N N 225 
MET CB  CG   sing N N 226 
MET CB  HB2  sing N N 227 
MET CB  HB3  sing N N 228 
MET CG  SD   sing N N 229 
MET CG  HG2  sing N N 230 
MET CG  HG3  sing N N 231 
MET SD  CE   sing N N 232 
MET CE  HE1  sing N N 233 
MET CE  HE2  sing N N 234 
MET CE  HE3  sing N N 235 
MET OXT HXT  sing N N 236 
PHE N   CA   sing N N 237 
PHE N   H    sing N N 238 
PHE N   H2   sing N N 239 
PHE CA  C    sing N N 240 
PHE CA  CB   sing N N 241 
PHE CA  HA   sing N N 242 
PHE C   O    doub N N 243 
PHE C   OXT  sing N N 244 
PHE CB  CG   sing N N 245 
PHE CB  HB2  sing N N 246 
PHE CB  HB3  sing N N 247 
PHE CG  CD1  doub Y N 248 
PHE CG  CD2  sing Y N 249 
PHE CD1 CE1  sing Y N 250 
PHE CD1 HD1  sing N N 251 
PHE CD2 CE2  doub Y N 252 
PHE CD2 HD2  sing N N 253 
PHE CE1 CZ   doub Y N 254 
PHE CE1 HE1  sing N N 255 
PHE CE2 CZ   sing Y N 256 
PHE CE2 HE2  sing N N 257 
PHE CZ  HZ   sing N N 258 
PHE OXT HXT  sing N N 259 
PRO N   CA   sing N N 260 
PRO N   CD   sing N N 261 
PRO N   H    sing N N 262 
PRO CA  C    sing N N 263 
PRO CA  CB   sing N N 264 
PRO CA  HA   sing N N 265 
PRO C   O    doub N N 266 
PRO C   OXT  sing N N 267 
PRO CB  CG   sing N N 268 
PRO CB  HB2  sing N N 269 
PRO CB  HB3  sing N N 270 
PRO CG  CD   sing N N 271 
PRO CG  HG2  sing N N 272 
PRO CG  HG3  sing N N 273 
PRO CD  HD2  sing N N 274 
PRO CD  HD3  sing N N 275 
PRO OXT HXT  sing N N 276 
SER N   CA   sing N N 277 
SER N   H    sing N N 278 
SER N   H2   sing N N 279 
SER CA  C    sing N N 280 
SER CA  CB   sing N N 281 
SER CA  HA   sing N N 282 
SER C   O    doub N N 283 
SER C   OXT  sing N N 284 
SER CB  OG   sing N N 285 
SER CB  HB2  sing N N 286 
SER CB  HB3  sing N N 287 
SER OG  HG   sing N N 288 
SER OXT HXT  sing N N 289 
THR N   CA   sing N N 290 
THR N   H    sing N N 291 
THR N   H2   sing N N 292 
THR CA  C    sing N N 293 
THR CA  CB   sing N N 294 
THR CA  HA   sing N N 295 
THR C   O    doub N N 296 
THR C   OXT  sing N N 297 
THR CB  OG1  sing N N 298 
THR CB  CG2  sing N N 299 
THR CB  HB   sing N N 300 
THR OG1 HG1  sing N N 301 
THR CG2 HG21 sing N N 302 
THR CG2 HG22 sing N N 303 
THR CG2 HG23 sing N N 304 
THR OXT HXT  sing N N 305 
TYR N   CA   sing N N 306 
TYR N   H    sing N N 307 
TYR N   H2   sing N N 308 
TYR CA  C    sing N N 309 
TYR CA  CB   sing N N 310 
TYR CA  HA   sing N N 311 
TYR C   O    doub N N 312 
TYR C   OXT  sing N N 313 
TYR CB  CG   sing N N 314 
TYR CB  HB2  sing N N 315 
TYR CB  HB3  sing N N 316 
TYR CG  CD1  doub Y N 317 
TYR CG  CD2  sing Y N 318 
TYR CD1 CE1  sing Y N 319 
TYR CD1 HD1  sing N N 320 
TYR CD2 CE2  doub Y N 321 
TYR CD2 HD2  sing N N 322 
TYR CE1 CZ   doub Y N 323 
TYR CE1 HE1  sing N N 324 
TYR CE2 CZ   sing Y N 325 
TYR CE2 HE2  sing N N 326 
TYR CZ  OH   sing N N 327 
TYR OH  HH   sing N N 328 
TYR OXT HXT  sing N N 329 
VAL N   CA   sing N N 330 
VAL N   H    sing N N 331 
VAL N   H2   sing N N 332 
VAL CA  C    sing N N 333 
VAL CA  CB   sing N N 334 
VAL CA  HA   sing N N 335 
VAL C   O    doub N N 336 
VAL C   OXT  sing N N 337 
VAL CB  CG1  sing N N 338 
VAL CB  CG2  sing N N 339 
VAL CB  HB   sing N N 340 
VAL CG1 HG11 sing N N 341 
VAL CG1 HG12 sing N N 342 
VAL CG1 HG13 sing N N 343 
VAL CG2 HG21 sing N N 344 
VAL CG2 HG22 sing N N 345 
VAL CG2 HG23 sing N N 346 
VAL OXT HXT  sing N N 347 
# 
_atom_sites.entry_id                    2AWU 
_atom_sites.fract_transf_matrix[1][1]   -0.01535515 
_atom_sites.fract_transf_matrix[1][2]   -0.01902382 
_atom_sites.fract_transf_matrix[1][3]   -0.02037340 
_atom_sites.fract_transf_matrix[2][1]   0.01425345 
_atom_sites.fract_transf_matrix[2][2]   0.00206129 
_atom_sites.fract_transf_matrix[2][3]   -0.01266738 
_atom_sites.fract_transf_matrix[3][1]   0.00673524 
_atom_sites.fract_transf_matrix[3][2]   -0.01766283 
_atom_sites.fract_transf_matrix[3][3]   0.00470438 
_atom_sites.fract_transf_vector[1]      0.242468 
_atom_sites.fract_transf_vector[2]      0.248895 
_atom_sites.fract_transf_vector[3]      0.264345 
# 
loop_
_atom_type.symbol 
C 
N 
O 
S 
# 
loop_
_atom_site.group_PDB 
_atom_site.id 
_atom_site.type_symbol 
_atom_site.label_atom_id 
_atom_site.label_alt_id 
_atom_site.label_comp_id 
_atom_site.label_asym_id 
_atom_site.label_entity_id 
_atom_site.label_seq_id 
_atom_site.pdbx_PDB_ins_code 
_atom_site.Cartn_x 
_atom_site.Cartn_y 
_atom_site.Cartn_z 
_atom_site.occupancy 
_atom_site.B_iso_or_equiv 
_atom_site.pdbx_formal_charge 
_atom_site.auth_seq_id 
_atom_site.auth_comp_id 
_atom_site.auth_asym_id 
_atom_site.auth_atom_id 
_atom_site.pdbx_PDB_model_num 
ATOM   1    N N   . LYS A 1 3  ? 1.468   -13.110 3.215   1.00 24.25 ? 316 LYS A N   1 
ATOM   2    C CA  . LYS A 1 3  ? 2.059   -14.297 3.924   1.00 23.90 ? 316 LYS A CA  1 
ATOM   3    C C   . LYS A 1 3  ? 1.920   -14.250 5.483   1.00 23.49 ? 316 LYS A C   1 
ATOM   4    O O   . LYS A 1 3  ? 2.189   -13.228 6.132   1.00 23.27 ? 316 LYS A O   1 
ATOM   5    C CB  . LYS A 1 3  ? 3.515   -14.485 3.475   1.00 24.10 ? 316 LYS A CB  1 
ATOM   6    N N   . ILE A 1 4  ? 1.487   -15.379 6.055   1.00 23.06 ? 317 ILE A N   1 
ATOM   7    C CA  . ILE A 1 4  ? 1.116   -15.498 7.468   1.00 21.58 ? 317 ILE A CA  1 
ATOM   8    C C   . ILE A 1 4  ? 2.282   -15.851 8.374   1.00 21.19 ? 317 ILE A C   1 
ATOM   9    O O   . ILE A 1 4  ? 2.993   -16.833 8.137   1.00 21.83 ? 317 ILE A O   1 
ATOM   10   C CB  . ILE A 1 4  ? -0.017  -16.524 7.696   1.00 21.65 ? 317 ILE A CB  1 
ATOM   11   C CG1 . ILE A 1 4  ? -1.346  -15.993 7.134   1.00 22.80 ? 317 ILE A CG1 1 
ATOM   12   C CG2 . ILE A 1 4  ? -0.235  -16.795 9.208   1.00 19.68 ? 317 ILE A CG2 1 
ATOM   13   C CD1 . ILE A 1 4  ? -1.564  -16.198 5.646   1.00 26.23 ? 317 ILE A CD1 1 
ATOM   14   N N   . MET A 1 5  ? 2.459   -15.060 9.422   1.00 19.39 ? 318 MET A N   1 
ATOM   15   C CA  . MET A 1 5  ? 3.444   -15.382 10.428  1.00 18.70 ? 318 MET A CA  1 
ATOM   16   C C   . MET A 1 5  ? 2.947   -15.235 11.877  1.00 16.67 ? 318 MET A C   1 
ATOM   17   O O   . MET A 1 5  ? 2.057   -14.433 12.180  1.00 16.08 ? 318 MET A O   1 
ATOM   18   C CB  . MET A 1 5  ? 4.767   -14.626 10.173  1.00 18.71 ? 318 MET A CB  1 
ATOM   19   C CG  . MET A 1 5  ? 4.756   -13.139 10.401  1.00 19.40 ? 318 MET A CG  1 
ATOM   20   S SD  . MET A 1 5  ? 6.430   -12.571 10.817  1.00 21.35 ? 318 MET A SD  1 
ATOM   21   C CE  . MET A 1 5  ? 7.323   -12.774 9.265   1.00 20.88 ? 318 MET A CE  1 
ATOM   22   N N   . GLU A 1 6  ? 3.501   -16.065 12.751  1.00 14.74 ? 319 GLU A N   1 
ATOM   23   C CA  . GLU A 1 6  ? 3.238   -15.982 14.176  1.00 13.36 ? 319 GLU A CA  1 
ATOM   24   C C   . GLU A 1 6  ? 4.350   -15.185 14.894  1.00 12.05 ? 319 GLU A C   1 
ATOM   25   O O   . GLU A 1 6  ? 5.525   -15.421 14.697  1.00 12.74 ? 319 GLU A O   1 
ATOM   26   C CB  . GLU A 1 6  ? 3.074   -17.381 14.761  1.00 13.01 ? 319 GLU A CB  1 
ATOM   27   C CG  . GLU A 1 6  ? 2.501   -17.387 16.164  1.00 14.43 ? 319 GLU A CG  1 
ATOM   28   C CD  . GLU A 1 6  ? 2.132   -18.776 16.637  1.00 14.56 ? 319 GLU A CD  1 
ATOM   29   O OE1 . GLU A 1 6  ? 0.916   -19.077 16.710  1.00 12.82 ? 319 GLU A OE1 1 
ATOM   30   O OE2 . GLU A 1 6  ? 3.064   -19.556 16.930  1.00 14.31 ? 319 GLU A OE2 1 
ATOM   31   N N   . ILE A 1 7  ? 3.957   -14.209 15.686  1.00 11.46 ? 320 ILE A N   1 
ATOM   32   C CA  . ILE A 1 7  ? 4.884   -13.332 16.395  1.00 10.83 ? 320 ILE A CA  1 
ATOM   33   C C   . ILE A 1 7  ? 4.743   -13.535 17.897  1.00 11.13 ? 320 ILE A C   1 
ATOM   34   O O   . ILE A 1 7  ? 3.630   -13.479 18.463  1.00 10.56 ? 320 ILE A O   1 
ATOM   35   C CB  . ILE A 1 7  ? 4.632   -11.850 16.034  1.00 10.89 ? 320 ILE A CB  1 
ATOM   36   C CG1 . ILE A 1 7  ? 4.907   -11.625 14.548  1.00 6.94  ? 320 ILE A CG1 1 
ATOM   37   C CG2 . ILE A 1 7  ? 5.449   -10.902 16.927  1.00 9.09  ? 320 ILE A CG2 1 
ATOM   38   C CD1 . ILE A 1 7  ? 4.606   -10.228 14.123  1.00 5.50  ? 320 ILE A CD1 1 
ATOM   39   N N   . LYS A 1 8  ? 5.876   -13.793 18.531  1.00 11.38 ? 321 LYS A N   1 
ATOM   40   C CA  . LYS A 1 8  ? 5.910   -14.009 19.978  1.00 12.58 ? 321 LYS A CA  1 
ATOM   41   C C   . LYS A 1 8  ? 6.269   -12.730 20.720  1.00 12.24 ? 321 LYS A C   1 
ATOM   42   O O   . LYS A 1 8  ? 7.322   -12.154 20.510  1.00 12.42 ? 321 LYS A O   1 
ATOM   43   C CB  . LYS A 1 8  ? 6.820   -15.183 20.368  1.00 12.19 ? 321 LYS A CB  1 
ATOM   44   C CG  . LYS A 1 8  ? 6.179   -16.557 20.038  1.00 13.62 ? 321 LYS A CG  1 
ATOM   45   C CD  . LYS A 1 8  ? 7.065   -17.723 20.459  1.00 14.05 ? 321 LYS A CD  1 
ATOM   46   C CE  . LYS A 1 8  ? 8.047   -18.110 19.350  1.00 19.89 ? 321 LYS A CE  1 
ATOM   47   N NZ  . LYS A 1 8  ? 9.437   -18.361 19.859  1.00 19.24 ? 321 LYS A NZ  1 
ATOM   48   N N   . LEU A 1 9  ? 5.351   -12.309 21.584  1.00 12.56 ? 322 LEU A N   1 
ATOM   49   C CA  . LEU A 1 9  ? 5.459   -11.065 22.319  1.00 12.64 ? 322 LEU A CA  1 
ATOM   50   C C   . LEU A 1 9  ? 5.214   -11.267 23.812  1.00 13.21 ? 322 LEU A C   1 
ATOM   51   O O   . LEU A 1 9  ? 4.298   -11.977 24.227  1.00 12.13 ? 322 LEU A O   1 
ATOM   52   C CB  . LEU A 1 9  ? 4.445   -10.026 21.765  1.00 12.22 ? 322 LEU A CB  1 
ATOM   53   C CG  . LEU A 1 9  ? 4.632   -9.505  20.329  1.00 10.59 ? 322 LEU A CG  1 
ATOM   54   C CD1 . LEU A 1 9  ? 3.657   -8.374  19.996  1.00 6.98  ? 322 LEU A CD1 1 
ATOM   55   C CD2 . LEU A 1 9  ? 6.087   -9.038  20.146  1.00 8.71  ? 322 LEU A CD2 1 
ATOM   56   N N   . ILE A 1 10 ? 6.047   -10.610 24.602  1.00 14.16 ? 323 ILE A N   1 
ATOM   57   C CA  . ILE A 1 10 ? 5.752   -10.367 25.989  1.00 14.88 ? 323 ILE A CA  1 
ATOM   58   C C   . ILE A 1 10 ? 5.039   -9.018  26.127  1.00 16.05 ? 323 ILE A C   1 
ATOM   59   O O   . ILE A 1 10 ? 5.524   -7.995  25.650  1.00 16.73 ? 323 ILE A O   1 
ATOM   60   C CB  . ILE A 1 10 ? 7.041   -10.455 26.882  1.00 15.29 ? 323 ILE A CB  1 
ATOM   61   C CG1 . ILE A 1 10 ? 7.593   -11.918 26.854  1.00 15.22 ? 323 ILE A CG1 1 
ATOM   62   C CG2 . ILE A 1 10 ? 6.731   -9.970  28.294  1.00 12.52 ? 323 ILE A CG2 1 
ATOM   63   C CD1 . ILE A 1 10 ? 8.997   -12.108 27.348  1.00 13.74 ? 323 ILE A CD1 1 
ATOM   64   N N   . LYS A 1 11 ? 3.862   -9.034  26.747  1.00 17.30 ? 324 LYS A N   1 
ATOM   65   C CA  . LYS A 1 11 ? 3.160   -7.808  27.113  1.00 18.50 ? 324 LYS A CA  1 
ATOM   66   C C   . LYS A 1 11 ? 4.025   -6.928  28.059  1.00 19.29 ? 324 LYS A C   1 
ATOM   67   O O   . LYS A 1 11 ? 4.302   -7.283  29.227  1.00 19.93 ? 324 LYS A O   1 
ATOM   68   C CB  . LYS A 1 11 ? 1.829   -8.173  27.755  1.00 18.71 ? 324 LYS A CB  1 
ATOM   69   C CG  . LYS A 1 11 ? 0.693   -7.185  27.604  1.00 21.13 ? 324 LYS A CG  1 
ATOM   70   C CD  . LYS A 1 11 ? -0.397  -7.536  28.644  1.00 25.92 ? 324 LYS A CD  1 
ATOM   71   C CE  . LYS A 1 11 ? -1.816  -7.146  28.172  1.00 28.05 ? 324 LYS A CE  1 
ATOM   72   N NZ  . LYS A 1 11 ? -2.127  -7.513  26.714  1.00 26.43 ? 324 LYS A NZ  1 
ATOM   73   N N   . GLY A 1 12 ? 4.492   -5.802  27.533  1.00 19.52 ? 325 GLY A N   1 
ATOM   74   C CA  . GLY A 1 12 ? 5.154   -4.806  28.352  1.00 19.85 ? 325 GLY A CA  1 
ATOM   75   C C   . GLY A 1 12 ? 4.159   -4.040  29.200  1.00 20.61 ? 325 GLY A C   1 
ATOM   76   O O   . GLY A 1 12 ? 2.951   -4.151  29.005  1.00 20.90 ? 325 GLY A O   1 
ATOM   77   N N   . PRO A 1 13 ? 4.653   -3.261  30.175  1.00 21.57 ? 326 PRO A N   1 
ATOM   78   C CA  . PRO A 1 13 ? 3.780   -2.480  31.086  1.00 21.75 ? 326 PRO A CA  1 
ATOM   79   C C   . PRO A 1 13 ? 2.754   -1.627  30.330  1.00 21.44 ? 326 PRO A C   1 
ATOM   80   O O   . PRO A 1 13 ? 1.656   -1.376  30.815  1.00 21.23 ? 326 PRO A O   1 
ATOM   81   C CB  . PRO A 1 13 ? 4.768   -1.567  31.816  1.00 21.77 ? 326 PRO A CB  1 
ATOM   82   C CG  . PRO A 1 13 ? 6.052   -2.306  31.775  1.00 22.47 ? 326 PRO A CG  1 
ATOM   83   C CD  . PRO A 1 13 ? 6.084   -3.090  30.492  1.00 21.58 ? 326 PRO A CD  1 
ATOM   84   N N   . LYS A 1 14 ? 3.116   -1.209  29.136  1.00 21.01 ? 327 LYS A N   1 
ATOM   85   C CA  . LYS A 1 14 ? 2.223   -0.390  28.364  1.00 21.54 ? 327 LYS A CA  1 
ATOM   86   C C   . LYS A 1 14 ? 1.465   -1.187  27.292  1.00 20.98 ? 327 LYS A C   1 
ATOM   87   O O   . LYS A 1 14 ? 0.817   -0.612  26.428  1.00 22.34 ? 327 LYS A O   1 
ATOM   88   C CB  . LYS A 1 14 ? 3.007   0.784   27.760  1.00 22.10 ? 327 LYS A CB  1 
ATOM   89   C CG  . LYS A 1 14 ? 2.173   2.043   27.637  1.00 22.97 ? 327 LYS A CG  1 
ATOM   90   C CD  . LYS A 1 14 ? 2.910   3.109   26.820  1.00 23.90 ? 327 LYS A CD  1 
ATOM   91   C CE  . LYS A 1 14 ? 2.182   4.434   26.959  1.00 22.36 ? 327 LYS A CE  1 
ATOM   92   N NZ  . LYS A 1 14 ? 3.081   5.549   26.540  1.00 22.35 ? 327 LYS A NZ  1 
ATOM   93   N N   . GLY A 1 15 ? 1.521   -2.511  27.356  1.00 19.66 ? 328 GLY A N   1 
ATOM   94   C CA  . GLY A 1 15 ? 0.874   -3.327  26.362  1.00 17.62 ? 328 GLY A CA  1 
ATOM   95   C C   . GLY A 1 15 ? 1.852   -3.774  25.306  1.00 17.01 ? 328 GLY A C   1 
ATOM   96   O O   . GLY A 1 15 ? 3.072   -3.776  25.529  1.00 16.11 ? 328 GLY A O   1 
ATOM   97   N N   . LEU A 1 16 ? 1.295   -4.134  24.148  1.00 15.66 ? 329 LEU A N   1 
ATOM   98   C CA  . LEU A 1 16 ? 2.037   -4.782  23.065  1.00 14.54 ? 329 LEU A CA  1 
ATOM   99   C C   . LEU A 1 16 ? 2.882   -3.867  22.187  1.00 13.95 ? 329 LEU A C   1 
ATOM   100  O O   . LEU A 1 16 ? 3.776   -4.362  21.478  1.00 13.38 ? 329 LEU A O   1 
ATOM   101  C CB  . LEU A 1 16 ? 1.092   -5.616  22.201  1.00 14.25 ? 329 LEU A CB  1 
ATOM   102  C CG  . LEU A 1 16 ? 0.524   -6.878  22.872  1.00 14.67 ? 329 LEU A CG  1 
ATOM   103  C CD1 . LEU A 1 16 ? -0.277  -7.723  21.846  1.00 14.53 ? 329 LEU A CD1 1 
ATOM   104  C CD2 . LEU A 1 16 ? 1.620   -7.738  23.559  1.00 10.82 ? 329 LEU A CD2 1 
ATOM   105  N N   . GLY A 1 17 ? 2.607   -2.554  22.242  1.00 12.97 ? 330 GLY A N   1 
ATOM   106  C CA  . GLY A 1 17 ? 3.448   -1.534  21.580  1.00 12.43 ? 330 GLY A CA  1 
ATOM   107  C C   . GLY A 1 17 ? 3.071   -1.169  20.145  1.00 12.53 ? 330 GLY A C   1 
ATOM   108  O O   . GLY A 1 17 ? 3.945   -0.890  19.313  1.00 12.79 ? 330 GLY A O   1 
ATOM   109  N N   . PHE A 1 18 ? 1.773   -1.176  19.850  1.00 11.84 ? 331 PHE A N   1 
ATOM   110  C CA  . PHE A 1 18 ? 1.291   -0.856  18.512  1.00 11.72 ? 331 PHE A CA  1 
ATOM   111  C C   . PHE A 1 18 ? -0.167  -0.418  18.522  1.00 11.57 ? 331 PHE A C   1 
ATOM   112  O O   . PHE A 1 18 ? -0.923  -0.735  19.417  1.00 12.22 ? 331 PHE A O   1 
ATOM   113  C CB  . PHE A 1 18 ? 1.540   -2.012  17.504  1.00 11.10 ? 331 PHE A CB  1 
ATOM   114  C CG  . PHE A 1 18 ? 0.707   -3.233  17.743  1.00 10.41 ? 331 PHE A CG  1 
ATOM   115  C CD1 . PHE A 1 18 ? -0.572  -3.332  17.208  1.00 9.83  ? 331 PHE A CD1 1 
ATOM   116  C CD2 . PHE A 1 18 ? 1.212   -4.304  18.479  1.00 9.38  ? 331 PHE A CD2 1 
ATOM   117  C CE1 . PHE A 1 18 ? -1.349  -4.467  17.413  1.00 11.57 ? 331 PHE A CE1 1 
ATOM   118  C CE2 . PHE A 1 18 ? 0.434   -5.447  18.699  1.00 10.53 ? 331 PHE A CE2 1 
ATOM   119  C CZ  . PHE A 1 18 ? -0.843  -5.535  18.170  1.00 10.54 ? 331 PHE A CZ  1 
ATOM   120  N N   . SER A 1 19 ? -0.550  0.317   17.503  1.00 11.67 ? 332 SER A N   1 
ATOM   121  C CA  . SER A 1 19 ? -1.901  0.837   17.389  1.00 11.59 ? 332 SER A CA  1 
ATOM   122  C C   . SER A 1 19 ? -2.578  0.136   16.224  1.00 10.79 ? 332 SER A C   1 
ATOM   123  O O   . SER A 1 19 ? -1.924  -0.348  15.314  1.00 9.33  ? 332 SER A O   1 
ATOM   124  C CB  . SER A 1 19 ? -1.843  2.363   17.162  1.00 12.17 ? 332 SER A CB  1 
ATOM   125  O OG  . SER A 1 19 ? -0.866  2.976   18.038  1.00 13.38 ? 332 SER A OG  1 
ATOM   126  N N   . ILE A 1 20 ? -3.902  0.054   16.286  1.00 11.62 ? 333 ILE A N   1 
ATOM   127  C CA  . ILE A 1 20 ? -4.697  -0.594  15.236  1.00 11.30 ? 333 ILE A CA  1 
ATOM   128  C C   . ILE A 1 20 ? -5.797  0.331   14.689  1.00 11.86 ? 333 ILE A C   1 
ATOM   129  O O   . ILE A 1 20 ? -6.216  1.280   15.341  1.00 12.08 ? 333 ILE A O   1 
ATOM   130  C CB  . ILE A 1 20 ? -5.299  -1.959  15.696  1.00 10.76 ? 333 ILE A CB  1 
ATOM   131  C CG1 . ILE A 1 20 ? -6.059  -1.810  17.006  1.00 9.70  ? 333 ILE A CG1 1 
ATOM   132  C CG2 . ILE A 1 20 ? -4.202  -3.000  15.854  1.00 10.28 ? 333 ILE A CG2 1 
ATOM   133  C CD1 . ILE A 1 20 ? -7.328  -2.531  17.065  1.00 7.29  ? 333 ILE A CD1 1 
ATOM   134  N N   . ALA A 1 21 ? -6.223  0.051   13.461  1.00 12.12 ? 334 ALA A N   1 
ATOM   135  C CA  . ALA A 1 21 ? -7.435  0.618   12.891  1.00 11.53 ? 334 ALA A CA  1 
ATOM   136  C C   . ALA A 1 21 ? -8.226  -0.525  12.280  1.00 11.19 ? 334 ALA A C   1 
ATOM   137  O O   . ALA A 1 21 ? -7.705  -1.617  12.085  1.00 10.43 ? 334 ALA A O   1 
ATOM   138  C CB  . ALA A 1 21 ? -7.076  1.642   11.819  1.00 11.70 ? 334 ALA A CB  1 
ATOM   139  N N   . GLY A 1 22 ? -9.492  -0.266  11.977  1.00 12.14 ? 335 GLY A N   1 
ATOM   140  C CA  . GLY A 1 22 ? -10.352 -1.218  11.254  1.00 10.83 ? 335 GLY A CA  1 
ATOM   141  C C   . GLY A 1 22 ? -11.340 -1.858  12.205  1.00 10.49 ? 335 GLY A C   1 
ATOM   142  O O   . GLY A 1 22 ? -11.421 -1.493  13.367  1.00 10.24 ? 335 GLY A O   1 
ATOM   143  N N   . GLY A 1 23 ? -12.069 -2.843  11.708  1.00 10.40 ? 336 GLY A N   1 
ATOM   144  C CA  . GLY A 1 23 ? -13.116 -3.488  12.455  1.00 9.80  ? 336 GLY A CA  1 
ATOM   145  C C   . GLY A 1 23 ? -14.327 -3.441  11.574  1.00 10.27 ? 336 GLY A C   1 
ATOM   146  O O   . GLY A 1 23 ? -14.395 -2.625  10.648  1.00 10.49 ? 336 GLY A O   1 
ATOM   147  N N   . VAL A 1 24 ? -15.270 -4.337  11.825  1.00 10.45 ? 337 VAL A N   1 
ATOM   148  C CA  . VAL A 1 24 ? -16.589 -4.249  11.220  1.00 11.15 ? 337 VAL A CA  1 
ATOM   149  C C   . VAL A 1 24 ? -17.195 -2.913  11.681  1.00 11.47 ? 337 VAL A C   1 
ATOM   150  O O   . VAL A 1 24 ? -17.067 -2.568  12.859  1.00 12.05 ? 337 VAL A O   1 
ATOM   151  C CB  . VAL A 1 24 ? -17.473 -5.448  11.642  1.00 10.74 ? 337 VAL A CB  1 
ATOM   152  C CG1 . VAL A 1 24 ? -18.744 -5.446  10.896  1.00 11.79 ? 337 VAL A CG1 1 
ATOM   153  C CG2 . VAL A 1 24 ? -16.741 -6.788  11.370  1.00 11.72 ? 337 VAL A CG2 1 
ATOM   154  N N   . GLY A 1 25 ? -17.774 -2.151  10.735  1.00 11.46 ? 338 GLY A N   1 
ATOM   155  C CA  . GLY A 1 25 ? -18.375 -0.840  10.973  1.00 10.48 ? 338 GLY A CA  1 
ATOM   156  C C   . GLY A 1 25 ? -17.360 0.293   10.946  1.00 10.85 ? 338 GLY A C   1 
ATOM   157  O O   . GLY A 1 25 ? -17.711 1.467   11.080  1.00 10.41 ? 338 GLY A O   1 
ATOM   158  N N   . ASN A 1 26 ? -16.091 -0.047  10.760  1.00 11.17 ? 339 ASN A N   1 
ATOM   159  C CA  . ASN A 1 26 ? -15.009 0.929   10.916  1.00 11.70 ? 339 ASN A CA  1 
ATOM   160  C C   . ASN A 1 26 ? -13.865 0.618   9.968   1.00 11.19 ? 339 ASN A C   1 
ATOM   161  O O   . ASN A 1 26 ? -12.709 0.651   10.360  1.00 12.12 ? 339 ASN A O   1 
ATOM   162  C CB  . ASN A 1 26 ? -14.516 0.967   12.373  1.00 11.36 ? 339 ASN A CB  1 
ATOM   163  C CG  . ASN A 1 26 ? -13.609 2.159   12.650  1.00 15.32 ? 339 ASN A CG  1 
ATOM   164  O OD1 . ASN A 1 26 ? -13.971 3.324   12.409  1.00 17.12 ? 339 ASN A OD1 1 
ATOM   165  N ND2 . ASN A 1 26 ? -12.411 1.875   13.168  1.00 19.59 ? 339 ASN A ND2 1 
ATOM   166  N N   . GLN A 1 27 ? -14.192 0.342   8.717   1.00 11.11 ? 340 GLN A N   1 
ATOM   167  C CA  . GLN A 1 27 ? -13.211 -0.130  7.739   1.00 11.32 ? 340 GLN A CA  1 
ATOM   168  C C   . GLN A 1 27 ? -12.061 0.825   7.508   1.00 11.67 ? 340 GLN A C   1 
ATOM   169  O O   . GLN A 1 27 ? -12.268 1.990   7.217   1.00 12.49 ? 340 GLN A O   1 
ATOM   170  C CB  . GLN A 1 27 ? -13.890 -0.477  6.407   1.00 11.78 ? 340 GLN A CB  1 
ATOM   171  C CG  . GLN A 1 27 ? -14.924 -1.623  6.524   1.00 8.70  ? 340 GLN A CG  1 
ATOM   172  C CD  . GLN A 1 27 ? -15.579 -1.924  5.202   1.00 9.82  ? 340 GLN A CD  1 
ATOM   173  O OE1 . GLN A 1 27 ? -15.581 -1.087  4.296   1.00 9.02  ? 340 GLN A OE1 1 
ATOM   174  N NE2 . GLN A 1 27 ? -16.158 -3.113  5.080   1.00 5.64  ? 340 GLN A NE2 1 
ATOM   175  N N   . HIS A 1 28 ? -10.848 0.303   7.640   1.00 11.78 ? 341 HIS A N   1 
ATOM   176  C CA  . HIS A 1 28 ? -9.620  1.046   7.453   1.00 12.03 ? 341 HIS A CA  1 
ATOM   177  C C   . HIS A 1 28 ? -9.313  1.186   5.963   1.00 12.22 ? 341 HIS A C   1 
ATOM   178  O O   . HIS A 1 28 ? -8.915  2.246   5.487   1.00 11.50 ? 341 HIS A O   1 
ATOM   179  C CB  . HIS A 1 28 ? -8.507  0.291   8.162   1.00 12.55 ? 341 HIS A CB  1 
ATOM   180  C CG  . HIS A 1 28 ? -7.161  0.913   8.024   1.00 13.49 ? 341 HIS A CG  1 
ATOM   181  N ND1 . HIS A 1 28 ? -6.868  2.167   8.515   1.00 15.23 ? 341 HIS A ND1 1 
ATOM   182  C CD2 . HIS A 1 28 ? -6.021  0.449   7.454   1.00 13.70 ? 341 HIS A CD2 1 
ATOM   183  C CE1 . HIS A 1 28 ? -5.604  2.453   8.240   1.00 16.91 ? 341 HIS A CE1 1 
ATOM   184  N NE2 . HIS A 1 28 ? -5.069  1.427   7.597   1.00 13.82 ? 341 HIS A NE2 1 
ATOM   185  N N   . ILE A 1 29 ? -9.528  0.081   5.254   1.00 12.90 ? 342 ILE A N   1 
ATOM   186  C CA  . ILE A 1 29 ? -9.488  -0.024  3.822   1.00 13.28 ? 342 ILE A CA  1 
ATOM   187  C C   . ILE A 1 29 ? -10.928 -0.294  3.405   1.00 14.30 ? 342 ILE A C   1 
ATOM   188  O O   . ILE A 1 29 ? -11.546 -1.236  3.919   1.00 14.72 ? 342 ILE A O   1 
ATOM   189  C CB  . ILE A 1 29 ? -8.587  -1.231  3.373   1.00 13.33 ? 342 ILE A CB  1 
ATOM   190  C CG1 . ILE A 1 29 ? -7.225  -1.197  4.095   1.00 13.34 ? 342 ILE A CG1 1 
ATOM   191  C CG2 . ILE A 1 29 ? -8.495  -1.312  1.832   1.00 11.73 ? 342 ILE A CG2 1 
ATOM   192  C CD1 . ILE A 1 29 ? -6.122  -2.099  3.452   1.00 13.73 ? 342 ILE A CD1 1 
ATOM   193  N N   . PRO A 1 30 ? -11.481 0.539   2.491   1.00 15.05 ? 343 PRO A N   1 
ATOM   194  C CA  . PRO A 1 30 ? -12.805 0.348   1.888   1.00 14.88 ? 343 PRO A CA  1 
ATOM   195  C C   . PRO A 1 30 ? -13.128 -1.114  1.519   1.00 15.39 ? 343 PRO A C   1 
ATOM   196  O O   . PRO A 1 30 ? -12.560 -1.673  0.585   1.00 16.84 ? 343 PRO A O   1 
ATOM   197  C CB  . PRO A 1 30 ? -12.715 1.186   0.623   1.00 14.33 ? 343 PRO A CB  1 
ATOM   198  C CG  . PRO A 1 30 ? -11.841 2.354   1.021   1.00 15.46 ? 343 PRO A CG  1 
ATOM   199  C CD  . PRO A 1 30 ? -10.834 1.786   2.004   1.00 15.36 ? 343 PRO A CD  1 
ATOM   200  N N   . GLY A 1 31 ? -14.039 -1.742  2.230   1.00 14.52 ? 344 GLY A N   1 
ATOM   201  C CA  . GLY A 1 31 ? -14.396 -3.112  1.865   1.00 14.16 ? 344 GLY A CA  1 
ATOM   202  C C   . GLY A 1 31 ? -13.673 -4.134  2.704   1.00 13.39 ? 344 GLY A C   1 
ATOM   203  O O   . GLY A 1 31 ? -13.975 -5.298  2.635   1.00 12.96 ? 344 GLY A O   1 
ATOM   204  N N   . ASP A 1 32 ? -12.706 -3.679  3.496   1.00 13.67 ? 345 ASP A N   1 
ATOM   205  C CA  . ASP A 1 32 ? -12.011 -4.539  4.430   1.00 13.93 ? 345 ASP A CA  1 
ATOM   206  C C   . ASP A 1 32 ? -12.424 -4.264  5.892   1.00 13.75 ? 345 ASP A C   1 
ATOM   207  O O   . ASP A 1 32 ? -12.180 -3.195  6.402   1.00 14.23 ? 345 ASP A O   1 
ATOM   208  C CB  . ASP A 1 32 ? -10.503 -4.375  4.229   1.00 13.48 ? 345 ASP A CB  1 
ATOM   209  C CG  . ASP A 1 32 ? -9.727  -5.632  4.565   1.00 13.73 ? 345 ASP A CG  1 
ATOM   210  O OD1 . ASP A 1 32 ? -10.249 -6.479  5.336   1.00 12.84 ? 345 ASP A OD1 1 
ATOM   211  O OD2 . ASP A 1 32 ? -8.594  -5.776  4.063   1.00 11.55 ? 345 ASP A OD2 1 
ATOM   212  N N   . ASN A 1 33 ? -13.062 -5.235  6.553   1.00 13.89 ? 346 ASN A N   1 
ATOM   213  C CA  . ASN A 1 33 ? -13.413 -5.140  7.991   1.00 12.87 ? 346 ASN A CA  1 
ATOM   214  C C   . ASN A 1 33 ? -12.263 -5.521  8.933   1.00 12.95 ? 346 ASN A C   1 
ATOM   215  O O   . ASN A 1 33 ? -12.451 -5.614  10.159  1.00 12.23 ? 346 ASN A O   1 
ATOM   216  C CB  . ASN A 1 33 ? -14.557 -6.081  8.312   1.00 13.30 ? 346 ASN A CB  1 
ATOM   217  C CG  . ASN A 1 33 ? -15.876 -5.663  7.688   1.00 14.01 ? 346 ASN A CG  1 
ATOM   218  O OD1 . ASN A 1 33 ? -16.251 -4.462  7.657   1.00 14.64 ? 346 ASN A OD1 1 
ATOM   219  N ND2 . ASN A 1 33 ? -16.622 -6.668  7.225   1.00 8.11  ? 346 ASN A ND2 1 
ATOM   220  N N   . SER A 1 34 ? -11.082 -5.753  8.353   1.00 12.72 ? 347 SER A N   1 
ATOM   221  C CA  . SER A 1 34 ? -9.923  -6.317  9.060   1.00 12.36 ? 347 SER A CA  1 
ATOM   222  C C   . SER A 1 34 ? -9.196  -5.320  9.951   1.00 12.73 ? 347 SER A C   1 
ATOM   223  O O   . SER A 1 34 ? -9.348  -4.097  9.805   1.00 12.71 ? 347 SER A O   1 
ATOM   224  C CB  . SER A 1 34 ? -8.947  -6.927  8.053   1.00 12.43 ? 347 SER A CB  1 
ATOM   225  O OG  . SER A 1 34 ? -9.541  -8.058  7.420   1.00 11.44 ? 347 SER A OG  1 
ATOM   226  N N   . ILE A 1 35 ? -8.427  -5.862  10.895  1.00 12.57 ? 348 ILE A N   1 
ATOM   227  C CA  . ILE A 1 35 ? -7.657  -5.066  11.832  1.00 12.39 ? 348 ILE A CA  1 
ATOM   228  C C   . ILE A 1 35 ? -6.244  -4.887  11.271  1.00 12.92 ? 348 ILE A C   1 
ATOM   229  O O   . ILE A 1 35 ? -5.613  -5.839  10.834  1.00 12.57 ? 348 ILE A O   1 
ATOM   230  C CB  . ILE A 1 35 ? -7.647  -5.676  13.277  1.00 11.96 ? 348 ILE A CB  1 
ATOM   231  C CG1 . ILE A 1 35 ? -9.076  -5.952  13.799  1.00 12.50 ? 348 ILE A CG1 1 
ATOM   232  C CG2 . ILE A 1 35 ? -6.958  -4.768  14.222  1.00 11.42 ? 348 ILE A CG2 1 
ATOM   233  C CD1 . ILE A 1 35 ? -9.978  -4.677  14.095  1.00 7.58  ? 348 ILE A CD1 1 
ATOM   234  N N   . TYR A 1 36 ? -5.782  -3.641  11.270  1.00 13.60 ? 349 TYR A N   1 
ATOM   235  C CA  . TYR A 1 36 ? -4.522  -3.272  10.676  1.00 14.39 ? 349 TYR A CA  1 
ATOM   236  C C   . TYR A 1 36 ? -3.639  -2.549  11.649  1.00 14.95 ? 349 TYR A C   1 
ATOM   237  O O   . TYR A 1 36 ? -4.126  -1.736  12.463  1.00 15.49 ? 349 TYR A O   1 
ATOM   238  C CB  . TYR A 1 36 ? -4.746  -2.382  9.442   1.00 14.60 ? 349 TYR A CB  1 
ATOM   239  C CG  . TYR A 1 36 ? -5.107  -3.214  8.272   1.00 13.36 ? 349 TYR A CG  1 
ATOM   240  C CD1 . TYR A 1 36 ? -4.125  -3.855  7.536   1.00 13.97 ? 349 TYR A CD1 1 
ATOM   241  C CD2 . TYR A 1 36 ? -6.427  -3.402  7.928   1.00 12.85 ? 349 TYR A CD2 1 
ATOM   242  C CE1 . TYR A 1 36 ? -4.457  -4.671  6.475   1.00 15.92 ? 349 TYR A CE1 1 
ATOM   243  C CE2 . TYR A 1 36 ? -6.770  -4.207  6.878   1.00 14.79 ? 349 TYR A CE2 1 
ATOM   244  C CZ  . TYR A 1 36 ? -5.787  -4.844  6.156   1.00 14.39 ? 349 TYR A CZ  1 
ATOM   245  O OH  . TYR A 1 36 ? -6.142  -5.638  5.092   1.00 16.20 ? 349 TYR A OH  1 
ATOM   246  N N   . VAL A 1 37 ? -2.338  -2.820  11.550  1.00 14.64 ? 350 VAL A N   1 
ATOM   247  C CA  . VAL A 1 37 ? -1.373  -2.095  12.361  1.00 14.49 ? 350 VAL A CA  1 
ATOM   248  C C   . VAL A 1 37 ? -1.148  -0.728  11.738  1.00 14.60 ? 350 VAL A C   1 
ATOM   249  O O   . VAL A 1 37 ? -0.851  -0.635  10.574  1.00 15.18 ? 350 VAL A O   1 
ATOM   250  C CB  . VAL A 1 37 ? -0.092  -2.912  12.526  1.00 13.87 ? 350 VAL A CB  1 
ATOM   251  C CG1 . VAL A 1 37 ? 0.970   -2.146  13.345  1.00 14.07 ? 350 VAL A CG1 1 
ATOM   252  C CG2 . VAL A 1 37 ? -0.430  -4.189  13.189  1.00 12.76 ? 350 VAL A CG2 1 
ATOM   253  N N   . THR A 1 38 ? -1.323  0.334   12.512  1.00 16.08 ? 351 THR A N   1 
ATOM   254  C CA  . THR A 1 38 ? -1.191  1.713   11.988  1.00 17.47 ? 351 THR A CA  1 
ATOM   255  C C   . THR A 1 38 ? 0.058   2.435   12.491  1.00 18.40 ? 351 THR A C   1 
ATOM   256  O O   . THR A 1 38 ? 0.567   3.338   11.834  1.00 18.75 ? 351 THR A O   1 
ATOM   257  C CB  . THR A 1 38 ? -2.410  2.587   12.299  1.00 17.23 ? 351 THR A CB  1 
ATOM   258  O OG1 . THR A 1 38 ? -2.582  2.698   13.717  1.00 17.91 ? 351 THR A OG1 1 
ATOM   259  C CG2 . THR A 1 38 ? -3.653  2.009   11.667  1.00 17.07 ? 351 THR A CG2 1 
ATOM   260  N N   . LYS A 1 39 ? 0.552   1.993   13.650  1.00 19.61 ? 352 LYS A N   1 
ATOM   261  C CA  . LYS A 1 39 ? 1.718   2.565   14.292  1.00 19.60 ? 352 LYS A CA  1 
ATOM   262  C C   . LYS A 1 39 ? 2.424   1.537   15.160  1.00 19.16 ? 352 LYS A C   1 
ATOM   263  O O   . LYS A 1 39 ? 1.788   0.750   15.846  1.00 18.43 ? 352 LYS A O   1 
ATOM   264  C CB  . LYS A 1 39 ? 1.311   3.773   15.135  1.00 20.00 ? 352 LYS A CB  1 
ATOM   265  C CG  . LYS A 1 39 ? 2.479   4.659   15.521  1.00 21.48 ? 352 LYS A CG  1 
ATOM   266  C CD  . LYS A 1 39 ? 2.000   5.744   16.430  1.00 25.67 ? 352 LYS A CD  1 
ATOM   267  C CE  . LYS A 1 39 ? 3.126   6.435   17.106  1.00 27.39 ? 352 LYS A CE  1 
ATOM   268  N NZ  . LYS A 1 39 ? 2.560   6.949   18.368  1.00 30.00 ? 352 LYS A NZ  1 
ATOM   269  N N   . ILE A 1 40 ? 3.754   1.555   15.088  1.00 19.40 ? 353 ILE A N   1 
ATOM   270  C CA  . ILE A 1 40 ? 4.622   0.772   15.959  1.00 19.12 ? 353 ILE A CA  1 
ATOM   271  C C   . ILE A 1 40 ? 5.276   1.752   16.918  1.00 19.46 ? 353 ILE A C   1 
ATOM   272  O O   . ILE A 1 40 ? 5.928   2.701   16.480  1.00 18.42 ? 353 ILE A O   1 
ATOM   273  C CB  . ILE A 1 40 ? 5.721   0.003   15.162  1.00 19.22 ? 353 ILE A CB  1 
ATOM   274  C CG1 . ILE A 1 40 ? 5.095   -0.956  14.126  1.00 17.88 ? 353 ILE A CG1 1 
ATOM   275  C CG2 . ILE A 1 40 ? 6.714   -0.711  16.128  1.00 17.47 ? 353 ILE A CG2 1 
ATOM   276  C CD1 . ILE A 1 40 ? 4.374   -2.132  14.727  1.00 17.92 ? 353 ILE A CD1 1 
ATOM   277  N N   . ILE A 1 41 ? 5.075   1.505   18.213  1.00 20.16 ? 354 ILE A N   1 
ATOM   278  C CA  . ILE A 1 41 ? 5.604   2.316   19.318  1.00 21.00 ? 354 ILE A CA  1 
ATOM   279  C C   . ILE A 1 41 ? 7.077   1.967   19.619  1.00 21.37 ? 354 ILE A C   1 
ATOM   280  O O   . ILE A 1 41 ? 7.389   0.842   20.028  1.00 21.37 ? 354 ILE A O   1 
ATOM   281  C CB  . ILE A 1 41 ? 4.743   2.090   20.598  1.00 20.92 ? 354 ILE A CB  1 
ATOM   282  C CG1 . ILE A 1 41 ? 3.239   2.347   20.347  1.00 21.79 ? 354 ILE A CG1 1 
ATOM   283  C CG2 . ILE A 1 41 ? 5.282   2.857   21.789  1.00 21.53 ? 354 ILE A CG2 1 
ATOM   284  C CD1 . ILE A 1 41 ? 2.870   3.696   19.766  1.00 22.38 ? 354 ILE A CD1 1 
ATOM   285  N N   . GLU A 1 42 ? 7.977   2.934   19.438  1.00 22.30 ? 355 GLU A N   1 
ATOM   286  C CA  . GLU A 1 42 ? 9.423   2.713   19.690  1.00 23.19 ? 355 GLU A CA  1 
ATOM   287  C C   . GLU A 1 42 ? 9.694   2.305   21.122  1.00 22.02 ? 355 GLU A C   1 
ATOM   288  O O   . GLU A 1 42 ? 9.194   2.947   22.056  1.00 22.46 ? 355 GLU A O   1 
ATOM   289  C CB  . GLU A 1 42 ? 10.281  3.939   19.344  1.00 23.72 ? 355 GLU A CB  1 
ATOM   290  C CG  . GLU A 1 42 ? 10.266  4.291   17.873  1.00 27.66 ? 355 GLU A CG  1 
ATOM   291  C CD  . GLU A 1 42 ? 11.614  4.788   17.355  1.00 32.81 ? 355 GLU A CD  1 
ATOM   292  O OE1 . GLU A 1 42 ? 12.541  5.018   18.187  1.00 33.68 ? 355 GLU A OE1 1 
ATOM   293  O OE2 . GLU A 1 42 ? 11.742  4.917   16.104  1.00 34.05 ? 355 GLU A OE2 1 
ATOM   294  N N   . GLY A 1 43 ? 10.483  1.239   21.270  1.00 21.02 ? 356 GLY A N   1 
ATOM   295  C CA  . GLY A 1 43 ? 10.797  0.639   22.554  1.00 19.38 ? 356 GLY A CA  1 
ATOM   296  C C   . GLY A 1 43 ? 9.776   -0.402  22.982  1.00 19.20 ? 356 GLY A C   1 
ATOM   297  O O   . GLY A 1 43 ? 10.039  -1.181  23.912  1.00 19.51 ? 356 GLY A O   1 
ATOM   298  N N   . GLY A 1 44 ? 8.607   -0.422  22.330  1.00 18.21 ? 357 GLY A N   1 
ATOM   299  C CA  . GLY A 1 44 ? 7.544   -1.358  22.675  1.00 16.76 ? 357 GLY A CA  1 
ATOM   300  C C   . GLY A 1 44 ? 7.957   -2.786  22.387  1.00 16.50 ? 357 GLY A C   1 
ATOM   301  O O   . GLY A 1 44 ? 8.968   -3.020  21.733  1.00 16.03 ? 357 GLY A O   1 
ATOM   302  N N   . ALA A 1 45 ? 7.169   -3.735  22.880  1.00 16.34 ? 358 ALA A N   1 
ATOM   303  C CA  . ALA A 1 45 ? 7.432   -5.152  22.680  1.00 16.83 ? 358 ALA A CA  1 
ATOM   304  C C   . ALA A 1 45 ? 7.425   -5.495  21.183  1.00 17.26 ? 358 ALA A C   1 
ATOM   305  O O   . ALA A 1 45 ? 8.288   -6.232  20.706  1.00 17.84 ? 358 ALA A O   1 
ATOM   306  C CB  . ALA A 1 45 ? 6.388   -6.008  23.474  1.00 16.11 ? 358 ALA A CB  1 
ATOM   307  N N   . ALA A 1 46 ? 6.473   -4.922  20.440  1.00 18.39 ? 359 ALA A N   1 
ATOM   308  C CA  . ALA A 1 46 ? 6.374   -5.113  18.970  1.00 18.94 ? 359 ALA A CA  1 
ATOM   309  C C   . ALA A 1 46 ? 7.568   -4.546  18.224  1.00 19.47 ? 359 ALA A C   1 
ATOM   310  O O   . ALA A 1 46 ? 8.069   -5.186  17.331  1.00 19.50 ? 359 ALA A O   1 
ATOM   311  C CB  . ALA A 1 46 ? 5.087   -4.519  18.420  1.00 18.02 ? 359 ALA A CB  1 
ATOM   312  N N   . HIS A 1 47 ? 7.999   -3.338  18.588  1.00 20.58 ? 360 HIS A N   1 
ATOM   313  C CA  . HIS A 1 47 ? 9.192   -2.738  18.001  1.00 21.55 ? 360 HIS A CA  1 
ATOM   314  C C   . HIS A 1 47 ? 10.438  -3.591  18.241  1.00 21.84 ? 360 HIS A C   1 
ATOM   315  O O   . HIS A 1 47 ? 11.177  -3.915  17.287  1.00 21.75 ? 360 HIS A O   1 
ATOM   316  C CB  . HIS A 1 47 ? 9.426   -1.332  18.563  1.00 21.91 ? 360 HIS A CB  1 
ATOM   317  C CG  . HIS A 1 47 ? 10.688  -0.684  18.069  1.00 23.31 ? 360 HIS A CG  1 
ATOM   318  N ND1 . HIS A 1 47 ? 10.909  -0.395  16.736  1.00 24.52 ? 360 HIS A ND1 1 
ATOM   319  C CD2 . HIS A 1 47 ? 11.788  -0.259  18.732  1.00 24.65 ? 360 HIS A CD2 1 
ATOM   320  C CE1 . HIS A 1 47 ? 12.094  0.172   16.601  1.00 25.55 ? 360 HIS A CE1 1 
ATOM   321  N NE2 . HIS A 1 47 ? 12.649  0.267   17.796  1.00 25.45 ? 360 HIS A NE2 1 
ATOM   322  N N   . LYS A 1 48 ? 10.676  -3.937  19.510  1.00 21.48 ? 361 LYS A N   1 
ATOM   323  C CA  . LYS A 1 48 ? 11.872  -4.683  19.890  1.00 21.58 ? 361 LYS A CA  1 
ATOM   324  C C   . LYS A 1 48 ? 11.977  -6.052  19.223  1.00 21.53 ? 361 LYS A C   1 
ATOM   325  O O   . LYS A 1 48 ? 13.051  -6.438  18.782  1.00 22.61 ? 361 LYS A O   1 
ATOM   326  C CB  . LYS A 1 48 ? 11.961  -4.814  21.393  1.00 21.94 ? 361 LYS A CB  1 
ATOM   327  C CG  . LYS A 1 48 ? 13.091  -5.726  21.858  1.00 24.56 ? 361 LYS A CG  1 
ATOM   328  N N   . ASP A 1 49 ? 10.869  -6.781  19.136  1.00 20.73 ? 362 ASP A N   1 
ATOM   329  C CA  . ASP A 1 49 ? 10.843  -8.042  18.405  1.00 19.57 ? 362 ASP A CA  1 
ATOM   330  C C   . ASP A 1 49 ? 11.190  -7.837  16.912  1.00 18.51 ? 362 ASP A C   1 
ATOM   331  O O   . ASP A 1 49 ? 11.898  -8.644  16.319  1.00 18.86 ? 362 ASP A O   1 
ATOM   332  C CB  . ASP A 1 49 ? 9.475   -8.724  18.594  1.00 19.72 ? 362 ASP A CB  1 
ATOM   333  C CG  . ASP A 1 49 ? 9.224   -9.822  17.592  1.00 20.05 ? 362 ASP A CG  1 
ATOM   334  O OD1 . ASP A 1 49 ? 9.663   -10.958 17.823  1.00 22.93 ? 362 ASP A OD1 1 
ATOM   335  O OD2 . ASP A 1 49 ? 8.569   -9.564  16.569  1.00 22.04 ? 362 ASP A OD2 1 
ATOM   336  N N   . GLY A 1 50 ? 10.659  -6.782  16.309  1.00 17.29 ? 363 GLY A N   1 
ATOM   337  C CA  . GLY A 1 50 ? 11.011  -6.394  14.943  1.00 15.79 ? 363 GLY A CA  1 
ATOM   338  C C   . GLY A 1 50 ? 10.174  -6.877  13.785  1.00 14.95 ? 363 GLY A C   1 
ATOM   339  O O   . GLY A 1 50 ? 10.372  -6.426  12.677  1.00 14.79 ? 363 GLY A O   1 
ATOM   340  N N   . LYS A 1 51 ? 9.257   -7.813  14.011  1.00 15.26 ? 364 LYS A N   1 
ATOM   341  C CA  . LYS A 1 51 ? 8.513   -8.427  12.899  1.00 15.27 ? 364 LYS A CA  1 
ATOM   342  C C   . LYS A 1 51 ? 7.236   -7.705  12.484  1.00 15.20 ? 364 LYS A C   1 
ATOM   343  O O   . LYS A 1 51 ? 6.882   -7.734  11.320  1.00 14.90 ? 364 LYS A O   1 
ATOM   344  C CB  . LYS A 1 51 ? 8.158   -9.874  13.200  1.00 15.70 ? 364 LYS A CB  1 
ATOM   345  C CG  . LYS A 1 51 ? 9.312   -10.774 13.533  1.00 16.00 ? 364 LYS A CG  1 
ATOM   346  C CD  . LYS A 1 51 ? 8.765   -12.145 13.819  1.00 14.67 ? 364 LYS A CD  1 
ATOM   347  C CE  . LYS A 1 51 ? 9.867   -13.095 14.224  1.00 19.13 ? 364 LYS A CE  1 
ATOM   348  N NZ  . LYS A 1 51 ? 9.280   -14.236 15.030  1.00 21.05 ? 364 LYS A NZ  1 
ATOM   349  N N   . LEU A 1 52 ? 6.529   -7.103  13.436  1.00 15.38 ? 365 LEU A N   1 
ATOM   350  C CA  . LEU A 1 52 ? 5.272   -6.443  13.132  1.00 16.14 ? 365 LEU A CA  1 
ATOM   351  C C   . LEU A 1 52 ? 5.562   -5.115  12.452  1.00 16.88 ? 365 LEU A C   1 
ATOM   352  O O   . LEU A 1 52 ? 6.479   -4.401  12.867  1.00 17.69 ? 365 LEU A O   1 
ATOM   353  C CB  . LEU A 1 52 ? 4.416   -6.212  14.401  1.00 16.47 ? 365 LEU A CB  1 
ATOM   354  C CG  . LEU A 1 52 ? 2.941   -5.818  14.160  1.00 15.71 ? 365 LEU A CG  1 
ATOM   355  C CD1 . LEU A 1 52 ? 2.145   -7.007  13.649  1.00 13.07 ? 365 LEU A CD1 1 
ATOM   356  C CD2 . LEU A 1 52 ? 2.322   -5.284  15.410  1.00 15.16 ? 365 LEU A CD2 1 
ATOM   357  N N   . GLN A 1 53 ? 4.778   -4.804  11.413  1.00 16.95 ? 366 GLN A N   1 
ATOM   358  C CA  . GLN A 1 53 ? 4.934   -3.581  10.624  1.00 17.05 ? 366 GLN A CA  1 
ATOM   359  C C   . GLN A 1 53 ? 3.592   -2.889  10.333  1.00 16.66 ? 366 GLN A C   1 
ATOM   360  O O   . GLN A 1 53 ? 2.503   -3.517  10.322  1.00 15.81 ? 366 GLN A O   1 
ATOM   361  C CB  . GLN A 1 53 ? 5.687   -3.858  9.306   1.00 17.47 ? 366 GLN A CB  1 
ATOM   362  C CG  . GLN A 1 53 ? 7.089   -4.556  9.408   1.00 20.12 ? 366 GLN A CG  1 
ATOM   363  C CD  . GLN A 1 53 ? 8.124   -3.916  10.417  1.00 24.19 ? 366 GLN A CD  1 
ATOM   364  O OE1 . GLN A 1 53 ? 8.002   -2.750  10.853  1.00 22.56 ? 366 GLN A OE1 1 
ATOM   365  N NE2 . GLN A 1 53 ? 9.144   -4.710  10.779  1.00 24.16 ? 366 GLN A NE2 1 
ATOM   366  N N   . ILE A 1 54 ? 3.682   -1.579  10.109  1.00 16.18 ? 367 ILE A N   1 
ATOM   367  C CA  . ILE A 1 54 ? 2.545   -0.788  9.643   1.00 15.08 ? 367 ILE A CA  1 
ATOM   368  C C   . ILE A 1 54 ? 2.036   -1.503  8.412   1.00 13.95 ? 367 ILE A C   1 
ATOM   369  O O   . ILE A 1 54 ? 2.819   -1.875  7.539   1.00 13.77 ? 367 ILE A O   1 
ATOM   370  C CB  . ILE A 1 54 ? 2.957   0.662   9.240   1.00 15.90 ? 367 ILE A CB  1 
ATOM   371  C CG1 . ILE A 1 54 ? 3.685   1.377   10.392  1.00 15.49 ? 367 ILE A CG1 1 
ATOM   372  C CG2 . ILE A 1 54 ? 1.737   1.465   8.694   1.00 15.46 ? 367 ILE A CG2 1 
ATOM   373  C CD1 . ILE A 1 54 ? 3.103   1.059   11.713  1.00 14.11 ? 367 ILE A CD1 1 
ATOM   374  N N   . GLY A 1 55 ? 0.726   -1.716  8.361   1.00 12.51 ? 368 GLY A N   1 
ATOM   375  C CA  . GLY A 1 55 ? 0.142   -2.410  7.253   1.00 10.99 ? 368 GLY A CA  1 
ATOM   376  C C   . GLY A 1 55 ? -0.217  -3.855  7.512   1.00 10.44 ? 368 GLY A C   1 
ATOM   377  O O   . GLY A 1 55 ? -1.021  -4.412  6.780   1.00 10.99 ? 368 GLY A O   1 
ATOM   378  N N   . ASP A 1 56 ? 0.372   -4.480  8.528   1.00 9.68  ? 369 ASP A N   1 
ATOM   379  C CA  . ASP A 1 56 ? 0.042   -5.885  8.839   1.00 8.94  ? 369 ASP A CA  1 
ATOM   380  C C   . ASP A 1 56 ? -1.414  -6.070  9.281   1.00 8.43  ? 369 ASP A C   1 
ATOM   381  O O   . ASP A 1 56 ? -1.997  -5.233  9.968   1.00 7.94  ? 369 ASP A O   1 
ATOM   382  C CB  . ASP A 1 56 ? 0.989   -6.466  9.893   1.00 8.56  ? 369 ASP A CB  1 
ATOM   383  C CG  . ASP A 1 56 ? 2.373   -6.694  9.362   1.00 8.16  ? 369 ASP A CG  1 
ATOM   384  O OD1 . ASP A 1 56 ? 2.599   -6.533  8.158   1.00 9.41  ? 369 ASP A OD1 1 
ATOM   385  O OD2 . ASP A 1 56 ? 3.259   -7.050  10.148  1.00 10.85 ? 369 ASP A OD2 1 
ATOM   386  N N   . LYS A 1 57 ? -1.979  -7.186  8.863   1.00 8.54  ? 370 LYS A N   1 
ATOM   387  C CA  . LYS A 1 57 ? -3.338  -7.543  9.197   1.00 8.75  ? 370 LYS A CA  1 
ATOM   388  C C   . LYS A 1 57 ? -3.281  -8.499  10.368  1.00 8.49  ? 370 LYS A C   1 
ATOM   389  O O   . LYS A 1 57 ? -2.523  -9.478  10.339  1.00 8.45  ? 370 LYS A O   1 
ATOM   390  C CB  . LYS A 1 57 ? -4.035  -8.195  7.985   1.00 8.83  ? 370 LYS A CB  1 
ATOM   391  C CG  . LYS A 1 57 ? -5.382  -8.786  8.305   1.00 8.63  ? 370 LYS A CG  1 
ATOM   392  C CD  . LYS A 1 57 ? -5.900  -9.539  7.138   1.00 10.81 ? 370 LYS A CD  1 
ATOM   393  C CE  . LYS A 1 57 ? -7.208  -10.224 7.424   1.00 11.71 ? 370 LYS A CE  1 
ATOM   394  N NZ  . LYS A 1 57 ? -7.887  -10.450 6.095   1.00 12.70 ? 370 LYS A NZ  1 
ATOM   395  N N   . LEU A 1 58 ? -4.046  -8.191  11.412  1.00 8.30  ? 371 LEU A N   1 
ATOM   396  C CA  . LEU A 1 58 ? -4.136  -9.073  12.575  1.00 8.03  ? 371 LEU A CA  1 
ATOM   397  C C   . LEU A 1 58 ? -5.179  -10.137 12.326  1.00 7.61  ? 371 LEU A C   1 
ATOM   398  O O   . LEU A 1 58 ? -6.301  -9.820  11.907  1.00 7.12  ? 371 LEU A O   1 
ATOM   399  C CB  . LEU A 1 58 ? -4.427  -8.300  13.862  1.00 7.50  ? 371 LEU A CB  1 
ATOM   400  C CG  . LEU A 1 58 ? -3.432  -7.162  14.174  1.00 9.19  ? 371 LEU A CG  1 
ATOM   401  C CD1 . LEU A 1 58 ? -3.863  -6.366  15.436  1.00 8.13  ? 371 LEU A CD1 1 
ATOM   402  C CD2 . LEU A 1 58 ? -1.978  -7.642  14.296  1.00 8.51  ? 371 LEU A CD2 1 
ATOM   403  N N   . LEU A 1 59 ? -4.784  -11.397 12.569  1.00 7.68  ? 372 LEU A N   1 
ATOM   404  C CA  . LEU A 1 59 ? -5.655  -12.561 12.418  1.00 7.07  ? 372 LEU A CA  1 
ATOM   405  C C   . LEU A 1 59 ? -6.146  -13.068 13.735  1.00 7.39  ? 372 LEU A C   1 
ATOM   406  O O   . LEU A 1 59 ? -7.333  -13.376 13.866  1.00 8.77  ? 372 LEU A O   1 
ATOM   407  C CB  . LEU A 1 59 ? -4.930  -13.718 11.714  1.00 7.30  ? 372 LEU A CB  1 
ATOM   408  C CG  . LEU A 1 59 ? -4.193  -13.424 10.419  1.00 5.17  ? 372 LEU A CG  1 
ATOM   409  C CD1 . LEU A 1 59 ? -3.330  -14.605 10.024  1.00 2.06  ? 372 LEU A CD1 1 
ATOM   410  C CD2 . LEU A 1 59 ? -5.176  -13.028 9.360   1.00 5.34  ? 372 LEU A CD2 1 
ATOM   411  N N   . ALA A 1 60 ? -5.232  -13.199 14.709  1.00 8.03  ? 373 ALA A N   1 
ATOM   412  C CA  . ALA A 1 60 ? -5.573  -13.702 16.049  1.00 7.47  ? 373 ALA A CA  1 
ATOM   413  C C   . ALA A 1 60 ? -4.633  -13.124 17.064  1.00 8.08  ? 373 ALA A C   1 
ATOM   414  O O   . ALA A 1 60 ? -3.500  -12.780 16.730  1.00 8.42  ? 373 ALA A O   1 
ATOM   415  C CB  . ALA A 1 60 ? -5.509  -15.214 16.082  1.00 7.31  ? 373 ALA A CB  1 
ATOM   416  N N   . VAL A 1 61 ? -5.097  -13.007 18.306  1.00 8.44  ? 374 VAL A N   1 
ATOM   417  C CA  . VAL A 1 61 ? -4.212  -12.761 19.443  1.00 8.56  ? 374 VAL A CA  1 
ATOM   418  C C   . VAL A 1 61 ? -4.458  -13.821 20.497  1.00 9.23  ? 374 VAL A C   1 
ATOM   419  O O   . VAL A 1 61 ? -5.567  -13.927 21.019  1.00 9.19  ? 374 VAL A O   1 
ATOM   420  C CB  . VAL A 1 61 ? -4.336  -11.336 20.023  1.00 9.16  ? 374 VAL A CB  1 
ATOM   421  C CG1 . VAL A 1 61 ? -5.763  -11.002 20.458  1.00 7.73  ? 374 VAL A CG1 1 
ATOM   422  C CG2 . VAL A 1 61 ? -3.334  -11.148 21.144  1.00 7.54  ? 374 VAL A CG2 1 
ATOM   423  N N   . ASN A 1 62 ? -3.410  -14.593 20.794  1.00 9.92  ? 375 ASN A N   1 
ATOM   424  C CA  . ASN A 1 62 ? -3.528  -15.925 21.410  1.00 10.59 ? 375 ASN A CA  1 
ATOM   425  C C   . ASN A 1 62 ? -4.700  -16.673 20.780  1.00 10.92 ? 375 ASN A C   1 
ATOM   426  O O   . ASN A 1 62 ? -4.737  -16.819 19.572  1.00 10.50 ? 375 ASN A O   1 
ATOM   427  C CB  . ASN A 1 62 ? -3.585  -15.887 22.944  1.00 10.42 ? 375 ASN A CB  1 
ATOM   428  C CG  . ASN A 1 62 ? -2.254  -15.470 23.572  1.00 10.08 ? 375 ASN A CG  1 
ATOM   429  O OD1 . ASN A 1 62 ? -1.194  -15.910 23.150  1.00 7.62  ? 375 ASN A OD1 1 
ATOM   430  N ND2 . ASN A 1 62 ? -2.318  -14.613 24.587  1.00 10.62 ? 375 ASN A ND2 1 
ATOM   431  N N   . SER A 1 63 ? -5.674  -17.129 21.551  1.00 11.56 ? 376 SER A N   1 
ATOM   432  C CA  . SER A 1 63 ? -6.772  -17.834 20.879  1.00 12.38 ? 376 SER A CA  1 
ATOM   433  C C   . SER A 1 63 ? -7.955  -16.944 20.401  1.00 12.19 ? 376 SER A C   1 
ATOM   434  O O   . SER A 1 63 ? -8.985  -17.474 19.969  1.00 12.85 ? 376 SER A O   1 
ATOM   435  C CB  . SER A 1 63 ? -7.234  -19.046 21.688  1.00 12.09 ? 376 SER A CB  1 
ATOM   436  O OG  . SER A 1 63 ? -7.809  -18.630 22.896  1.00 15.27 ? 376 SER A OG  1 
ATOM   437  N N   . VAL A 1 64 ? -7.795  -15.616 20.467  1.00 11.29 ? 377 VAL A N   1 
ATOM   438  C CA  . VAL A 1 64 ? -8.844  -14.679 20.066  1.00 11.09 ? 377 VAL A CA  1 
ATOM   439  C C   . VAL A 1 64 ? -8.728  -14.289 18.570  1.00 10.68 ? 377 VAL A C   1 
ATOM   440  O O   . VAL A 1 64 ? -7.762  -13.653 18.167  1.00 10.93 ? 377 VAL A O   1 
ATOM   441  C CB  . VAL A 1 64 ? -8.881  -13.397 20.966  1.00 11.31 ? 377 VAL A CB  1 
ATOM   442  C CG1 . VAL A 1 64 ? -10.051 -12.498 20.570  1.00 10.66 ? 377 VAL A CG1 1 
ATOM   443  C CG2 . VAL A 1 64 ? -9.009  -13.771 22.448  1.00 11.87 ? 377 VAL A CG2 1 
ATOM   444  N N   . GLY A 1 65 ? -9.707  -14.692 17.766  1.00 9.76  ? 378 GLY A N   1 
ATOM   445  C CA  . GLY A 1 65 ? -9.759  -14.310 16.386  1.00 10.22 ? 378 GLY A CA  1 
ATOM   446  C C   . GLY A 1 65 ? -9.960  -12.810 16.266  1.00 10.64 ? 378 GLY A C   1 
ATOM   447  O O   . GLY A 1 65 ? -10.742 -12.238 17.015  1.00 10.51 ? 378 GLY A O   1 
ATOM   448  N N   . LEU A 1 66 ? -9.231  -12.177 15.342  1.00 10.30 ? 379 LEU A N   1 
ATOM   449  C CA  . LEU A 1 66 ? -9.444  -10.759 15.027  1.00 10.89 ? 379 LEU A CA  1 
ATOM   450  C C   . LEU A 1 66 ? -10.008 -10.557 13.607  1.00 11.13 ? 379 LEU A C   1 
ATOM   451  O O   . LEU A 1 66 ? -9.902  -9.496  13.018  1.00 10.61 ? 379 LEU A O   1 
ATOM   452  C CB  . LEU A 1 66 ? -8.146  -9.961  15.256  1.00 10.78 ? 379 LEU A CB  1 
ATOM   453  C CG  . LEU A 1 66 ? -7.655  -10.067 16.712  1.00 10.83 ? 379 LEU A CG  1 
ATOM   454  C CD1 . LEU A 1 66 ? -6.232  -9.564  16.917  1.00 8.88  ? 379 LEU A CD1 1 
ATOM   455  C CD2 . LEU A 1 66 ? -8.654  -9.354  17.674  1.00 11.54 ? 379 LEU A CD2 1 
ATOM   456  N N   . GLU A 1 67 ? -10.615 -11.597 13.059  1.00 12.09 ? 380 GLU A N   1 
ATOM   457  C CA  . GLU A 1 67 ? -11.110 -11.541 11.688  1.00 12.99 ? 380 GLU A CA  1 
ATOM   458  C C   . GLU A 1 67 ? -12.604 -11.283 11.666  1.00 12.48 ? 380 GLU A C   1 
ATOM   459  O O   . GLU A 1 67 ? -13.389 -12.115 12.144  1.00 12.31 ? 380 GLU A O   1 
ATOM   460  C CB  . GLU A 1 67 ? -10.772 -12.829 10.947  1.00 12.94 ? 380 GLU A CB  1 
ATOM   461  C CG  . GLU A 1 67 ? -9.264  -13.052 10.848  1.00 16.41 ? 380 GLU A CG  1 
ATOM   462  C CD  . GLU A 1 67 ? -8.903  -14.088 9.782   1.00 21.15 ? 380 GLU A CD  1 
ATOM   463  O OE1 . GLU A 1 67 ? -9.119  -13.812 8.579   1.00 21.01 ? 380 GLU A OE1 1 
ATOM   464  O OE2 . GLU A 1 67 ? -8.416  -15.177 10.156  1.00 22.85 ? 380 GLU A OE2 1 
ATOM   465  N N   . GLU A 1 68 ? -13.000 -10.116 11.130  1.00 11.85 ? 381 GLU A N   1 
ATOM   466  C CA  . GLU A 1 68 ? -14.422 -9.761  11.067  1.00 10.79 ? 381 GLU A CA  1 
ATOM   467  C C   . GLU A 1 68 ? -14.933 -9.488  12.457  1.00 11.00 ? 381 GLU A C   1 
ATOM   468  O O   . GLU A 1 68 ? -16.025 -9.886  12.800  1.00 12.33 ? 381 GLU A O   1 
ATOM   469  C CB  . GLU A 1 68 ? -15.247 -10.889 10.432  1.00 10.27 ? 381 GLU A CB  1 
ATOM   470  C CG  . GLU A 1 68 ? -14.889 -11.166 8.978   1.00 9.89  ? 381 GLU A CG  1 
ATOM   471  C CD  . GLU A 1 68 ? -14.798 -9.894  8.168   1.00 6.85  ? 381 GLU A CD  1 
ATOM   472  O OE1 . GLU A 1 68 ? -15.812 -9.196  7.996   1.00 9.98  ? 381 GLU A OE1 1 
ATOM   473  O OE2 . GLU A 1 68 ? -13.700 -9.555  7.743   1.00 7.64  ? 381 GLU A OE2 1 
ATOM   474  N N   . VAL A 1 69 ? -14.110 -8.829  13.264  1.00 10.56 ? 382 VAL A N   1 
ATOM   475  C CA  . VAL A 1 69 ? -14.516 -8.299  14.546  1.00 9.24  ? 382 VAL A CA  1 
ATOM   476  C C   . VAL A 1 69 ? -14.585 -6.781  14.440  1.00 9.31  ? 382 VAL A C   1 
ATOM   477  O O   . VAL A 1 69 ? -13.887 -6.170  13.616  1.00 9.65  ? 382 VAL A O   1 
ATOM   478  C CB  . VAL A 1 69 ? -13.540 -8.715  15.708  1.00 9.00  ? 382 VAL A CB  1 
ATOM   479  C CG1 . VAL A 1 69 ? -13.522 -10.257 15.909  1.00 7.26  ? 382 VAL A CG1 1 
ATOM   480  C CG2 . VAL A 1 69 ? -12.211 -8.169  15.511  1.00 6.25  ? 382 VAL A CG2 1 
ATOM   481  N N   . THR A 1 70 ? -15.440 -6.179  15.252  1.00 9.28  ? 383 THR A N   1 
ATOM   482  C CA  . THR A 1 70 ? -15.466 -4.708  15.446  1.00 9.31  ? 383 THR A CA  1 
ATOM   483  C C   . THR A 1 70 ? -14.166 -4.197  16.085  1.00 10.67 ? 383 THR A C   1 
ATOM   484  O O   . THR A 1 70 ? -13.414 -4.935  16.741  1.00 11.22 ? 383 THR A O   1 
ATOM   485  C CB  . THR A 1 70 ? -16.636 -4.271  16.363  1.00 8.53  ? 383 THR A CB  1 
ATOM   486  O OG1 . THR A 1 70 ? -16.343 -4.668  17.702  1.00 8.62  ? 383 THR A OG1 1 
ATOM   487  C CG2 . THR A 1 70 ? -17.942 -4.881  15.948  1.00 5.16  ? 383 THR A CG2 1 
ATOM   488  N N   . HIS A 1 71 ? -13.901 -2.922  15.890  1.00 12.21 ? 384 HIS A N   1 
ATOM   489  C CA  . HIS A 1 71 ? -12.743 -2.288  16.469  1.00 13.32 ? 384 HIS A CA  1 
ATOM   490  C C   . HIS A 1 71 ? -12.565 -2.471  18.001  1.00 15.27 ? 384 HIS A C   1 
ATOM   491  O O   . HIS A 1 71 ? -11.467 -2.919  18.448  1.00 15.70 ? 384 HIS A O   1 
ATOM   492  C CB  . HIS A 1 71 ? -12.796 -0.815  16.132  1.00 13.19 ? 384 HIS A CB  1 
ATOM   493  C CG  . HIS A 1 71 ? -11.567 -0.085  16.519  1.00 10.96 ? 384 HIS A CG  1 
ATOM   494  N ND1 . HIS A 1 71 ? -10.417 -0.152  15.781  1.00 12.84 ? 384 HIS A ND1 1 
ATOM   495  C CD2 . HIS A 1 71 ? -11.295 0.706   17.579  1.00 12.43 ? 384 HIS A CD2 1 
ATOM   496  C CE1 . HIS A 1 71 ? -9.484  0.591   16.355  1.00 14.70 ? 384 HIS A CE1 1 
ATOM   497  N NE2 . HIS A 1 71 ? -9.989  1.113   17.455  1.00 13.31 ? 384 HIS A NE2 1 
ATOM   498  N N   . GLU A 1 72 ? -13.597 -2.114  18.789  1.00 16.13 ? 385 GLU A N   1 
ATOM   499  C CA  . GLU A 1 72 ? -13.620 -2.330  20.254  1.00 18.24 ? 385 GLU A CA  1 
ATOM   500  C C   . GLU A 1 72 ? -13.295 -3.768  20.672  1.00 17.53 ? 385 GLU A C   1 
ATOM   501  O O   . GLU A 1 72 ? -12.537 -3.976  21.626  1.00 18.36 ? 385 GLU A O   1 
ATOM   502  C CB  . GLU A 1 72 ? -14.940 -1.848  20.888  1.00 17.93 ? 385 GLU A CB  1 
ATOM   503  C CG  . GLU A 1 72 ? -15.475 -2.696  22.085  1.00 21.85 ? 385 GLU A CG  1 
ATOM   504  C CD  . GLU A 1 72 ? -16.620 -2.038  22.940  1.00 23.20 ? 385 GLU A CD  1 
ATOM   505  O OE1 . GLU A 1 72 ? -17.579 -1.396  22.386  1.00 28.17 ? 385 GLU A OE1 1 
ATOM   506  O OE2 . GLU A 1 72 ? -16.553 -2.198  24.197  1.00 28.22 ? 385 GLU A OE2 1 
ATOM   507  N N   . GLU A 1 73 ? -13.843 -4.754  19.964  1.00 17.05 ? 386 GLU A N   1 
ATOM   508  C CA  . GLU A 1 73 ? -13.485 -6.149  20.201  1.00 16.77 ? 386 GLU A CA  1 
ATOM   509  C C   . GLU A 1 73 ? -11.978 -6.451  20.093  1.00 15.98 ? 386 GLU A C   1 
ATOM   510  O O   . GLU A 1 73 ? -11.426 -7.211  20.912  1.00 15.82 ? 386 GLU A O   1 
ATOM   511  C CB  . GLU A 1 73 ? -14.244 -7.063  19.255  1.00 17.02 ? 386 GLU A CB  1 
ATOM   512  C CG  . GLU A 1 73 ? -15.750 -7.102  19.470  1.00 18.61 ? 386 GLU A CG  1 
ATOM   513  C CD  . GLU A 1 73 ? -16.419 -8.194  18.645  1.00 19.15 ? 386 GLU A CD  1 
ATOM   514  O OE1 . GLU A 1 73 ? -16.217 -8.211  17.413  1.00 19.31 ? 386 GLU A OE1 1 
ATOM   515  O OE2 . GLU A 1 73 ? -17.148 -9.031  19.229  1.00 22.95 ? 386 GLU A OE2 1 
ATOM   516  N N   . ALA A 1 74 ? -11.319 -5.850  19.101  1.00 14.27 ? 387 ALA A N   1 
ATOM   517  C CA  . ALA A 1 74 ? -9.890  -6.045  18.894  1.00 13.45 ? 387 ALA A CA  1 
ATOM   518  C C   . ALA A 1 74 ? -9.054  -5.255  19.902  1.00 13.40 ? 387 ALA A C   1 
ATOM   519  O O   . ALA A 1 74 ? -8.011  -5.727  20.353  1.00 13.32 ? 387 ALA A O   1 
ATOM   520  C CB  . ALA A 1 74 ? -9.502  -5.678  17.488  1.00 12.92 ? 387 ALA A CB  1 
ATOM   521  N N   . VAL A 1 75 ? -9.518  -4.056  20.251  1.00 13.06 ? 388 VAL A N   1 
ATOM   522  C CA  . VAL A 1 75 ? -8.887  -3.274  21.287  1.00 12.73 ? 388 VAL A CA  1 
ATOM   523  C C   . VAL A 1 75 ? -8.875  -4.140  22.558  1.00 13.60 ? 388 VAL A C   1 
ATOM   524  O O   . VAL A 1 75 ? -7.796  -4.450  23.055  1.00 14.26 ? 388 VAL A O   1 
ATOM   525  C CB  . VAL A 1 75 ? -9.577  -1.877  21.439  1.00 12.66 ? 388 VAL A CB  1 
ATOM   526  C CG1 . VAL A 1 75 ? -9.080  -1.125  22.632  1.00 13.27 ? 388 VAL A CG1 1 
ATOM   527  C CG2 . VAL A 1 75 ? -9.346  -1.039  20.216  1.00 11.27 ? 388 VAL A CG2 1 
ATOM   528  N N   . THR A 1 76 ? -10.046 -4.599  23.021  1.00 13.69 ? 389 THR A N   1 
ATOM   529  C CA  . THR A 1 76 ? -10.183 -5.502  24.170  1.00 14.13 ? 389 THR A CA  1 
ATOM   530  C C   . THR A 1 76 ? -9.310  -6.783  24.070  1.00 15.29 ? 389 THR A C   1 
ATOM   531  O O   . THR A 1 76 ? -8.747  -7.281  25.072  1.00 15.45 ? 389 THR A O   1 
ATOM   532  C CB  . THR A 1 76 ? -11.682 -5.958  24.328  1.00 14.86 ? 389 THR A CB  1 
ATOM   533  O OG1 . THR A 1 76 ? -12.538 -4.834  24.570  1.00 14.68 ? 389 THR A OG1 1 
ATOM   534  C CG2 . THR A 1 76 ? -11.854 -6.969  25.422  1.00 11.73 ? 389 THR A CG2 1 
ATOM   535  N N   . ALA A 1 77 ? -9.235  -7.358  22.872  1.00 15.82 ? 390 ALA A N   1 
ATOM   536  C CA  . ALA A 1 77 ? -8.451  -8.575  22.693  1.00 15.70 ? 390 ALA A CA  1 
ATOM   537  C C   . ALA A 1 77 ? -7.030  -8.237  23.097  1.00 15.97 ? 390 ALA A C   1 
ATOM   538  O O   . ALA A 1 77 ? -6.435  -8.917  23.945  1.00 15.63 ? 390 ALA A O   1 
ATOM   539  C CB  . ALA A 1 77 ? -8.512  -9.060  21.259  1.00 15.58 ? 390 ALA A CB  1 
ATOM   540  N N   . LEU A 1 78 ? -6.524  -7.136  22.534  1.00 16.34 ? 391 LEU A N   1 
ATOM   541  C CA  . LEU A 1 78 ? -5.109  -6.750  22.686  1.00 15.97 ? 391 LEU A CA  1 
ATOM   542  C C   . LEU A 1 78 ? -4.738  -6.209  24.064  1.00 16.44 ? 391 LEU A C   1 
ATOM   543  O O   . LEU A 1 78 ? -3.604  -6.388  24.509  1.00 16.70 ? 391 LEU A O   1 
ATOM   544  C CB  . LEU A 1 78 ? -4.694  -5.791  21.576  1.00 14.79 ? 391 LEU A CB  1 
ATOM   545  C CG  . LEU A 1 78 ? -4.789  -6.374  20.157  1.00 13.59 ? 391 LEU A CG  1 
ATOM   546  C CD1 . LEU A 1 78 ? -4.927  -5.237  19.131  1.00 10.84 ? 391 LEU A CD1 1 
ATOM   547  C CD2 . LEU A 1 78 ? -3.624  -7.347  19.825  1.00 10.25 ? 391 LEU A CD2 1 
ATOM   548  N N   . LYS A 1 79 ? -5.692  -5.570  24.741  1.00 17.44 ? 392 LYS A N   1 
ATOM   549  C CA  . LYS A 1 79 ? -5.467  -5.039  26.092  1.00 18.28 ? 392 LYS A CA  1 
ATOM   550  C C   . LYS A 1 79 ? -5.519  -6.136  27.123  1.00 18.37 ? 392 LYS A C   1 
ATOM   551  O O   . LYS A 1 79 ? -4.818  -6.075  28.108  1.00 19.33 ? 392 LYS A O   1 
ATOM   552  C CB  . LYS A 1 79 ? -6.509  -3.996  26.482  1.00 18.98 ? 392 LYS A CB  1 
ATOM   553  C CG  . LYS A 1 79 ? -6.644  -2.831  25.560  1.00 21.65 ? 392 LYS A CG  1 
ATOM   554  C CD  . LYS A 1 79 ? -5.299  -2.486  24.946  1.00 28.17 ? 392 LYS A CD  1 
ATOM   555  C CE  . LYS A 1 79 ? -5.456  -2.005  23.496  1.00 29.17 ? 392 LYS A CE  1 
ATOM   556  N NZ  . LYS A 1 79 ? -4.101  -2.025  22.871  1.00 31.78 ? 392 LYS A NZ  1 
ATOM   557  N N   . ASN A 1 80 ? -6.353  -7.144  26.902  1.00 18.57 ? 393 ASN A N   1 
ATOM   558  C CA  . ASN A 1 80 ? -6.680  -8.077  27.971  1.00 18.67 ? 393 ASN A CA  1 
ATOM   559  C C   . ASN A 1 80 ? -6.132  -9.480  27.840  1.00 19.30 ? 393 ASN A C   1 
ATOM   560  O O   . ASN A 1 80 ? -6.642  -10.398 28.471  1.00 20.33 ? 393 ASN A O   1 
ATOM   561  C CB  . ASN A 1 80 ? -8.194  -8.107  28.177  1.00 17.99 ? 393 ASN A CB  1 
ATOM   562  C CG  . ASN A 1 80 ? -8.735  -6.754  28.558  1.00 16.26 ? 393 ASN A CG  1 
ATOM   563  O OD1 . ASN A 1 80 ? -8.520  -6.296  29.672  1.00 14.89 ? 393 ASN A OD1 1 
ATOM   564  N ND2 . ASN A 1 80 ? -9.401  -6.090  27.625  1.00 13.31 ? 393 ASN A ND2 1 
ATOM   565  N N   . THR A 1 81 ? -5.103  -9.633  27.013  1.00 19.93 ? 394 THR A N   1 
ATOM   566  C CA  . THR A 1 81 ? -4.361  -10.878 26.862  1.00 19.63 ? 394 THR A CA  1 
ATOM   567  C C   . THR A 1 81 ? -3.452  -11.152 28.073  1.00 19.14 ? 394 THR A C   1 
ATOM   568  O O   . THR A 1 81 ? -3.254  -10.303 28.949  1.00 18.95 ? 394 THR A O   1 
ATOM   569  C CB  . THR A 1 81 ? -3.388  -10.824 25.652  1.00 20.12 ? 394 THR A CB  1 
ATOM   570  O OG1 . THR A 1 81 ? -2.285  -9.973  25.979  1.00 21.54 ? 394 THR A OG1 1 
ATOM   571  C CG2 . THR A 1 81 ? -4.047  -10.338 24.386  1.00 19.34 ? 394 THR A CG2 1 
ATOM   572  N N   . SER A 1 82 ? -2.892  -12.353 28.079  1.00 18.59 ? 395 SER A N   1 
ATOM   573  C CA  . SER A 1 82 ? -1.809  -12.714 28.955  1.00 19.07 ? 395 SER A CA  1 
ATOM   574  C C   . SER A 1 82 ? -0.519  -11.995 28.547  1.00 18.66 ? 395 SER A C   1 
ATOM   575  O O   . SER A 1 82 ? -0.440  -11.387 27.471  1.00 18.33 ? 395 SER A O   1 
ATOM   576  C CB  . SER A 1 82 ? -1.617  -14.240 28.968  1.00 19.47 ? 395 SER A CB  1 
ATOM   577  O OG  . SER A 1 82 ? -2.168  -14.863 27.806  1.00 21.46 ? 395 SER A OG  1 
ATOM   578  N N   . ASP A 1 83 ? 0.480   -12.055 29.419  1.00 18.44 ? 396 ASP A N   1 
ATOM   579  C CA  . ASP A 1 83 ? 1.775   -11.414 29.149  1.00 18.52 ? 396 ASP A CA  1 
ATOM   580  C C   . ASP A 1 83 ? 2.509   -12.128 28.039  1.00 17.20 ? 396 ASP A C   1 
ATOM   581  O O   . ASP A 1 83 ? 3.420   -11.562 27.437  1.00 16.78 ? 396 ASP A O   1 
ATOM   582  C CB  . ASP A 1 83 ? 2.665   -11.425 30.395  1.00 19.19 ? 396 ASP A CB  1 
ATOM   583  C CG  . ASP A 1 83 ? 1.929   -10.966 31.624  1.00 22.14 ? 396 ASP A CG  1 
ATOM   584  O OD1 . ASP A 1 83 ? 1.609   -9.752  31.676  1.00 23.15 ? 396 ASP A OD1 1 
ATOM   585  O OD2 . ASP A 1 83 ? 1.654   -11.833 32.506  1.00 24.91 ? 396 ASP A OD2 1 
ATOM   586  N N   . PHE A 1 84 ? 2.121   -13.386 27.815  1.00 15.73 ? 397 PHE A N   1 
ATOM   587  C CA  . PHE A 1 84 ? 2.700   -14.221 26.788  1.00 14.59 ? 397 PHE A CA  1 
ATOM   588  C C   . PHE A 1 84 ? 1.727   -14.263 25.618  1.00 13.54 ? 397 PHE A C   1 
ATOM   589  O O   . PHE A 1 84 ? 0.718   -14.970 25.653  1.00 13.88 ? 397 PHE A O   1 
ATOM   590  C CB  . PHE A 1 84 ? 3.008   -15.620 27.323  1.00 14.22 ? 397 PHE A CB  1 
ATOM   591  C CG  . PHE A 1 84 ? 4.002   -15.640 28.460  1.00 15.92 ? 397 PHE A CG  1 
ATOM   592  C CD1 . PHE A 1 84 ? 5.033   -14.707 28.533  1.00 15.65 ? 397 PHE A CD1 1 
ATOM   593  C CD2 . PHE A 1 84 ? 3.919   -16.620 29.462  1.00 18.17 ? 397 PHE A CD2 1 
ATOM   594  C CE1 . PHE A 1 84 ? 5.964   -14.738 29.581  1.00 14.82 ? 397 PHE A CE1 1 
ATOM   595  C CE2 . PHE A 1 84 ? 4.845   -16.658 30.513  1.00 15.42 ? 397 PHE A CE2 1 
ATOM   596  C CZ  . PHE A 1 84 ? 5.864   -15.717 30.562  1.00 16.07 ? 397 PHE A CZ  1 
ATOM   597  N N   . VAL A 1 85 ? 2.050   -13.499 24.582  1.00 12.47 ? 398 VAL A N   1 
ATOM   598  C CA  . VAL A 1 85 ? 1.209   -13.361 23.409  1.00 12.11 ? 398 VAL A CA  1 
ATOM   599  C C   . VAL A 1 85 ? 1.753   -14.087 22.146  1.00 11.63 ? 398 VAL A C   1 
ATOM   600  O O   . VAL A 1 85 ? 2.919   -13.896 21.757  1.00 11.53 ? 398 VAL A O   1 
ATOM   601  C CB  . VAL A 1 85 ? 0.971   -11.860 23.152  1.00 12.51 ? 398 VAL A CB  1 
ATOM   602  C CG1 . VAL A 1 85 ? 0.168   -11.600 21.876  1.00 10.90 ? 398 VAL A CG1 1 
ATOM   603  C CG2 . VAL A 1 85 ? 0.294   -11.215 24.388  1.00 13.45 ? 398 VAL A CG2 1 
ATOM   604  N N   . TYR A 1 86 ? 0.913   -14.932 21.529  1.00 11.08 ? 399 TYR A N   1 
ATOM   605  C CA  . TYR A 1 86 ? 1.131   -15.332 20.129  1.00 10.96 ? 399 TYR A CA  1 
ATOM   606  C C   . TYR A 1 86 ? 0.185   -14.539 19.267  1.00 10.82 ? 399 TYR A C   1 
ATOM   607  O O   . TYR A 1 86 ? -1.030  -14.709 19.336  1.00 11.28 ? 399 TYR A O   1 
ATOM   608  C CB  . TYR A 1 86 ? 0.912   -16.812 19.827  1.00 11.27 ? 399 TYR A CB  1 
ATOM   609  C CG  . TYR A 1 86 ? 1.723   -17.783 20.634  1.00 12.03 ? 399 TYR A CG  1 
ATOM   610  C CD1 . TYR A 1 86 ? 1.268   -18.224 21.865  1.00 11.24 ? 399 TYR A CD1 1 
ATOM   611  C CD2 . TYR A 1 86 ? 2.929   -18.279 20.156  1.00 11.86 ? 399 TYR A CD2 1 
ATOM   612  C CE1 . TYR A 1 86 ? 2.006   -19.112 22.610  1.00 13.10 ? 399 TYR A CE1 1 
ATOM   613  C CE2 . TYR A 1 86 ? 3.668   -19.182 20.892  1.00 11.08 ? 399 TYR A CE2 1 
ATOM   614  C CZ  . TYR A 1 86 ? 3.192   -19.597 22.116  1.00 12.43 ? 399 TYR A CZ  1 
ATOM   615  O OH  . TYR A 1 86 ? 3.908   -20.485 22.889  1.00 13.94 ? 399 TYR A OH  1 
ATOM   616  N N   . LEU A 1 87 ? 0.780   -13.691 18.444  1.00 10.08 ? 400 LEU A N   1 
ATOM   617  C CA  . LEU A 1 87 ? 0.086   -12.800 17.579  1.00 9.17  ? 400 LEU A CA  1 
ATOM   618  C C   . LEU A 1 87 ? 0.226   -13.336 16.153  1.00 9.93  ? 400 LEU A C   1 
ATOM   619  O O   . LEU A 1 87 ? 1.329   -13.346 15.579  1.00 9.94  ? 400 LEU A O   1 
ATOM   620  C CB  . LEU A 1 87 ? 0.735   -11.420 17.698  1.00 8.92  ? 400 LEU A CB  1 
ATOM   621  C CG  . LEU A 1 87 ? 0.118   -10.236 16.983  1.00 8.91  ? 400 LEU A CG  1 
ATOM   622  C CD1 . LEU A 1 87 ? -1.246  -9.971  17.665  1.00 6.88  ? 400 LEU A CD1 1 
ATOM   623  C CD2 . LEU A 1 87 ? 1.066   -9.037  17.044  1.00 8.29  ? 400 LEU A CD2 1 
ATOM   624  N N   . LYS A 1 88 ? -0.888  -13.781 15.577  1.00 9.69  ? 401 LYS A N   1 
ATOM   625  C CA  . LYS A 1 88 ? -0.880  -14.191 14.205  1.00 10.14 ? 401 LYS A CA  1 
ATOM   626  C C   . LYS A 1 88 ? -1.231  -12.989 13.367  1.00 10.71 ? 401 LYS A C   1 
ATOM   627  O O   . LYS A 1 88 ? -2.200  -12.259 13.685  1.00 10.37 ? 401 LYS A O   1 
ATOM   628  C CB  . LYS A 1 88 ? -1.833  -15.349 13.956  1.00 9.85  ? 401 LYS A CB  1 
ATOM   629  C CG  . LYS A 1 88 ? -1.193  -16.625 14.348  1.00 13.17 ? 401 LYS A CG  1 
ATOM   630  C CD  . LYS A 1 88 ? -1.929  -17.881 13.880  1.00 17.97 ? 401 LYS A CD  1 
ATOM   631  C CE  . LYS A 1 88 ? -1.417  -19.091 14.673  1.00 19.09 ? 401 LYS A CE  1 
ATOM   632  N NZ  . LYS A 1 88 ? -1.812  -19.029 16.139  1.00 18.70 ? 401 LYS A NZ  1 
ATOM   633  N N   . VAL A 1 89 ? -0.420  -12.778 12.325  1.00 11.02 ? 402 VAL A N   1 
ATOM   634  C CA  . VAL A 1 89 ? -0.598  -11.673 11.380  1.00 12.36 ? 402 VAL A CA  1 
ATOM   635  C C   . VAL A 1 89 ? -0.440  -12.153 9.929   1.00 13.30 ? 402 VAL A C   1 
ATOM   636  O O   . VAL A 1 89 ? 0.164   -13.187 9.679   1.00 13.28 ? 402 VAL A O   1 
ATOM   637  C CB  . VAL A 1 89 ? 0.433   -10.483 11.633  1.00 12.59 ? 402 VAL A CB  1 
ATOM   638  C CG1 . VAL A 1 89 ? 0.605   -10.190 13.104  1.00 9.72  ? 402 VAL A CG1 1 
ATOM   639  C CG2 . VAL A 1 89 ? 1.816   -10.759 10.948  1.00 12.50 ? 402 VAL A CG2 1 
ATOM   640  N N   . ALA A 1 90 ? -1.005  -11.409 8.986   1.00 14.84 ? 403 ALA A N   1 
ATOM   641  C CA  . ALA A 1 90 ? -0.709  -11.581 7.572   1.00 16.07 ? 403 ALA A CA  1 
ATOM   642  C C   . ALA A 1 90 ? -0.047  -10.302 7.054   1.00 17.89 ? 403 ALA A C   1 
ATOM   643  O O   . ALA A 1 90 ? -0.564  -9.203  7.261   1.00 18.31 ? 403 ALA A O   1 
ATOM   644  C CB  . ALA A 1 90 ? -1.961  -11.879 6.816   1.00 15.43 ? 403 ALA A CB  1 
ATOM   645  N N   . LYS A 1 91 ? 1.110   -10.457 6.412   1.00 20.31 ? 404 LYS A N   1 
ATOM   646  C CA  . LYS A 1 91 ? 1.775   -9.381  5.667   1.00 22.69 ? 404 LYS A CA  1 
ATOM   647  C C   . LYS A 1 91 ? 0.975   -9.010  4.429   1.00 24.69 ? 404 LYS A C   1 
ATOM   648  O O   . LYS A 1 91 ? 0.449   -9.898  3.761   1.00 25.39 ? 404 LYS A O   1 
ATOM   649  C CB  . LYS A 1 91 ? 3.189   -9.813  5.242   1.00 22.01 ? 404 LYS A CB  1 
ATOM   650  C CG  . LYS A 1 91 ? 4.063   -10.301 6.401   1.00 21.95 ? 404 LYS A CG  1 
ATOM   651  C CD  . LYS A 1 91 ? 4.628   -9.145  7.168   1.00 19.44 ? 404 LYS A CD  1 
ATOM   652  C CE  . LYS A 1 91 ? 5.145   -9.546  8.524   1.00 16.77 ? 404 LYS A CE  1 
ATOM   653  N NZ  . LYS A 1 91 ? 5.445   -8.278  9.282   1.00 15.46 ? 404 LYS A NZ  1 
ATOM   654  N N   . PRO A 1 92 ? 0.875   -7.703  4.116   1.00 27.21 ? 405 PRO A N   1 
ATOM   655  C CA  . PRO A 1 92 ? 0.173   -7.226  2.892   1.00 29.70 ? 405 PRO A CA  1 
ATOM   656  C C   . PRO A 1 92 ? 0.664   -7.826  1.548   1.00 31.80 ? 405 PRO A C   1 
ATOM   657  O O   . PRO A 1 92 ? 1.874   -7.989  1.322   1.00 31.60 ? 405 PRO A O   1 
ATOM   658  C CB  . PRO A 1 92 ? 0.453   -5.715  2.895   1.00 29.91 ? 405 PRO A CB  1 
ATOM   659  C CG  . PRO A 1 92 ? 1.606   -5.525  3.891   1.00 28.57 ? 405 PRO A CG  1 
ATOM   660  C CD  . PRO A 1 92 ? 1.408   -6.579  4.907   1.00 26.81 ? 405 PRO A CD  1 
ATOM   661  N N   . THR A 1 93 ? -0.279  -8.135  0.665   1.00 34.30 ? 406 THR A N   1 
ATOM   662  C CA  . THR A 1 93 ? 0.060   -8.513  -0.706  1.00 37.23 ? 406 THR A CA  1 
ATOM   663  C C   . THR A 1 93 ? 0.347   -7.253  -1.559  1.00 38.99 ? 406 THR A C   1 
ATOM   664  O O   . THR A 1 93 ? 1.439   -7.097  -2.112  1.00 38.73 ? 406 THR A O   1 
ATOM   665  C CB  . THR A 1 93 ? -1.044  -9.383  -1.307  1.00 37.14 ? 406 THR A CB  1 
ATOM   666  O OG1 . THR A 1 93 ? -1.285  -10.486 -0.424  1.00 37.68 ? 406 THR A OG1 1 
ATOM   667  C CG2 . THR A 1 93 ? -0.628  -9.914  -2.673  1.00 38.43 ? 406 THR A CG2 1 
ATOM   668  N N   . SER A 1 94 ? -0.626  -6.344  -1.617  1.00 41.75 ? 407 SER A N   1 
ATOM   669  C CA  . SER A 1 94 ? -0.461  -5.022  -2.242  1.00 44.12 ? 407 SER A CA  1 
ATOM   670  C C   . SER A 1 94 ? 0.574   -4.178  -1.487  1.00 45.85 ? 407 SER A C   1 
ATOM   671  O O   . SER A 1 94 ? 1.503   -4.710  -0.886  1.00 45.94 ? 407 SER A O   1 
ATOM   672  C CB  . SER A 1 94 ? -1.815  -4.289  -2.304  1.00 44.10 ? 407 SER A CB  1 
ATOM   673  O OG  . SER A 1 94 ? -2.669  -4.847  -3.292  1.00 43.07 ? 407 SER A OG  1 
ATOM   674  N N   . MET A 1 95 ? 0.424   -2.862  -1.524  1.00 48.23 ? 408 MET A N   1 
ATOM   675  C CA  . MET A 1 95 ? 1.348   -2.000  -0.795  1.00 50.88 ? 408 MET A CA  1 
ATOM   676  C C   . MET A 1 95 ? 0.606   -0.992  0.073   1.00 51.78 ? 408 MET A C   1 
ATOM   677  O O   . MET A 1 95 ? -0.241  -0.263  -0.459  1.00 52.15 ? 408 MET A O   1 
ATOM   678  C CB  . MET A 1 95 ? 2.287   -1.266  -1.762  1.00 50.59 ? 408 MET A CB  1 
ATOM   679  C CG  . MET A 1 95 ? 3.643   -1.937  -1.946  1.00 51.61 ? 408 MET A CG  1 
ATOM   680  S SD  . MET A 1 95 ? 4.994   -0.756  -2.241  1.00 52.56 ? 408 MET A SD  1 
ATOM   681  C CE  . MET A 1 95 ? 5.075   0.139   -0.682  1.00 53.80 ? 408 MET A CE  1 
ATOM   682  N N   . TYR A 1 96 ? 0.903   -0.978  1.388   1.00 52.67 ? 409 TYR A N   1 
ATOM   683  C CA  . TYR A 1 96 ? 0.525   0.134   2.291   1.00 53.81 ? 409 TYR A CA  1 
ATOM   684  C C   . TYR A 1 96 ? -0.012  -0.186  3.717   1.00 54.27 ? 409 TYR A C   1 
ATOM   685  O O   . TYR A 1 96 ? 0.717   -0.699  4.569   1.00 54.50 ? 409 TYR A O   1 
ATOM   686  C CB  . TYR A 1 96 ? -0.423  1.125   1.586   1.00 54.20 ? 409 TYR A CB  1 
ATOM   687  C CG  . TYR A 1 96 ? -0.262  2.556   2.030   1.00 54.77 ? 409 TYR A CG  1 
ATOM   688  C CD1 . TYR A 1 96 ? 1.008   3.092   2.272   1.00 54.72 ? 409 TYR A CD1 1 
ATOM   689  C CD2 . TYR A 1 96 ? -1.379  3.384   2.188   1.00 55.59 ? 409 TYR A CD2 1 
ATOM   690  C CE1 . TYR A 1 96 ? 1.166   4.405   2.675   1.00 55.29 ? 409 TYR A CE1 1 
ATOM   691  C CE2 . TYR A 1 96 ? -1.235  4.706   2.589   1.00 56.40 ? 409 TYR A CE2 1 
ATOM   692  C CZ  . TYR A 1 96 ? 0.043   5.212   2.830   1.00 55.72 ? 409 TYR A CZ  1 
ATOM   693  O OH  . TYR A 1 96 ? 0.197   6.525   3.230   1.00 55.49 ? 409 TYR A OH  1 
ATOM   694  N N   . ILE A 1 97 ? -1.284  0.160   3.944   1.00 54.54 ? 410 ILE A N   1 
ATOM   695  C CA  . ILE A 1 97 ? -1.945  0.256   5.265   1.00 54.58 ? 410 ILE A CA  1 
ATOM   696  C C   . ILE A 1 97 ? -1.114  0.891   6.392   1.00 54.67 ? 410 ILE A C   1 
ATOM   697  O O   . ILE A 1 97 ? -1.721  1.345   7.414   1.00 54.76 ? 410 ILE A O   1 
ATOM   698  C CB  . ILE A 1 97 ? -2.550  -1.087  5.728   1.00 54.42 ? 410 ILE A CB  1 
ATOM   699  N N   . ILE B 1 4  ? -5.109  -5.689  -13.492 1.00 28.55 ? 317 ILE B N   1 
ATOM   700  C CA  . ILE B 1 4  ? -4.435  -4.774  -12.504 1.00 28.95 ? 317 ILE B CA  1 
ATOM   701  C C   . ILE B 1 4  ? -3.166  -5.348  -11.800 1.00 28.93 ? 317 ILE B C   1 
ATOM   702  O O   . ILE B 1 4  ? -3.204  -6.382  -11.132 1.00 29.60 ? 317 ILE B O   1 
ATOM   703  C CB  . ILE B 1 4  ? -5.435  -4.156  -11.510 1.00 28.77 ? 317 ILE B CB  1 
ATOM   704  C CG1 . ILE B 1 4  ? -6.477  -3.341  -12.295 1.00 28.93 ? 317 ILE B CG1 1 
ATOM   705  C CG2 . ILE B 1 4  ? -4.703  -3.312  -10.446 1.00 28.47 ? 317 ILE B CG2 1 
ATOM   706  C CD1 . ILE B 1 4  ? -7.584  -2.699  -11.463 1.00 29.76 ? 317 ILE B CD1 1 
ATOM   707  N N   . MET B 1 5  ? -2.046  -4.651  -11.975 1.00 28.13 ? 318 MET B N   1 
ATOM   708  C CA  . MET B 1 5  ? -0.770  -5.077  -11.426 1.00 26.85 ? 318 MET B CA  1 
ATOM   709  C C   . MET B 1 5  ? -0.026  -3.902  -10.821 1.00 25.89 ? 318 MET B C   1 
ATOM   710  O O   . MET B 1 5  ? -0.402  -2.743  -10.971 1.00 26.26 ? 318 MET B O   1 
ATOM   711  C CB  . MET B 1 5  ? 0.077   -5.740  -12.514 1.00 27.33 ? 318 MET B CB  1 
ATOM   712  N N   . GLU B 1 6  ? 1.037   -4.217  -10.116 1.00 25.00 ? 319 GLU B N   1 
ATOM   713  C CA  . GLU B 1 6  ? 1.820   -3.220  -9.426  1.00 24.15 ? 319 GLU B CA  1 
ATOM   714  C C   . GLU B 1 6  ? 3.220   -3.240  -9.999  1.00 22.56 ? 319 GLU B C   1 
ATOM   715  O O   . GLU B 1 6  ? 3.760   -4.304  -10.312 1.00 22.52 ? 319 GLU B O   1 
ATOM   716  C CB  . GLU B 1 6  ? 1.880   -3.541  -7.944  1.00 24.17 ? 319 GLU B CB  1 
ATOM   717  C CG  . GLU B 1 6  ? 0.515   -3.515  -7.256  1.00 25.97 ? 319 GLU B CG  1 
ATOM   718  C CD  . GLU B 1 6  ? 0.600   -3.640  -5.727  1.00 26.53 ? 319 GLU B CD  1 
ATOM   719  O OE1 . GLU B 1 6  ? 1.706   -3.898  -5.164  1.00 27.70 ? 319 GLU B OE1 1 
ATOM   720  O OE2 . GLU B 1 6  ? -0.463  -3.449  -5.091  1.00 31.53 ? 319 GLU B OE2 1 
ATOM   721  N N   . ILE B 1 7  ? 3.790   -2.053  -10.151 1.00 20.40 ? 320 ILE B N   1 
ATOM   722  C CA  . ILE B 1 7  ? 5.146   -1.907  -10.643 1.00 18.83 ? 320 ILE B CA  1 
ATOM   723  C C   . ILE B 1 7  ? 5.872   -0.946  -9.722  1.00 17.48 ? 320 ILE B C   1 
ATOM   724  O O   . ILE B 1 7  ? 5.326   0.069   -9.316  1.00 17.17 ? 320 ILE B O   1 
ATOM   725  C CB  . ILE B 1 7  ? 5.175   -1.462  -12.119 1.00 19.20 ? 320 ILE B CB  1 
ATOM   726  C CG1 . ILE B 1 7  ? 4.296   -2.427  -12.939 1.00 18.54 ? 320 ILE B CG1 1 
ATOM   727  C CG2 . ILE B 1 7  ? 6.629   -1.391  -12.627 1.00 17.53 ? 320 ILE B CG2 1 
ATOM   728  C CD1 . ILE B 1 7  ? 4.198   -2.107  -14.389 1.00 18.27 ? 320 ILE B CD1 1 
ATOM   729  N N   . LYS B 1 8  ? 7.090   -1.311  -9.362  1.00 16.28 ? 321 LYS B N   1 
ATOM   730  C CA  . LYS B 1 8  ? 7.828   -0.647  -8.304  1.00 15.41 ? 321 LYS B CA  1 
ATOM   731  C C   . LYS B 1 8  ? 9.155   -0.313  -8.914  1.00 14.99 ? 321 LYS B C   1 
ATOM   732  O O   . LYS B 1 8  ? 9.847   -1.188  -9.450  1.00 15.49 ? 321 LYS B O   1 
ATOM   733  C CB  . LYS B 1 8  ? 8.014   -1.576  -7.114  1.00 15.70 ? 321 LYS B CB  1 
ATOM   734  C CG  . LYS B 1 8  ? 6.711   -2.148  -6.542  1.00 16.86 ? 321 LYS B CG  1 
ATOM   735  C CD  . LYS B 1 8  ? 6.886   -2.604  -5.088  1.00 21.08 ? 321 LYS B CD  1 
ATOM   736  C CE  . LYS B 1 8  ? 7.428   -4.032  -5.001  1.00 23.20 ? 321 LYS B CE  1 
ATOM   737  N NZ  . LYS B 1 8  ? 6.338   -5.080  -4.934  1.00 24.36 ? 321 LYS B NZ  1 
ATOM   738  N N   . LEU B 1 9  ? 9.497   0.961   -8.876  1.00 14.30 ? 322 LEU B N   1 
ATOM   739  C CA  . LEU B 1 9  ? 10.662  1.451   -9.570  1.00 13.47 ? 322 LEU B CA  1 
ATOM   740  C C   . LEU B 1 9  ? 11.534  2.289   -8.659  1.00 13.99 ? 322 LEU B C   1 
ATOM   741  O O   . LEU B 1 9  ? 11.046  3.047   -7.822  1.00 14.03 ? 322 LEU B O   1 
ATOM   742  C CB  . LEU B 1 9  ? 10.255  2.255   -10.819 1.00 13.18 ? 322 LEU B CB  1 
ATOM   743  C CG  . LEU B 1 9  ? 9.402   1.568   -11.910 1.00 11.94 ? 322 LEU B CG  1 
ATOM   744  C CD1 . LEU B 1 9  ? 9.107   2.523   -13.044 1.00 10.17 ? 322 LEU B CD1 1 
ATOM   745  C CD2 . LEU B 1 9  ? 10.085  0.293   -12.460 1.00 11.27 ? 322 LEU B CD2 1 
ATOM   746  N N   . ILE B 1 10 ? 12.838  2.131   -8.819  1.00 14.33 ? 323 ILE B N   1 
ATOM   747  C CA  . ILE B 1 10 ? 13.765  3.058   -8.254  1.00 14.22 ? 323 ILE B CA  1 
ATOM   748  C C   . ILE B 1 10 ? 13.942  4.125   -9.322  1.00 15.08 ? 323 ILE B C   1 
ATOM   749  O O   . ILE B 1 10 ? 14.308  3.807   -10.453 1.00 15.08 ? 323 ILE B O   1 
ATOM   750  C CB  . ILE B 1 10 ? 15.125  2.375   -7.873  1.00 14.60 ? 323 ILE B CB  1 
ATOM   751  C CG1 . ILE B 1 10 ? 14.899  1.314   -6.775  1.00 13.93 ? 323 ILE B CG1 1 
ATOM   752  C CG2 . ILE B 1 10 ? 16.149  3.418   -7.451  1.00 12.08 ? 323 ILE B CG2 1 
ATOM   753  C CD1 . ILE B 1 10 ? 16.042  0.337   -6.611  1.00 13.12 ? 323 ILE B CD1 1 
ATOM   754  N N   . LYS B 1 11 ? 13.651  5.378   -8.972  1.00 15.80 ? 324 LYS B N   1 
ATOM   755  C CA  . LYS B 1 11 ? 13.867  6.494   -9.875  1.00 17.39 ? 324 LYS B CA  1 
ATOM   756  C C   . LYS B 1 11 ? 15.350  6.698   -10.293 1.00 18.54 ? 324 LYS B C   1 
ATOM   757  O O   . LYS B 1 11 ? 16.225  6.823   -9.447  1.00 18.31 ? 324 LYS B O   1 
ATOM   758  C CB  . LYS B 1 11 ? 13.272  7.777   -9.290  1.00 17.79 ? 324 LYS B CB  1 
ATOM   759  C CG  . LYS B 1 11 ? 13.075  8.877   -10.306 1.00 16.46 ? 324 LYS B CG  1 
ATOM   760  C CD  . LYS B 1 11 ? 12.882  10.191  -9.635  1.00 20.36 ? 324 LYS B CD  1 
ATOM   761  C CE  . LYS B 1 11 ? 11.440  10.594  -9.631  1.00 25.91 ? 324 LYS B CE  1 
ATOM   762  N NZ  . LYS B 1 11 ? 11.257  12.000  -10.182 1.00 27.53 ? 324 LYS B NZ  1 
ATOM   763  N N   . GLY B 1 12 ? 15.613  6.723   -11.605 1.00 19.43 ? 325 GLY B N   1 
ATOM   764  C CA  . GLY B 1 12 ? 16.971  6.924   -12.100 1.00 20.75 ? 325 GLY B CA  1 
ATOM   765  C C   . GLY B 1 12 ? 17.382  8.386   -12.209 1.00 21.83 ? 325 GLY B C   1 
ATOM   766  O O   . GLY B 1 12 ? 16.614  9.277   -11.816 1.00 20.98 ? 325 GLY B O   1 
ATOM   767  N N   . PRO B 1 13 ? 18.591  8.645   -12.783 1.00 22.82 ? 326 PRO B N   1 
ATOM   768  C CA  . PRO B 1 13 ? 19.115  10.017  -12.954 1.00 23.19 ? 326 PRO B CA  1 
ATOM   769  C C   . PRO B 1 13 ? 18.300  10.769  -14.019 1.00 22.87 ? 326 PRO B C   1 
ATOM   770  O O   . PRO B 1 13 ? 18.097  11.997  -13.903 1.00 22.82 ? 326 PRO B O   1 
ATOM   771  C CB  . PRO B 1 13 ? 20.558  9.797   -13.453 1.00 23.81 ? 326 PRO B CB  1 
ATOM   772  C CG  . PRO B 1 13 ? 20.849  8.348   -13.273 1.00 23.58 ? 326 PRO B CG  1 
ATOM   773  C CD  . PRO B 1 13 ? 19.511  7.651   -13.362 1.00 23.24 ? 326 PRO B CD  1 
ATOM   774  N N   . LYS B 1 14 ? 17.813  10.023  -15.019 1.00 21.76 ? 327 LYS B N   1 
ATOM   775  C CA  . LYS B 1 14 ? 16.813  10.537  -15.963 1.00 20.66 ? 327 LYS B CA  1 
ATOM   776  C C   . LYS B 1 14 ? 15.348  10.209  -15.553 1.00 19.80 ? 327 LYS B C   1 
ATOM   777  O O   . LYS B 1 14 ? 14.427  10.181  -16.390 1.00 20.08 ? 327 LYS B O   1 
ATOM   778  C CB  . LYS B 1 14 ? 17.146  10.103  -17.400 1.00 20.48 ? 327 LYS B CB  1 
ATOM   779  C CG  . LYS B 1 14 ? 18.404  10.750  -17.961 1.00 20.16 ? 327 LYS B CG  1 
ATOM   780  N N   . GLY B 1 15 ? 15.134  9.973   -14.264 1.00 18.17 ? 328 GLY B N   1 
ATOM   781  C CA  . GLY B 1 15 ? 13.782  9.759   -13.776 1.00 16.27 ? 328 GLY B CA  1 
ATOM   782  C C   . GLY B 1 15 ? 13.320  8.324   -13.891 1.00 15.04 ? 328 GLY B C   1 
ATOM   783  O O   . GLY B 1 15 ? 14.128  7.388   -13.846 1.00 15.45 ? 328 GLY B O   1 
ATOM   784  N N   . LEU B 1 16 ? 12.011  8.147   -14.038 1.00 13.87 ? 329 LEU B N   1 
ATOM   785  C CA  . LEU B 1 16 ? 11.407  6.803   -14.130 1.00 12.75 ? 329 LEU B CA  1 
ATOM   786  C C   . LEU B 1 16 ? 11.491  6.135   -15.506 1.00 12.18 ? 329 LEU B C   1 
ATOM   787  O O   . LEU B 1 16 ? 11.445  4.907   -15.617 1.00 11.66 ? 329 LEU B O   1 
ATOM   788  C CB  . LEU B 1 16 ? 9.950   6.859   -13.677 1.00 13.07 ? 329 LEU B CB  1 
ATOM   789  C CG  . LEU B 1 16 ? 9.734   7.382   -12.260 1.00 10.35 ? 329 LEU B CG  1 
ATOM   790  C CD1 . LEU B 1 16 ? 8.259   7.613   -12.110 1.00 9.74  ? 329 LEU B CD1 1 
ATOM   791  C CD2 . LEU B 1 16 ? 10.245  6.386   -11.255 1.00 8.15  ? 329 LEU B CD2 1 
ATOM   792  N N   . GLY B 1 17 ? 11.614  6.959   -16.547 1.00 11.71 ? 330 GLY B N   1 
ATOM   793  C CA  . GLY B 1 17 ? 11.845  6.491   -17.908 1.00 10.86 ? 330 GLY B CA  1 
ATOM   794  C C   . GLY B 1 17 ? 10.609  6.059   -18.681 1.00 10.19 ? 330 GLY B C   1 
ATOM   795  O O   . GLY B 1 17 ? 10.603  5.012   -19.307 1.00 10.03 ? 330 GLY B O   1 
ATOM   796  N N   . PHE B 1 18 ? 9.561   6.860   -18.625 1.00 9.48  ? 331 PHE B N   1 
ATOM   797  C CA  . PHE B 1 18 ? 8.435   6.678   -19.516 1.00 9.68  ? 331 PHE B CA  1 
ATOM   798  C C   . PHE B 1 18 ? 7.689   7.995   -19.705 1.00 9.57  ? 331 PHE B C   1 
ATOM   799  O O   . PHE B 1 18 ? 7.814   8.933   -18.903 1.00 8.58  ? 331 PHE B O   1 
ATOM   800  C CB  . PHE B 1 18 ? 7.464   5.571   -19.032 1.00 9.23  ? 331 PHE B CB  1 
ATOM   801  C CG  . PHE B 1 18 ? 6.857   5.825   -17.686 1.00 7.54  ? 331 PHE B CG  1 
ATOM   802  C CD1 . PHE B 1 18 ? 5.682   6.537   -17.563 1.00 6.06  ? 331 PHE B CD1 1 
ATOM   803  C CD2 . PHE B 1 18 ? 7.446   5.303   -16.537 1.00 8.52  ? 331 PHE B CD2 1 
ATOM   804  C CE1 . PHE B 1 18 ? 5.114   6.778   -16.309 1.00 7.59  ? 331 PHE B CE1 1 
ATOM   805  C CE2 . PHE B 1 18 ? 6.870   5.494   -15.275 1.00 8.91  ? 331 PHE B CE2 1 
ATOM   806  C CZ  . PHE B 1 18 ? 5.695   6.252   -15.166 1.00 8.17  ? 331 PHE B CZ  1 
ATOM   807  N N   . SER B 1 19 ? 6.908   8.046   -20.765 1.00 9.79  ? 332 SER B N   1 
ATOM   808  C CA  . SER B 1 19 ? 6.046   9.179   -20.958 1.00 11.77 ? 332 SER B CA  1 
ATOM   809  C C   . SER B 1 19 ? 4.607   8.713   -20.983 1.00 11.94 ? 332 SER B C   1 
ATOM   810  O O   . SER B 1 19 ? 4.308   7.540   -21.319 1.00 10.53 ? 332 SER B O   1 
ATOM   811  C CB  . SER B 1 19 ? 6.399   9.922   -22.255 1.00 12.33 ? 332 SER B CB  1 
ATOM   812  O OG  . SER B 1 19 ? 6.252   9.043   -23.350 1.00 15.30 ? 332 SER B OG  1 
ATOM   813  N N   . ILE B 1 20 ? 3.735   9.667   -20.631 1.00 12.00 ? 333 ILE B N   1 
ATOM   814  C CA  . ILE B 1 20 ? 2.295   9.472   -20.558 1.00 11.52 ? 333 ILE B CA  1 
ATOM   815  C C   . ILE B 1 20 ? 1.503   10.396  -21.490 1.00 11.72 ? 333 ILE B C   1 
ATOM   816  O O   . ILE B 1 20 ? 2.011   11.396  -22.017 1.00 12.15 ? 333 ILE B O   1 
ATOM   817  C CB  . ILE B 1 20 ? 1.785   9.652   -19.101 1.00 11.82 ? 333 ILE B CB  1 
ATOM   818  C CG1 . ILE B 1 20 ? 2.179   11.044  -18.554 1.00 11.41 ? 333 ILE B CG1 1 
ATOM   819  C CG2 . ILE B 1 20 ? 2.268   8.492   -18.230 1.00 11.63 ? 333 ILE B CG2 1 
ATOM   820  C CD1 . ILE B 1 20 ? 1.318   11.566  -17.362 1.00 10.52 ? 333 ILE B CD1 1 
ATOM   821  N N   . ALA B 1 21 ? 0.245   10.034  -21.701 1.00 11.37 ? 334 ALA B N   1 
ATOM   822  C CA  . ALA B 1 21 ? -0.716  10.878  -22.401 1.00 11.34 ? 334 ALA B CA  1 
ATOM   823  C C   . ALA B 1 21 ? -2.026  10.659  -21.638 1.00 11.31 ? 334 ALA B C   1 
ATOM   824  O O   . ALA B 1 21 ? -2.021  9.962   -20.640 1.00 12.18 ? 334 ALA B O   1 
ATOM   825  C CB  . ALA B 1 21 ? -0.837  10.459  -23.869 1.00 10.05 ? 334 ALA B CB  1 
ATOM   826  N N   . GLY B 1 22 ? -3.129  11.249  -22.083 1.00 11.37 ? 335 GLY B N   1 
ATOM   827  C CA  . GLY B 1 22 ? -4.408  11.102  -21.393 1.00 10.45 ? 335 GLY B CA  1 
ATOM   828  C C   . GLY B 1 22 ? -4.698  12.186  -20.375 1.00 10.25 ? 335 GLY B C   1 
ATOM   829  O O   . GLY B 1 22 ? -3.942  13.143  -20.230 1.00 9.92  ? 335 GLY B O   1 
ATOM   830  N N   . GLY B 1 23 ? -5.823  12.033  -19.688 1.00 10.81 ? 336 GLY B N   1 
ATOM   831  C CA  . GLY B 1 23 ? -6.262  12.947  -18.647 1.00 10.28 ? 336 GLY B CA  1 
ATOM   832  C C   . GLY B 1 23 ? -7.557  13.609  -19.033 1.00 10.50 ? 336 GLY B C   1 
ATOM   833  O O   . GLY B 1 23 ? -7.856  13.711  -20.214 1.00 10.75 ? 336 GLY B O   1 
ATOM   834  N N   . VAL B 1 24 ? -8.328  14.054  -18.040 1.00 10.93 ? 337 VAL B N   1 
ATOM   835  C CA  . VAL B 1 24 ? -9.553  14.800  -18.292 1.00 11.37 ? 337 VAL B CA  1 
ATOM   836  C C   . VAL B 1 24 ? -9.173  16.080  -19.050 1.00 12.50 ? 337 VAL B C   1 
ATOM   837  O O   . VAL B 1 24 ? -8.324  16.849  -18.594 1.00 13.76 ? 337 VAL B O   1 
ATOM   838  C CB  . VAL B 1 24 ? -10.304 15.164  -16.986 1.00 11.41 ? 337 VAL B CB  1 
ATOM   839  C CG1 . VAL B 1 24 ? -11.490 16.065  -17.275 1.00 10.15 ? 337 VAL B CG1 1 
ATOM   840  C CG2 . VAL B 1 24 ? -10.764 13.919  -16.232 1.00 9.34  ? 337 VAL B CG2 1 
ATOM   841  N N   . GLY B 1 25 ? -9.776  16.283  -20.218 1.00 12.71 ? 338 GLY B N   1 
ATOM   842  C CA  . GLY B 1 25 ? -9.506  17.461  -21.006 1.00 13.49 ? 338 GLY B CA  1 
ATOM   843  C C   . GLY B 1 25 ? -8.261  17.297  -21.846 1.00 14.19 ? 338 GLY B C   1 
ATOM   844  O O   . GLY B 1 25 ? -7.730  18.282  -22.380 1.00 13.65 ? 338 GLY B O   1 
ATOM   845  N N   . ASN B 1 26 ? -7.805  16.047  -21.993 1.00 14.79 ? 339 ASN B N   1 
ATOM   846  C CA  . ASN B 1 26 ? -6.615  15.752  -22.784 1.00 14.84 ? 339 ASN B CA  1 
ATOM   847  C C   . ASN B 1 26 ? -6.672  14.338  -23.326 1.00 14.96 ? 339 ASN B C   1 
ATOM   848  O O   . ASN B 1 26 ? -5.661  13.614  -23.370 1.00 15.19 ? 339 ASN B O   1 
ATOM   849  C CB  . ASN B 1 26 ? -5.339  16.002  -21.961 1.00 15.20 ? 339 ASN B CB  1 
ATOM   850  C CG  . ASN B 1 26 ? -4.081  16.031  -22.818 1.00 17.36 ? 339 ASN B CG  1 
ATOM   851  O OD1 . ASN B 1 26 ? -3.972  16.821  -23.752 1.00 20.45 ? 339 ASN B OD1 1 
ATOM   852  N ND2 . ASN B 1 26 ? -3.127  15.165  -22.500 1.00 17.68 ? 339 ASN B ND2 1 
ATOM   853  N N   . GLN B 1 27 ? -7.850  13.955  -23.807 1.00 14.84 ? 340 GLN B N   1 
ATOM   854  C CA  . GLN B 1 27 ? -8.097  12.539  -24.082 1.00 14.27 ? 340 GLN B CA  1 
ATOM   855  C C   . GLN B 1 27 ? -7.172  11.969  -25.155 1.00 14.79 ? 340 GLN B C   1 
ATOM   856  O O   . GLN B 1 27 ? -7.118  12.459  -26.291 1.00 14.79 ? 340 GLN B O   1 
ATOM   857  C CB  . GLN B 1 27 ? -9.560  12.245  -24.406 1.00 12.73 ? 340 GLN B CB  1 
ATOM   858  C CG  . GLN B 1 27 ? -10.530 12.962  -23.538 1.00 10.82 ? 340 GLN B CG  1 
ATOM   859  C CD  . GLN B 1 27 ? -11.954 12.649  -23.906 1.00 7.64  ? 340 GLN B CD  1 
ATOM   860  O OE1 . GLN B 1 27 ? -12.296 12.539  -25.077 1.00 8.15  ? 340 GLN B OE1 1 
ATOM   861  N NE2 . GLN B 1 27 ? -12.788 12.457  -22.906 1.00 5.77  ? 340 GLN B NE2 1 
ATOM   862  N N   . HIS B 1 28 ? -6.464  10.906  -24.771 1.00 14.86 ? 341 HIS B N   1 
ATOM   863  C CA  . HIS B 1 28 ? -5.536  10.213  -25.664 1.00 15.06 ? 341 HIS B CA  1 
ATOM   864  C C   . HIS B 1 28 ? -6.330  9.376   -26.663 1.00 15.41 ? 341 HIS B C   1 
ATOM   865  O O   . HIS B 1 28 ? -5.927  9.211   -27.826 1.00 15.08 ? 341 HIS B O   1 
ATOM   866  C CB  . HIS B 1 28 ? -4.609  9.368   -24.806 1.00 14.82 ? 341 HIS B CB  1 
ATOM   867  C CG  . HIS B 1 28 ? -3.674  8.501   -25.575 1.00 14.44 ? 341 HIS B CG  1 
ATOM   868  N ND1 . HIS B 1 28 ? -2.671  9.011   -26.377 1.00 15.39 ? 341 HIS B ND1 1 
ATOM   869  C CD2 . HIS B 1 28 ? -3.555  7.154   -25.621 1.00 12.23 ? 341 HIS B CD2 1 
ATOM   870  C CE1 . HIS B 1 28 ? -1.999  8.011   -26.915 1.00 14.35 ? 341 HIS B CE1 1 
ATOM   871  N NE2 . HIS B 1 28 ? -2.508  6.875   -26.460 1.00 13.91 ? 341 HIS B NE2 1 
ATOM   872  N N   . ILE B 1 29 ? -7.466  8.869   -26.172 1.00 15.36 ? 342 ILE B N   1 
ATOM   873  C CA  . ILE B 1 29 ? -8.472  8.183   -26.954 1.00 15.77 ? 342 ILE B CA  1 
ATOM   874  C C   . ILE B 1 29 ? -9.788  8.966   -26.744 1.00 16.10 ? 342 ILE B C   1 
ATOM   875  O O   . ILE B 1 29 ? -10.131 9.265   -25.595 1.00 16.86 ? 342 ILE B O   1 
ATOM   876  C CB  . ILE B 1 29 ? -8.611  6.679   -26.512 1.00 15.89 ? 342 ILE B CB  1 
ATOM   877  C CG1 . ILE B 1 29 ? -7.245  5.971   -26.648 1.00 16.35 ? 342 ILE B CG1 1 
ATOM   878  C CG2 . ILE B 1 29 ? -9.684  5.976   -27.346 1.00 15.97 ? 342 ILE B CG2 1 
ATOM   879  C CD1 . ILE B 1 29 ? -7.131  4.574   -26.092 1.00 14.59 ? 342 ILE B CD1 1 
ATOM   880  N N   . PRO B 1 30 ? -10.517 9.313   -27.837 1.00 15.71 ? 343 PRO B N   1 
ATOM   881  C CA  . PRO B 1 30 ? -11.765 10.105  -27.667 1.00 15.17 ? 343 PRO B CA  1 
ATOM   882  C C   . PRO B 1 30 ? -12.771 9.366   -26.791 1.00 14.45 ? 343 PRO B C   1 
ATOM   883  O O   . PRO B 1 30 ? -13.059 8.214   -27.046 1.00 14.28 ? 343 PRO B O   1 
ATOM   884  C CB  . PRO B 1 30 ? -12.309 10.273  -29.105 1.00 14.73 ? 343 PRO B CB  1 
ATOM   885  C CG  . PRO B 1 30 ? -11.130 9.999   -30.022 1.00 16.13 ? 343 PRO B CG  1 
ATOM   886  C CD  . PRO B 1 30 ? -10.237 9.000   -29.257 1.00 15.92 ? 343 PRO B CD  1 
ATOM   887  N N   . GLY B 1 31 ? -13.277 10.016  -25.750 1.00 14.24 ? 344 GLY B N   1 
ATOM   888  C CA  . GLY B 1 31 ? -14.186 9.356   -24.795 1.00 13.44 ? 344 GLY B CA  1 
ATOM   889  C C   . GLY B 1 31 ? -13.508 8.811   -23.552 1.00 13.20 ? 344 GLY B C   1 
ATOM   890  O O   . GLY B 1 31 ? -14.169 8.420   -22.587 1.00 13.76 ? 344 GLY B O   1 
ATOM   891  N N   . ASP B 1 32 ? -12.183 8.787   -23.566 1.00 12.55 ? 345 ASP B N   1 
ATOM   892  C CA  . ASP B 1 32 ? -11.424 8.096   -22.549 1.00 12.01 ? 345 ASP B CA  1 
ATOM   893  C C   . ASP B 1 32 ? -10.466 9.069   -21.881 1.00 11.89 ? 345 ASP B C   1 
ATOM   894  O O   . ASP B 1 32 ? -9.548  9.630   -22.521 1.00 12.31 ? 345 ASP B O   1 
ATOM   895  C CB  . ASP B 1 32 ? -10.661 6.913   -23.172 1.00 12.28 ? 345 ASP B CB  1 
ATOM   896  C CG  . ASP B 1 32 ? -9.912  6.079   -22.133 1.00 12.50 ? 345 ASP B CG  1 
ATOM   897  O OD1 . ASP B 1 32 ? -9.826  6.484   -20.954 1.00 13.83 ? 345 ASP B OD1 1 
ATOM   898  O OD2 . ASP B 1 32 ? -9.427  5.004   -22.487 1.00 11.75 ? 345 ASP B OD2 1 
ATOM   899  N N   . ASN B 1 33 ? -10.673 9.256   -20.584 1.00 11.01 ? 346 ASN B N   1 
ATOM   900  C CA  . ASN B 1 33 ? -9.895  10.198  -19.816 1.00 9.88  ? 346 ASN B CA  1 
ATOM   901  C C   . ASN B 1 33 ? -8.714  9.510   -19.116 1.00 9.99  ? 346 ASN B C   1 
ATOM   902  O O   . ASN B 1 33 ? -8.014  10.133  -18.348 1.00 10.78 ? 346 ASN B O   1 
ATOM   903  C CB  . ASN B 1 33 ? -10.794 10.881  -18.782 1.00 9.51  ? 346 ASN B CB  1 
ATOM   904  C CG  . ASN B 1 33 ? -11.874 11.779  -19.407 1.00 8.43  ? 346 ASN B CG  1 
ATOM   905  O OD1 . ASN B 1 33 ? -11.675 12.405  -20.450 1.00 8.91  ? 346 ASN B OD1 1 
ATOM   906  N ND2 . ASN B 1 33 ? -12.997 11.888  -18.726 1.00 6.16  ? 346 ASN B ND2 1 
ATOM   907  N N   . SER B 1 34 ? -8.488  8.223   -19.357 1.00 9.69  ? 347 SER B N   1 
ATOM   908  C CA  . SER B 1 34 ? -7.392  7.511   -18.671 1.00 9.76  ? 347 SER B CA  1 
ATOM   909  C C   . SER B 1 34 ? -6.027  8.100   -18.982 1.00 9.37  ? 347 SER B C   1 
ATOM   910  O O   . SER B 1 34 ? -5.835  8.643   -20.044 1.00 8.92  ? 347 SER B O   1 
ATOM   911  C CB  . SER B 1 34 ? -7.374  6.034   -19.046 1.00 8.88  ? 347 SER B CB  1 
ATOM   912  O OG  . SER B 1 34 ? -8.584  5.417   -18.674 1.00 11.47 ? 347 SER B OG  1 
ATOM   913  N N   . ILE B 1 35 ? -5.100  7.980   -18.036 1.00 10.22 ? 348 ILE B N   1 
ATOM   914  C CA  . ILE B 1 35 ? -3.662  8.140   -18.291 1.00 10.36 ? 348 ILE B CA  1 
ATOM   915  C C   . ILE B 1 35 ? -3.053  6.854   -18.894 1.00 10.41 ? 348 ILE B C   1 
ATOM   916  O O   . ILE B 1 35 ? -3.248  5.739   -18.389 1.00 10.25 ? 348 ILE B O   1 
ATOM   917  C CB  . ILE B 1 35 ? -2.865  8.525   -17.003 1.00 10.16 ? 348 ILE B CB  1 
ATOM   918  C CG1 . ILE B 1 35 ? -3.524  9.696   -16.240 1.00 10.51 ? 348 ILE B CG1 1 
ATOM   919  C CG2 . ILE B 1 35 ? -1.416  8.780   -17.328 1.00 7.94  ? 348 ILE B CG2 1 
ATOM   920  C CD1 . ILE B 1 35 ? -3.651  11.020  -16.984 1.00 7.16  ? 348 ILE B CD1 1 
ATOM   921  N N   . TYR B 1 36 ? -2.302  7.044   -19.968 1.00 10.53 ? 349 TYR B N   1 
ATOM   922  C CA  . TYR B 1 36 ? -1.690  5.968   -20.686 1.00 11.34 ? 349 TYR B CA  1 
ATOM   923  C C   . TYR B 1 36 ? -0.178  6.078   -20.769 1.00 10.95 ? 349 TYR B C   1 
ATOM   924  O O   . TYR B 1 36 ? 0.332   7.150   -21.001 1.00 11.56 ? 349 TYR B O   1 
ATOM   925  C CB  . TYR B 1 36 ? -2.268  5.963   -22.100 1.00 11.91 ? 349 TYR B CB  1 
ATOM   926  C CG  . TYR B 1 36 ? -3.626  5.346   -22.124 1.00 12.63 ? 349 TYR B CG  1 
ATOM   927  C CD1 . TYR B 1 36 ? -3.759  3.955   -22.018 1.00 12.50 ? 349 TYR B CD1 1 
ATOM   928  C CD2 . TYR B 1 36 ? -4.777  6.135   -22.223 1.00 10.36 ? 349 TYR B CD2 1 
ATOM   929  C CE1 . TYR B 1 36 ? -4.992  3.358   -22.032 1.00 12.50 ? 349 TYR B CE1 1 
ATOM   930  C CE2 . TYR B 1 36 ? -6.019  5.538   -22.234 1.00 12.25 ? 349 TYR B CE2 1 
ATOM   931  C CZ  . TYR B 1 36 ? -6.110  4.151   -22.143 1.00 12.00 ? 349 TYR B CZ  1 
ATOM   932  O OH  . TYR B 1 36 ? -7.313  3.531   -22.148 1.00 12.66 ? 349 TYR B OH  1 
ATOM   933  N N   . VAL B 1 37 ? 0.532   4.967   -20.619 1.00 11.27 ? 350 VAL B N   1 
ATOM   934  C CA  . VAL B 1 37 ? 1.956   4.945   -20.959 1.00 11.90 ? 350 VAL B CA  1 
ATOM   935  C C   . VAL B 1 37 ? 2.058   4.939   -22.463 1.00 12.77 ? 350 VAL B C   1 
ATOM   936  O O   . VAL B 1 37 ? 1.470   4.064   -23.107 1.00 13.72 ? 350 VAL B O   1 
ATOM   937  C CB  . VAL B 1 37 ? 2.715   3.733   -20.384 1.00 11.11 ? 350 VAL B CB  1 
ATOM   938  C CG1 . VAL B 1 37 ? 4.172   3.804   -20.761 1.00 9.92  ? 350 VAL B CG1 1 
ATOM   939  C CG2 . VAL B 1 37 ? 2.585   3.716   -18.878 1.00 10.35 ? 350 VAL B CG2 1 
ATOM   940  N N   . THR B 1 38 ? 2.785   5.924   -23.004 1.00 13.02 ? 351 THR B N   1 
ATOM   941  C CA  . THR B 1 38 ? 2.961   6.083   -24.437 1.00 12.77 ? 351 THR B CA  1 
ATOM   942  C C   . THR B 1 38 ? 4.335   5.673   -24.898 1.00 13.42 ? 351 THR B C   1 
ATOM   943  O O   . THR B 1 38 ? 4.483   5.260   -26.032 1.00 14.48 ? 351 THR B O   1 
ATOM   944  C CB  . THR B 1 38 ? 2.688   7.548   -24.944 1.00 12.95 ? 351 THR B CB  1 
ATOM   945  O OG1 . THR B 1 38 ? 3.562   8.465   -24.291 1.00 11.18 ? 351 THR B OG1 1 
ATOM   946  C CG2 . THR B 1 38 ? 1.231   7.968   -24.724 1.00 11.29 ? 351 THR B CG2 1 
ATOM   947  N N   . LYS B 1 39 ? 5.342   5.780   -24.030 1.00 13.87 ? 352 LYS B N   1 
ATOM   948  C CA  . LYS B 1 39 ? 6.738   5.478   -24.387 1.00 13.64 ? 352 LYS B CA  1 
ATOM   949  C C   . LYS B 1 39 ? 7.509   4.940   -23.198 1.00 12.71 ? 352 LYS B C   1 
ATOM   950  O O   . LYS B 1 39 ? 7.421   5.491   -22.145 1.00 12.37 ? 352 LYS B O   1 
ATOM   951  C CB  . LYS B 1 39 ? 7.460   6.738   -24.894 1.00 14.17 ? 352 LYS B CB  1 
ATOM   952  C CG  . LYS B 1 39 ? 7.007   7.288   -26.258 1.00 15.75 ? 352 LYS B CG  1 
ATOM   953  C CD  . LYS B 1 39 ? 7.171   6.227   -27.367 1.00 18.31 ? 352 LYS B CD  1 
ATOM   954  C CE  . LYS B 1 39 ? 6.785   6.735   -28.748 1.00 15.79 ? 352 LYS B CE  1 
ATOM   955  N NZ  . LYS B 1 39 ? 7.184   5.685   -29.720 1.00 16.77 ? 352 LYS B NZ  1 
ATOM   956  N N   . ILE B 1 40 ? 8.279   3.866   -23.387 1.00 12.69 ? 353 ILE B N   1 
ATOM   957  C CA  . ILE B 1 40 ? 9.291   3.403   -22.410 1.00 11.38 ? 353 ILE B CA  1 
ATOM   958  C C   . ILE B 1 40 ? 10.675  3.769   -22.966 1.00 11.59 ? 353 ILE B C   1 
ATOM   959  O O   . ILE B 1 40 ? 11.083  3.237   -24.017 1.00 10.64 ? 353 ILE B O   1 
ATOM   960  C CB  . ILE B 1 40 ? 9.223   1.853   -22.210 1.00 11.55 ? 353 ILE B CB  1 
ATOM   961  C CG1 . ILE B 1 40 ? 7.778   1.383   -21.976 1.00 9.89  ? 353 ILE B CG1 1 
ATOM   962  C CG2 . ILE B 1 40 ? 10.239  1.383   -21.140 1.00 9.74  ? 353 ILE B CG2 1 
ATOM   963  C CD1 . ILE B 1 40 ? 7.329   1.445   -20.543 1.00 7.71  ? 353 ILE B CD1 1 
ATOM   964  N N   . ILE B 1 41 ? 11.376  4.664   -22.268 1.00 11.82 ? 354 ILE B N   1 
ATOM   965  C CA  . ILE B 1 41 ? 12.682  5.222   -22.702 1.00 12.81 ? 354 ILE B CA  1 
ATOM   966  C C   . ILE B 1 41 ? 13.862  4.227   -22.518 1.00 13.90 ? 354 ILE B C   1 
ATOM   967  O O   . ILE B 1 41 ? 14.020  3.657   -21.427 1.00 14.36 ? 354 ILE B O   1 
ATOM   968  C CB  . ILE B 1 41 ? 12.982  6.592   -21.974 1.00 12.80 ? 354 ILE B CB  1 
ATOM   969  C CG1 . ILE B 1 41 ? 11.812  7.601   -22.126 1.00 9.98  ? 354 ILE B CG1 1 
ATOM   970  C CG2 . ILE B 1 41 ? 14.328  7.189   -22.433 1.00 12.89 ? 354 ILE B CG2 1 
ATOM   971  C CD1 . ILE B 1 41 ? 11.108  7.614   -23.482 1.00 5.65  ? 354 ILE B CD1 1 
ATOM   972  N N   . GLU B 1 42 ? 14.646  3.979   -23.582 1.00 15.03 ? 355 GLU B N   1 
ATOM   973  C CA  . GLU B 1 42 ? 15.719  2.955   -23.528 1.00 15.97 ? 355 GLU B CA  1 
ATOM   974  C C   . GLU B 1 42 ? 16.739  3.228   -22.450 1.00 15.21 ? 355 GLU B C   1 
ATOM   975  O O   . GLU B 1 42 ? 17.312  4.298   -22.420 1.00 15.14 ? 355 GLU B O   1 
ATOM   976  C CB  . GLU B 1 42 ? 16.441  2.700   -24.880 1.00 15.70 ? 355 GLU B CB  1 
ATOM   977  C CG  . GLU B 1 42 ? 16.092  1.289   -25.422 1.00 17.97 ? 355 GLU B CG  1 
ATOM   978  C CD  . GLU B 1 42 ? 16.880  0.794   -26.628 1.00 18.39 ? 355 GLU B CD  1 
ATOM   979  O OE1 . GLU B 1 42 ? 18.087  1.092   -26.788 1.00 22.78 ? 355 GLU B OE1 1 
ATOM   980  O OE2 . GLU B 1 42 ? 16.276  0.044   -27.428 1.00 23.16 ? 355 GLU B OE2 1 
ATOM   981  N N   . GLY B 1 43 ? 16.950  2.222   -21.601 1.00 15.02 ? 356 GLY B N   1 
ATOM   982  C CA  . GLY B 1 43 ? 17.946  2.225   -20.553 1.00 14.90 ? 356 GLY B CA  1 
ATOM   983  C C   . GLY B 1 43 ? 17.491  2.945   -19.297 1.00 15.38 ? 356 GLY B C   1 
ATOM   984  O O   . GLY B 1 43 ? 18.300  3.140   -18.380 1.00 15.99 ? 356 GLY B O   1 
ATOM   985  N N   . GLY B 1 44 ? 16.217  3.354   -19.257 1.00 14.43 ? 357 GLY B N   1 
ATOM   986  C CA  . GLY B 1 44 ? 15.617  3.965   -18.074 1.00 13.67 ? 357 GLY B CA  1 
ATOM   987  C C   . GLY B 1 44 ? 15.052  2.921   -17.137 1.00 13.17 ? 357 GLY B C   1 
ATOM   988  O O   . GLY B 1 44 ? 15.020  1.732   -17.455 1.00 13.89 ? 357 GLY B O   1 
ATOM   989  N N   . ALA B 1 45 ? 14.606  3.363   -15.970 1.00 12.93 ? 358 ALA B N   1 
ATOM   990  C CA  . ALA B 1 45 ? 14.186  2.478   -14.886 1.00 11.88 ? 358 ALA B CA  1 
ATOM   991  C C   . ALA B 1 45 ? 13.032  1.542   -15.268 1.00 12.13 ? 358 ALA B C   1 
ATOM   992  O O   . ALA B 1 45 ? 13.051  0.362   -14.930 1.00 12.39 ? 358 ALA B O   1 
ATOM   993  C CB  . ALA B 1 45 ? 13.857  3.295   -13.638 1.00 11.01 ? 358 ALA B CB  1 
ATOM   994  N N   . ALA B 1 46 ? 12.041  2.064   -15.984 1.00 12.69 ? 359 ALA B N   1 
ATOM   995  C CA  . ALA B 1 46 ? 10.910  1.270   -16.481 1.00 12.73 ? 359 ALA B CA  1 
ATOM   996  C C   . ALA B 1 46 ? 11.322  0.248   -17.538 1.00 13.69 ? 359 ALA B C   1 
ATOM   997  O O   . ALA B 1 46 ? 10.731  -0.839  -17.603 1.00 14.81 ? 359 ALA B O   1 
ATOM   998  C CB  . ALA B 1 46 ? 9.778   2.195   -17.025 1.00 12.20 ? 359 ALA B CB  1 
ATOM   999  N N   . HIS B 1 47 ? 12.296  0.599   -18.378 1.00 13.90 ? 360 HIS B N   1 
ATOM   1000 C CA  . HIS B 1 47 ? 12.865  -0.333  -19.351 1.00 14.96 ? 360 HIS B CA  1 
ATOM   1001 C C   . HIS B 1 47 ? 13.725  -1.406  -18.642 1.00 16.00 ? 360 HIS B C   1 
ATOM   1002 O O   . HIS B 1 47 ? 13.524  -2.602  -18.814 1.00 16.05 ? 360 HIS B O   1 
ATOM   1003 C CB  . HIS B 1 47 ? 13.662  0.406   -20.441 1.00 13.65 ? 360 HIS B CB  1 
ATOM   1004 C CG  . HIS B 1 47 ? 14.241  -0.497  -21.495 1.00 15.50 ? 360 HIS B CG  1 
ATOM   1005 N ND1 . HIS B 1 47 ? 13.531  -1.534  -22.076 1.00 17.07 ? 360 HIS B ND1 1 
ATOM   1006 C CD2 . HIS B 1 47 ? 15.457  -0.506  -22.094 1.00 14.99 ? 360 HIS B CD2 1 
ATOM   1007 C CE1 . HIS B 1 47 ? 14.287  -2.145  -22.976 1.00 13.74 ? 360 HIS B CE1 1 
ATOM   1008 N NE2 . HIS B 1 47 ? 15.457  -1.537  -23.007 1.00 14.55 ? 360 HIS B NE2 1 
ATOM   1009 N N   . LYS B 1 48 ? 14.678  -0.952  -17.846 1.00 17.29 ? 361 LYS B N   1 
ATOM   1010 C CA  . LYS B 1 48 ? 15.511  -1.823  -17.056 1.00 19.11 ? 361 LYS B CA  1 
ATOM   1011 C C   . LYS B 1 48 ? 14.647  -2.800  -16.228 1.00 18.45 ? 361 LYS B C   1 
ATOM   1012 O O   . LYS B 1 48 ? 15.062  -3.919  -15.970 1.00 18.74 ? 361 LYS B O   1 
ATOM   1013 C CB  . LYS B 1 48 ? 16.429  -0.939  -16.187 1.00 19.48 ? 361 LYS B CB  1 
ATOM   1014 C CG  . LYS B 1 48 ? 17.631  -1.588  -15.543 1.00 21.77 ? 361 LYS B CG  1 
ATOM   1015 C CD  . LYS B 1 48 ? 18.183  -0.615  -14.460 1.00 21.55 ? 361 LYS B CD  1 
ATOM   1016 C CE  . LYS B 1 48 ? 19.472  -1.143  -13.796 1.00 26.41 ? 361 LYS B CE  1 
ATOM   1017 N NZ  . LYS B 1 48 ? 20.134  -0.111  -12.904 1.00 26.86 ? 361 LYS B NZ  1 
ATOM   1018 N N   . ASP B 1 49 ? 13.420  -2.414  -15.875 1.00 18.12 ? 362 ASP B N   1 
ATOM   1019 C CA  . ASP B 1 49 ? 12.592  -3.264  -15.007 1.00 17.76 ? 362 ASP B CA  1 
ATOM   1020 C C   . ASP B 1 49 ? 11.717  -4.233  -15.802 1.00 17.11 ? 362 ASP B C   1 
ATOM   1021 O O   . ASP B 1 49 ? 11.323  -5.284  -15.285 1.00 17.50 ? 362 ASP B O   1 
ATOM   1022 C CB  . ASP B 1 49 ? 11.818  -2.418  -13.965 1.00 17.54 ? 362 ASP B CB  1 
ATOM   1023 C CG  . ASP B 1 49 ? 10.621  -3.150  -13.340 1.00 19.81 ? 362 ASP B CG  1 
ATOM   1024 O OD1 . ASP B 1 49 ? 10.741  -3.652  -12.195 1.00 21.38 ? 362 ASP B OD1 1 
ATOM   1025 O OD2 . ASP B 1 49 ? 9.544   -3.202  -13.978 1.00 21.87 ? 362 ASP B OD2 1 
ATOM   1026 N N   . GLY B 1 50 ? 11.416  -3.861  -17.047 1.00 16.29 ? 363 GLY B N   1 
ATOM   1027 C CA  . GLY B 1 50 ? 10.761  -4.735  -18.032 1.00 14.47 ? 363 GLY B CA  1 
ATOM   1028 C C   . GLY B 1 50 ? 9.269   -4.943  -17.921 1.00 13.80 ? 363 GLY B C   1 
ATOM   1029 O O   . GLY B 1 50 ? 8.628   -5.386  -18.878 1.00 14.06 ? 363 GLY B O   1 
ATOM   1030 N N   . LYS B 1 51 ? 8.694   -4.628  -16.768 1.00 13.31 ? 364 LYS B N   1 
ATOM   1031 C CA  . LYS B 1 51 ? 7.247   -4.854  -16.550 1.00 12.42 ? 364 LYS B CA  1 
ATOM   1032 C C   . LYS B 1 51 ? 6.259   -3.910  -17.256 1.00 10.95 ? 364 LYS B C   1 
ATOM   1033 O O   . LYS B 1 51 ? 5.234   -4.359  -17.768 1.00 10.55 ? 364 LYS B O   1 
ATOM   1034 C CB  . LYS B 1 51 ? 6.921   -4.926  -15.054 1.00 12.46 ? 364 LYS B CB  1 
ATOM   1035 C CG  . LYS B 1 51 ? 7.365   -6.213  -14.427 1.00 14.72 ? 364 LYS B CG  1 
ATOM   1036 C CD  . LYS B 1 51 ? 6.357   -6.684  -13.403 1.00 21.31 ? 364 LYS B CD  1 
ATOM   1037 C CE  . LYS B 1 51 ? 6.755   -6.308  -11.980 1.00 23.09 ? 364 LYS B CE  1 
ATOM   1038 N NZ  . LYS B 1 51 ? 7.768   -7.233  -11.399 1.00 21.07 ? 364 LYS B NZ  1 
ATOM   1039 N N   . LEU B 1 52 ? 6.548   -2.614  -17.249 1.00 9.92  ? 365 LEU B N   1 
ATOM   1040 C CA  . LEU B 1 52 ? 5.639   -1.613  -17.803 1.00 9.13  ? 365 LEU B CA  1 
ATOM   1041 C C   . LEU B 1 52 ? 5.723   -1.640  -19.318 1.00 9.08  ? 365 LEU B C   1 
ATOM   1042 O O   . LEU B 1 52 ? 6.790   -1.861  -19.879 1.00 8.41  ? 365 LEU B O   1 
ATOM   1043 C CB  . LEU B 1 52 ? 5.968   -0.209  -17.238 1.00 9.69  ? 365 LEU B CB  1 
ATOM   1044 C CG  . LEU B 1 52 ? 5.167   1.081   -17.546 1.00 9.43  ? 365 LEU B CG  1 
ATOM   1045 C CD1 . LEU B 1 52 ? 3.781   1.112   -16.887 1.00 6.44  ? 365 LEU B CD1 1 
ATOM   1046 C CD2 . LEU B 1 52 ? 5.953   2.268   -17.088 1.00 8.65  ? 365 LEU B CD2 1 
ATOM   1047 N N   . GLN B 1 53 ? 4.578   -1.451  -19.962 1.00 9.67  ? 366 GLN B N   1 
ATOM   1048 C CA  . GLN B 1 53 ? 4.428   -1.594  -21.402 1.00 10.78 ? 366 GLN B CA  1 
ATOM   1049 C C   . GLN B 1 53 ? 3.687   -0.380  -21.950 1.00 11.70 ? 366 GLN B C   1 
ATOM   1050 O O   . GLN B 1 53 ? 2.720   0.101   -21.352 1.00 11.74 ? 366 GLN B O   1 
ATOM   1051 C CB  . GLN B 1 53 ? 3.612   -2.872  -21.754 1.00 10.89 ? 366 GLN B CB  1 
ATOM   1052 C CG  . GLN B 1 53 ? 4.170   -4.215  -21.250 1.00 10.79 ? 366 GLN B CG  1 
ATOM   1053 C CD  . GLN B 1 53 ? 5.583   -4.485  -21.749 1.00 14.37 ? 366 GLN B CD  1 
ATOM   1054 O OE1 . GLN B 1 53 ? 5.846   -4.380  -22.928 1.00 17.35 ? 366 GLN B OE1 1 
ATOM   1055 N NE2 . GLN B 1 53 ? 6.496   -4.824  -20.843 1.00 15.53 ? 366 GLN B NE2 1 
ATOM   1056 N N   . ILE B 1 54 ? 4.127   0.101   -23.106 1.00 12.92 ? 367 ILE B N   1 
ATOM   1057 C CA  . ILE B 1 54 ? 3.376   1.092   -23.880 1.00 13.26 ? 367 ILE B CA  1 
ATOM   1058 C C   . ILE B 1 54 ? 1.923   0.620   -23.945 1.00 13.00 ? 367 ILE B C   1 
ATOM   1059 O O   . ILE B 1 54 ? 1.672   -0.584  -24.160 1.00 13.92 ? 367 ILE B O   1 
ATOM   1060 C CB  . ILE B 1 54 ? 4.004   1.242   -25.292 1.00 13.77 ? 367 ILE B CB  1 
ATOM   1061 C CG1 . ILE B 1 54 ? 5.296   2.045   -25.200 1.00 14.78 ? 367 ILE B CG1 1 
ATOM   1062 C CG2 . ILE B 1 54 ? 3.043   1.889   -26.297 1.00 13.40 ? 367 ILE B CG2 1 
ATOM   1063 C CD1 . ILE B 1 54 ? 6.080   2.017   -26.496 1.00 18.97 ? 367 ILE B CD1 1 
ATOM   1064 N N   . GLY B 1 55 ? 0.982   1.537   -23.730 1.00 12.13 ? 368 GLY B N   1 
ATOM   1065 C CA  . GLY B 1 55 ? -0.455  1.207   -23.742 1.00 11.59 ? 368 GLY B CA  1 
ATOM   1066 C C   . GLY B 1 55 ? -1.089  0.935   -22.377 1.00 12.45 ? 368 GLY B C   1 
ATOM   1067 O O   . GLY B 1 55 ? -2.304  0.971   -22.245 1.00 12.07 ? 368 GLY B O   1 
ATOM   1068 N N   . ASP B 1 56 ? -0.265  0.633   -21.364 1.00 13.26 ? 369 ASP B N   1 
ATOM   1069 C CA  . ASP B 1 56 ? -0.741  0.417   -20.009 1.00 13.57 ? 369 ASP B CA  1 
ATOM   1070 C C   . ASP B 1 56 ? -1.425  1.665   -19.506 1.00 14.35 ? 369 ASP B C   1 
ATOM   1071 O O   . ASP B 1 56 ? -0.964  2.783   -19.756 1.00 13.99 ? 369 ASP B O   1 
ATOM   1072 C CB  . ASP B 1 56 ? 0.388   0.004   -19.038 1.00 13.42 ? 369 ASP B CB  1 
ATOM   1073 C CG  . ASP B 1 56 ? 0.894   -1.429  -19.279 1.00 12.88 ? 369 ASP B CG  1 
ATOM   1074 O OD1 . ASP B 1 56 ? 0.367   -2.137  -20.139 1.00 11.92 ? 369 ASP B OD1 1 
ATOM   1075 O OD2 . ASP B 1 56 ? 1.861   -1.847  -18.640 1.00 14.60 ? 369 ASP B OD2 1 
ATOM   1076 N N   . LYS B 1 57 ? -2.542  1.449   -18.815 1.00 14.78 ? 370 LYS B N   1 
ATOM   1077 C CA  . LYS B 1 57 ? -3.265  2.503   -18.130 1.00 16.39 ? 370 LYS B CA  1 
ATOM   1078 C C   . LYS B 1 57 ? -2.687  2.658   -16.711 1.00 15.96 ? 370 LYS B C   1 
ATOM   1079 O O   . LYS B 1 57 ? -2.619  1.709   -15.905 1.00 15.35 ? 370 LYS B O   1 
ATOM   1080 C CB  . LYS B 1 57 ? -4.783  2.195   -18.186 1.00 16.68 ? 370 LYS B CB  1 
ATOM   1081 C CG  . LYS B 1 57 ? -5.732  2.960   -17.269 1.00 18.54 ? 370 LYS B CG  1 
ATOM   1082 C CD  . LYS B 1 57 ? -7.193  2.502   -17.503 1.00 19.34 ? 370 LYS B CD  1 
ATOM   1083 C CE  . LYS B 1 57 ? -7.346  1.029   -18.066 1.00 23.73 ? 370 LYS B CE  1 
ATOM   1084 N NZ  . LYS B 1 57 ? -8.631  0.250   -17.649 1.00 22.42 ? 370 LYS B NZ  1 
ATOM   1085 N N   . LEU B 1 58 ? -2.212  3.868   -16.444 1.00 16.22 ? 371 LEU B N   1 
ATOM   1086 C CA  . LEU B 1 58 ? -1.719  4.263   -15.122 1.00 15.51 ? 371 LEU B CA  1 
ATOM   1087 C C   . LEU B 1 58 ? -2.876  4.618   -14.206 1.00 14.23 ? 371 LEU B C   1 
ATOM   1088 O O   . LEU B 1 58 ? -3.541  5.606   -14.404 1.00 13.14 ? 371 LEU B O   1 
ATOM   1089 C CB  . LEU B 1 58 ? -0.826  5.482   -15.267 1.00 15.75 ? 371 LEU B CB  1 
ATOM   1090 C CG  . LEU B 1 58 ? 0.602   5.282   -14.854 1.00 17.82 ? 371 LEU B CG  1 
ATOM   1091 C CD1 . LEU B 1 58 ? 1.153   4.189   -15.747 1.00 18.80 ? 371 LEU B CD1 1 
ATOM   1092 C CD2 . LEU B 1 58 ? 1.378   6.627   -14.949 1.00 15.87 ? 371 LEU B CD2 1 
ATOM   1093 N N   . LEU B 1 59 ? -3.098  3.804   -13.195 1.00 14.32 ? 372 LEU B N   1 
ATOM   1094 C CA  . LEU B 1 59 ? -4.231  3.993   -12.303 1.00 14.60 ? 372 LEU B CA  1 
ATOM   1095 C C   . LEU B 1 59 ? -3.823  4.751   -11.044 1.00 14.36 ? 372 LEU B C   1 
ATOM   1096 O O   . LEU B 1 59 ? -4.663  5.281   -10.340 1.00 14.81 ? 372 LEU B O   1 
ATOM   1097 C CB  . LEU B 1 59 ? -4.868  2.632   -11.940 1.00 14.54 ? 372 LEU B CB  1 
ATOM   1098 C CG  . LEU B 1 59 ? -5.589  1.841   -13.044 1.00 15.15 ? 372 LEU B CG  1 
ATOM   1099 C CD1 . LEU B 1 59 ? -6.073  0.505   -12.531 1.00 14.61 ? 372 LEU B CD1 1 
ATOM   1100 C CD2 . LEU B 1 59 ? -6.777  2.633   -13.642 1.00 17.28 ? 372 LEU B CD2 1 
ATOM   1101 N N   . ALA B 1 60 ? -2.535  4.793   -10.749 1.00 14.57 ? 373 ALA B N   1 
ATOM   1102 C CA  . ALA B 1 60 ? -2.060  5.405   -9.515  1.00 14.81 ? 373 ALA B CA  1 
ATOM   1103 C C   . ALA B 1 60 ? -0.558  5.488   -9.525  1.00 15.15 ? 373 ALA B C   1 
ATOM   1104 O O   . ALA B 1 60 ? 0.119   4.627   -10.080 1.00 14.05 ? 373 ALA B O   1 
ATOM   1105 C CB  . ALA B 1 60 ? -2.531  4.618   -8.285  1.00 14.96 ? 373 ALA B CB  1 
ATOM   1106 N N   . VAL B 1 61 ? -0.054  6.547   -8.916  1.00 16.07 ? 374 VAL B N   1 
ATOM   1107 C CA  . VAL B 1 61 ? 1.355   6.651   -8.576  1.00 17.57 ? 374 VAL B CA  1 
ATOM   1108 C C   . VAL B 1 61 ? 1.390   6.896   -7.062  1.00 18.30 ? 374 VAL B C   1 
ATOM   1109 O O   . VAL B 1 61 ? 0.858   7.896   -6.579  1.00 18.55 ? 374 VAL B O   1 
ATOM   1110 C CB  . VAL B 1 61 ? 2.074   7.743   -9.406  1.00 17.63 ? 374 VAL B CB  1 
ATOM   1111 C CG1 . VAL B 1 61 ? 1.192   8.943   -9.578  1.00 18.35 ? 374 VAL B CG1 1 
ATOM   1112 C CG2 . VAL B 1 61 ? 3.373   8.149   -8.774  1.00 17.72 ? 374 VAL B CG2 1 
ATOM   1113 N N   . ASN B 1 62 ? 1.961   5.949   -6.316  1.00 18.94 ? 375 ASN B N   1 
ATOM   1114 C CA  . ASN B 1 62 ? 2.011   6.038   -4.858  1.00 19.42 ? 375 ASN B CA  1 
ATOM   1115 C C   . ASN B 1 62 ? 0.609   6.163   -4.272  1.00 20.62 ? 375 ASN B C   1 
ATOM   1116 O O   . ASN B 1 62 ? -0.267  5.322   -4.548  1.00 20.88 ? 375 ASN B O   1 
ATOM   1117 C CB  . ASN B 1 62 ? 2.933   7.188   -4.403  1.00 18.64 ? 375 ASN B CB  1 
ATOM   1118 C CG  . ASN B 1 62 ? 4.394   6.895   -4.669  1.00 16.49 ? 375 ASN B CG  1 
ATOM   1119 O OD1 . ASN B 1 62 ? 4.769   5.749   -4.809  1.00 15.82 ? 375 ASN B OD1 1 
ATOM   1120 N ND2 . ASN B 1 62 ? 5.218   7.925   -4.743  1.00 15.50 ? 375 ASN B ND2 1 
ATOM   1121 N N   . SER B 1 63 ? 0.363   7.207   -3.486  1.00 21.52 ? 376 SER B N   1 
ATOM   1122 C CA  . SER B 1 63 ? -0.978  7.348   -2.915  1.00 22.64 ? 376 SER B CA  1 
ATOM   1123 C C   . SER B 1 63 ? -1.914  8.182   -3.822  1.00 22.18 ? 376 SER B C   1 
ATOM   1124 O O   . SER B 1 63 ? -3.014  8.595   -3.404  1.00 22.89 ? 376 SER B O   1 
ATOM   1125 C CB  . SER B 1 63 ? -0.915  7.908   -1.484  1.00 22.68 ? 376 SER B CB  1 
ATOM   1126 O OG  . SER B 1 63 ? -1.086  9.317   -1.501  1.00 25.52 ? 376 SER B OG  1 
ATOM   1127 N N   . VAL B 1 64 ? -1.495  8.427   -5.062  1.00 21.07 ? 377 VAL B N   1 
ATOM   1128 C CA  . VAL B 1 64 ? -2.257  9.348   -5.903  1.00 19.87 ? 377 VAL B CA  1 
ATOM   1129 C C   . VAL B 1 64 ? -3.014  8.594   -6.980  1.00 19.26 ? 377 VAL B C   1 
ATOM   1130 O O   . VAL B 1 64 ? -2.414  8.005   -7.869  1.00 19.50 ? 377 VAL B O   1 
ATOM   1131 C CB  . VAL B 1 64 ? -1.383  10.464  -6.484  1.00 19.62 ? 377 VAL B CB  1 
ATOM   1132 C CG1 . VAL B 1 64 ? -2.242  11.507  -7.174  1.00 19.84 ? 377 VAL B CG1 1 
ATOM   1133 C CG2 . VAL B 1 64 ? -0.523  11.092  -5.382  1.00 19.32 ? 377 VAL B CG2 1 
ATOM   1134 N N   . GLY B 1 65 ? -4.338  8.602   -6.872  1.00 18.59 ? 378 GLY B N   1 
ATOM   1135 C CA  . GLY B 1 65 ? -5.187  7.952   -7.848  1.00 17.15 ? 378 GLY B CA  1 
ATOM   1136 C C   . GLY B 1 65 ? -5.132  8.766   -9.114  1.00 16.39 ? 378 GLY B C   1 
ATOM   1137 O O   . GLY B 1 65 ? -5.139  9.998   -9.065  1.00 15.67 ? 378 GLY B O   1 
ATOM   1138 N N   . LEU B 1 66 ? -5.065  8.074   -10.241 1.00 16.17 ? 379 LEU B N   1 
ATOM   1139 C CA  . LEU B 1 66 ? -5.064  8.728   -11.541 1.00 16.82 ? 379 LEU B CA  1 
ATOM   1140 C C   . LEU B 1 66 ? -6.281  8.350   -12.383 1.00 17.13 ? 379 LEU B C   1 
ATOM   1141 O O   . LEU B 1 66 ? -6.188  8.296   -13.608 1.00 17.38 ? 379 LEU B O   1 
ATOM   1142 C CB  . LEU B 1 66 ? -3.763  8.448   -12.299 1.00 16.81 ? 379 LEU B CB  1 
ATOM   1143 C CG  . LEU B 1 66 ? -2.478  9.036   -11.698 1.00 17.18 ? 379 LEU B CG  1 
ATOM   1144 C CD1 . LEU B 1 66 ? -1.312  8.633   -12.553 1.00 18.48 ? 379 LEU B CD1 1 
ATOM   1145 C CD2 . LEU B 1 66 ? -2.570  10.549  -11.593 1.00 15.72 ? 379 LEU B CD2 1 
ATOM   1146 N N   . GLU B 1 67 ? -7.419  8.116   -11.724 1.00 17.46 ? 380 GLU B N   1 
ATOM   1147 C CA  . GLU B 1 67 ? -8.708  7.913   -12.418 1.00 17.99 ? 380 GLU B CA  1 
ATOM   1148 C C   . GLU B 1 67 ? -9.498  9.193   -12.472 1.00 16.33 ? 380 GLU B C   1 
ATOM   1149 O O   . GLU B 1 67 ? -9.788  9.789   -11.453 1.00 16.61 ? 380 GLU B O   1 
ATOM   1150 C CB  . GLU B 1 67 ? -9.557  6.787   -11.798 1.00 18.39 ? 380 GLU B CB  1 
ATOM   1151 C CG  . GLU B 1 67 ? -8.749  5.516   -11.543 1.00 23.94 ? 380 GLU B CG  1 
ATOM   1152 C CD  . GLU B 1 67 ? -9.511  4.232   -11.856 1.00 31.06 ? 380 GLU B CD  1 
ATOM   1153 O OE1 . GLU B 1 67 ? -9.870  4.020   -13.046 1.00 34.89 ? 380 GLU B OE1 1 
ATOM   1154 O OE2 . GLU B 1 67 ? -9.719  3.422   -10.916 1.00 33.50 ? 380 GLU B OE2 1 
ATOM   1155 N N   . GLU B 1 68 ? -9.827  9.595   -13.691 1.00 15.63 ? 381 GLU B N   1 
ATOM   1156 C CA  . GLU B 1 68 ? -10.598 10.802  -13.989 1.00 14.49 ? 381 GLU B CA  1 
ATOM   1157 C C   . GLU B 1 68 ? -9.926  12.079  -13.514 1.00 14.37 ? 381 GLU B C   1 
ATOM   1158 O O   . GLU B 1 68 ? -10.586 12.992  -12.952 1.00 14.39 ? 381 GLU B O   1 
ATOM   1159 C CB  . GLU B 1 68 ? -12.035 10.673  -13.501 1.00 14.76 ? 381 GLU B CB  1 
ATOM   1160 C CG  . GLU B 1 68 ? -12.760 9.453   -14.092 1.00 14.83 ? 381 GLU B CG  1 
ATOM   1161 C CD  . GLU B 1 68 ? -12.952 9.569   -15.603 1.00 15.90 ? 381 GLU B CD  1 
ATOM   1162 O OE1 . GLU B 1 68 ? -13.078 10.707  -16.112 1.00 18.24 ? 381 GLU B OE1 1 
ATOM   1163 O OE2 . GLU B 1 68 ? -12.962 8.531   -16.286 1.00 15.99 ? 381 GLU B OE2 1 
ATOM   1164 N N   . VAL B 1 69 ? -8.610  12.152  -13.739 1.00 13.17 ? 382 VAL B N   1 
ATOM   1165 C CA  . VAL B 1 69 ? -7.847  13.343  -13.354 1.00 12.79 ? 382 VAL B CA  1 
ATOM   1166 C C   . VAL B 1 69 ? -7.283  14.019  -14.581 1.00 13.68 ? 382 VAL B C   1 
ATOM   1167 O O   . VAL B 1 69 ? -7.237  13.437  -15.664 1.00 14.40 ? 382 VAL B O   1 
ATOM   1168 C CB  . VAL B 1 69 ? -6.725  13.071  -12.304 1.00 12.94 ? 382 VAL B CB  1 
ATOM   1169 C CG1 . VAL B 1 69 ? -7.287  12.399  -11.044 1.00 8.67  ? 382 VAL B CG1 1 
ATOM   1170 C CG2 . VAL B 1 69 ? -5.555  12.294  -12.922 1.00 11.65 ? 382 VAL B CG2 1 
ATOM   1171 N N   . THR B 1 70 ? -6.880  15.266  -14.431 1.00 14.18 ? 383 THR B N   1 
ATOM   1172 C CA  . THR B 1 70 ? -6.373  15.999  -15.574 1.00 14.73 ? 383 THR B CA  1 
ATOM   1173 C C   . THR B 1 70 ? -4.936  15.527  -15.864 1.00 15.65 ? 383 THR B C   1 
ATOM   1174 O O   . THR B 1 70 ? -4.316  14.871  -15.009 1.00 16.29 ? 383 THR B O   1 
ATOM   1175 C CB  . THR B 1 70 ? -6.447  17.531  -15.322 1.00 14.53 ? 383 THR B CB  1 
ATOM   1176 O OG1 . THR B 1 70 ? -5.519  17.893  -14.302 1.00 14.18 ? 383 THR B OG1 1 
ATOM   1177 C CG2 . THR B 1 70 ? -7.863  17.960  -14.891 1.00 13.04 ? 383 THR B CG2 1 
ATOM   1178 N N   . HIS B 1 71 ? -4.417  15.841  -17.051 1.00 16.22 ? 384 HIS B N   1 
ATOM   1179 C CA  . HIS B 1 71 ? -3.067  15.500  -17.403 1.00 17.15 ? 384 HIS B CA  1 
ATOM   1180 C C   . HIS B 1 71 ? -2.096  16.117  -16.402 1.00 18.79 ? 384 HIS B C   1 
ATOM   1181 O O   . HIS B 1 71 ? -1.081  15.496  -16.030 1.00 19.58 ? 384 HIS B O   1 
ATOM   1182 C CB  . HIS B 1 71 ? -2.729  15.992  -18.822 1.00 17.32 ? 384 HIS B CB  1 
ATOM   1183 C CG  . HIS B 1 71 ? -1.362  15.589  -19.287 1.00 17.24 ? 384 HIS B CG  1 
ATOM   1184 N ND1 . HIS B 1 71 ? -1.007  14.273  -19.495 1.00 17.30 ? 384 HIS B ND1 1 
ATOM   1185 C CD2 . HIS B 1 71 ? -0.253  16.321  -19.550 1.00 19.51 ? 384 HIS B CD2 1 
ATOM   1186 C CE1 . HIS B 1 71 ? 0.254   14.211  -19.886 1.00 17.80 ? 384 HIS B CE1 1 
ATOM   1187 N NE2 . HIS B 1 71 ? 0.736   15.440  -19.929 1.00 19.07 ? 384 HIS B NE2 1 
ATOM   1188 N N   . GLU B 1 72 ? -2.400  17.335  -15.963 1.00 19.48 ? 385 GLU B N   1 
ATOM   1189 C CA  . GLU B 1 72 ? -1.477  18.076  -15.128 1.00 20.56 ? 385 GLU B CA  1 
ATOM   1190 C C   . GLU B 1 72 ? -1.456  17.533  -13.713 1.00 20.11 ? 385 GLU B C   1 
ATOM   1191 O O   . GLU B 1 72 ? -0.404  17.514  -13.076 1.00 20.35 ? 385 GLU B O   1 
ATOM   1192 C CB  . GLU B 1 72 ? -1.745  19.592  -15.163 1.00 20.96 ? 385 GLU B CB  1 
ATOM   1193 C CG  . GLU B 1 72 ? -0.437  20.439  -15.069 1.00 25.63 ? 385 GLU B CG  1 
ATOM   1194 C CD  . GLU B 1 72 ? 0.677   20.054  -16.107 1.00 29.13 ? 385 GLU B CD  1 
ATOM   1195 O OE1 . GLU B 1 72 ? 0.363   19.538  -17.214 1.00 30.22 ? 385 GLU B OE1 1 
ATOM   1196 O OE2 . GLU B 1 72 ? 1.880   20.287  -15.811 1.00 30.81 ? 385 GLU B OE2 1 
ATOM   1197 N N   . GLU B 1 73 ? -2.603  17.052  -13.243 1.00 20.00 ? 386 GLU B N   1 
ATOM   1198 C CA  . GLU B 1 73 ? -2.655  16.286  -11.991 1.00 19.84 ? 386 GLU B CA  1 
ATOM   1199 C C   . GLU B 1 73 ? -1.781  15.038  -12.043 1.00 19.21 ? 386 GLU B C   1 
ATOM   1200 O O   . GLU B 1 73 ? -1.054  14.742  -11.090 1.00 19.06 ? 386 GLU B O   1 
ATOM   1201 C CB  . GLU B 1 73 ? -4.096  15.925  -11.649 1.00 20.60 ? 386 GLU B CB  1 
ATOM   1202 C CG  . GLU B 1 73 ? -4.915  17.117  -11.214 1.00 21.46 ? 386 GLU B CG  1 
ATOM   1203 C CD  . GLU B 1 73 ? -6.287  16.723  -10.710 1.00 27.21 ? 386 GLU B CD  1 
ATOM   1204 O OE1 . GLU B 1 73 ? -7.109  16.243  -11.539 1.00 26.35 ? 386 GLU B OE1 1 
ATOM   1205 O OE2 . GLU B 1 73 ? -6.548  16.917  -9.482  1.00 30.78 ? 386 GLU B OE2 1 
ATOM   1206 N N   . ALA B 1 74 ? -1.836  14.337  -13.179 1.00 18.62 ? 387 ALA B N   1 
ATOM   1207 C CA  . ALA B 1 74 ? -0.947  13.207  -13.475 1.00 17.93 ? 387 ALA B CA  1 
ATOM   1208 C C   . ALA B 1 74 ? 0.537   13.550  -13.474 1.00 17.20 ? 387 ALA B C   1 
ATOM   1209 O O   . ALA B 1 74 ? 1.334   12.825  -12.892 1.00 15.95 ? 387 ALA B O   1 
ATOM   1210 C CB  . ALA B 1 74 ? -1.337  12.552  -14.818 1.00 18.44 ? 387 ALA B CB  1 
ATOM   1211 N N   . VAL B 1 75 ? 0.892   14.644  -14.156 1.00 17.51 ? 388 VAL B N   1 
ATOM   1212 C CA  . VAL B 1 75 ? 2.264   15.153  -14.208 1.00 17.32 ? 388 VAL B CA  1 
ATOM   1213 C C   . VAL B 1 75 ? 2.735   15.543  -12.789 1.00 18.10 ? 388 VAL B C   1 
ATOM   1214 O O   . VAL B 1 75 ? 3.801   15.127  -12.341 1.00 17.67 ? 388 VAL B O   1 
ATOM   1215 C CB  . VAL B 1 75 ? 2.387   16.336  -15.234 1.00 17.75 ? 388 VAL B CB  1 
ATOM   1216 C CG1 . VAL B 1 75 ? 3.647   17.157  -15.000 1.00 15.35 ? 388 VAL B CG1 1 
ATOM   1217 C CG2 . VAL B 1 75 ? 2.311   15.820  -16.683 1.00 15.69 ? 388 VAL B CG2 1 
ATOM   1218 N N   . THR B 1 76 ? 1.911   16.298  -12.067 1.00 19.06 ? 389 THR B N   1 
ATOM   1219 C CA  . THR B 1 76 ? 2.242   16.698  -10.685 1.00 20.24 ? 389 THR B CA  1 
ATOM   1220 C C   . THR B 1 76 ? 2.548   15.471  -9.828  1.00 20.66 ? 389 THR B C   1 
ATOM   1221 O O   . THR B 1 76 ? 3.589   15.403  -9.201  1.00 21.47 ? 389 THR B O   1 
ATOM   1222 C CB  . THR B 1 76 ? 1.109   17.579  -10.046 1.00 20.44 ? 389 THR B CB  1 
ATOM   1223 O OG1 . THR B 1 76 ? 0.947   18.772  -10.832 1.00 20.71 ? 389 THR B OG1 1 
ATOM   1224 C CG2 . THR B 1 76 ? 1.405   17.947  -8.563  1.00 19.01 ? 389 THR B CG2 1 
ATOM   1225 N N   . ALA B 1 77 ? 1.641   14.502  -9.832  1.00 21.10 ? 390 ALA B N   1 
ATOM   1226 C CA  . ALA B 1 77 ? 1.868   13.193  -9.214  1.00 21.71 ? 390 ALA B CA  1 
ATOM   1227 C C   . ALA B 1 77 ? 3.230   12.552  -9.513  1.00 21.82 ? 390 ALA B C   1 
ATOM   1228 O O   . ALA B 1 77 ? 3.921   12.130  -8.598  1.00 22.94 ? 390 ALA B O   1 
ATOM   1229 C CB  . ALA B 1 77 ? 0.749   12.240  -9.600  1.00 22.18 ? 390 ALA B CB  1 
ATOM   1230 N N   . LEU B 1 78 ? 3.608   12.485  -10.784 1.00 21.68 ? 391 LEU B N   1 
ATOM   1231 C CA  . LEU B 1 78 ? 4.832   11.806  -11.191 1.00 21.46 ? 391 LEU B CA  1 
ATOM   1232 C C   . LEU B 1 78 ? 6.093   12.619  -10.903 1.00 22.17 ? 391 LEU B C   1 
ATOM   1233 O O   . LEU B 1 78 ? 7.139   12.043  -10.644 1.00 22.06 ? 391 LEU B O   1 
ATOM   1234 C CB  . LEU B 1 78 ? 4.770   11.426  -12.675 1.00 21.10 ? 391 LEU B CB  1 
ATOM   1235 C CG  . LEU B 1 78 ? 3.799   10.339  -13.154 1.00 20.33 ? 391 LEU B CG  1 
ATOM   1236 C CD1 . LEU B 1 78 ? 3.578   10.417  -14.673 1.00 18.42 ? 391 LEU B CD1 1 
ATOM   1237 C CD2 . LEU B 1 78 ? 4.250   8.948   -12.738 1.00 18.11 ? 391 LEU B CD2 1 
ATOM   1238 N N   . LYS B 1 79 ? 6.007   13.954  -10.964 1.00 23.09 ? 392 LYS B N   1 
ATOM   1239 C CA  . LYS B 1 79 ? 7.156   14.817  -10.617 1.00 23.02 ? 392 LYS B CA  1 
ATOM   1240 C C   . LYS B 1 79 ? 7.358   14.823  -9.117  1.00 22.79 ? 392 LYS B C   1 
ATOM   1241 O O   . LYS B 1 79 ? 8.486   14.911  -8.663  1.00 23.01 ? 392 LYS B O   1 
ATOM   1242 C CB  . LYS B 1 79 ? 6.995   16.255  -11.131 1.00 22.70 ? 392 LYS B CB  1 
ATOM   1243 C CG  . LYS B 1 79 ? 6.941   16.374  -12.656 1.00 23.01 ? 392 LYS B CG  1 
ATOM   1244 C CD  . LYS B 1 79 ? 6.662   17.827  -13.086 1.00 23.65 ? 392 LYS B CD  1 
ATOM   1245 N N   . ASN B 1 80 ? 6.271   14.712  -8.353  1.00 22.84 ? 393 ASN B N   1 
ATOM   1246 C CA  . ASN B 1 80 ? 6.367   14.579  -6.895  1.00 23.33 ? 393 ASN B CA  1 
ATOM   1247 C C   . ASN B 1 80 ? 6.650   13.154  -6.468  1.00 23.73 ? 393 ASN B C   1 
ATOM   1248 O O   . ASN B 1 80 ? 6.002   12.645  -5.543  1.00 24.16 ? 393 ASN B O   1 
ATOM   1249 C CB  . ASN B 1 80 ? 5.083   15.011  -6.197  1.00 23.35 ? 393 ASN B CB  1 
ATOM   1250 C CG  . ASN B 1 80 ? 4.876   16.499  -6.217  1.00 24.34 ? 393 ASN B CG  1 
ATOM   1251 O OD1 . ASN B 1 80 ? 5.801   17.276  -6.485  1.00 25.50 ? 393 ASN B OD1 1 
ATOM   1252 N ND2 . ASN B 1 80 ? 3.640   16.913  -5.946  1.00 25.02 ? 393 ASN B ND2 1 
ATOM   1253 N N   . THR B 1 81 ? 7.587   12.496  -7.142  1.00 23.52 ? 394 THR B N   1 
ATOM   1254 C CA  . THR B 1 81 ? 7.999   11.180  -6.708  1.00 23.54 ? 394 THR B CA  1 
ATOM   1255 C C   . THR B 1 81 ? 9.415   11.276  -6.183  1.00 23.60 ? 394 THR B C   1 
ATOM   1256 O O   . THR B 1 81 ? 10.228  12.035  -6.706  1.00 23.78 ? 394 THR B O   1 
ATOM   1257 C CB  . THR B 1 81 ? 7.930   10.181  -7.831  1.00 23.33 ? 394 THR B CB  1 
ATOM   1258 O OG1 . THR B 1 81 ? 8.582   10.729  -8.991  1.00 23.57 ? 394 THR B OG1 1 
ATOM   1259 C CG2 . THR B 1 81 ? 6.482   9.870   -8.145  1.00 23.50 ? 394 THR B CG2 1 
ATOM   1260 N N   . SER B 1 82 ? 9.694   10.516  -5.133  1.00 23.63 ? 395 SER B N   1 
ATOM   1261 C CA  . SER B 1 82 ? 11.041  10.442  -4.560  1.00 23.55 ? 395 SER B CA  1 
ATOM   1262 C C   . SER B 1 82 ? 11.790  9.291   -5.227  1.00 22.23 ? 395 SER B C   1 
ATOM   1263 O O   . SER B 1 82 ? 11.622  9.045   -6.413  1.00 23.25 ? 395 SER B O   1 
ATOM   1264 C CB  . SER B 1 82 ? 10.971  10.244  -3.024  1.00 23.67 ? 395 SER B CB  1 
ATOM   1265 O OG  . SER B 1 82 ? 10.569  8.900   -2.689  1.00 24.88 ? 395 SER B OG  1 
ATOM   1266 N N   . ASP B 1 83 ? 12.580  8.573   -4.432  1.00 20.70 ? 396 ASP B N   1 
ATOM   1267 C CA  . ASP B 1 83 ? 13.492  7.522   -4.880  1.00 18.46 ? 396 ASP B CA  1 
ATOM   1268 C C   . ASP B 1 83 ? 12.774  6.303   -5.407  1.00 17.18 ? 396 ASP B C   1 
ATOM   1269 O O   . ASP B 1 83 ? 13.194  5.700   -6.367  1.00 16.68 ? 396 ASP B O   1 
ATOM   1270 C CB  . ASP B 1 83 ? 14.375  7.093   -3.692  1.00 18.54 ? 396 ASP B CB  1 
ATOM   1271 C CG  . ASP B 1 83 ? 15.220  8.222   -3.163  1.00 18.08 ? 396 ASP B CG  1 
ATOM   1272 O OD1 . ASP B 1 83 ? 15.666  9.057   -3.983  1.00 16.20 ? 396 ASP B OD1 1 
ATOM   1273 O OD2 . ASP B 1 83 ? 15.424  8.282   -1.935  1.00 19.30 ? 396 ASP B OD2 1 
ATOM   1274 N N   . PHE B 1 84 ? 11.699  5.933   -4.736  1.00 16.08 ? 397 PHE B N   1 
ATOM   1275 C CA  . PHE B 1 84 ? 11.001  4.727   -5.039  1.00 14.79 ? 397 PHE B CA  1 
ATOM   1276 C C   . PHE B 1 84 ? 9.613   5.129   -5.450  1.00 14.80 ? 397 PHE B C   1 
ATOM   1277 O O   . PHE B 1 84 ? 9.015   6.035   -4.854  1.00 13.62 ? 397 PHE B O   1 
ATOM   1278 C CB  . PHE B 1 84 ? 10.881  3.851   -3.802  1.00 14.36 ? 397 PHE B CB  1 
ATOM   1279 C CG  . PHE B 1 84 ? 12.193  3.343   -3.261  1.00 13.91 ? 397 PHE B CG  1 
ATOM   1280 C CD1 . PHE B 1 84 ? 12.799  2.203   -3.800  1.00 11.06 ? 397 PHE B CD1 1 
ATOM   1281 C CD2 . PHE B 1 84 ? 12.785  3.962   -2.153  1.00 11.88 ? 397 PHE B CD2 1 
ATOM   1282 C CE1 . PHE B 1 84 ? 13.981  1.719   -3.262  1.00 8.67  ? 397 PHE B CE1 1 
ATOM   1283 C CE2 . PHE B 1 84 ? 13.959  3.487   -1.632  1.00 9.68  ? 397 PHE B CE2 1 
ATOM   1284 C CZ  . PHE B 1 84 ? 14.560  2.361   -2.191  1.00 10.48 ? 397 PHE B CZ  1 
ATOM   1285 N N   . VAL B 1 85 ? 9.095   4.454   -6.473  1.00 14.29 ? 398 VAL B N   1 
ATOM   1286 C CA  . VAL B 1 85 ? 7.758   4.751   -6.904  1.00 14.28 ? 398 VAL B CA  1 
ATOM   1287 C C   . VAL B 1 85 ? 6.949   3.511   -7.123  1.00 14.94 ? 398 VAL B C   1 
ATOM   1288 O O   . VAL B 1 85 ? 7.437   2.499   -7.635  1.00 14.70 ? 398 VAL B O   1 
ATOM   1289 C CB  . VAL B 1 85 ? 7.703   5.675   -8.144  1.00 14.46 ? 398 VAL B CB  1 
ATOM   1290 C CG1 . VAL B 1 85 ? 6.283   6.181   -8.335  1.00 13.19 ? 398 VAL B CG1 1 
ATOM   1291 C CG2 . VAL B 1 85 ? 8.624   6.842   -7.954  1.00 12.64 ? 398 VAL B CG2 1 
ATOM   1292 N N   . TYR B 1 86 ? 5.698   3.622   -6.723  1.00 15.52 ? 399 TYR B N   1 
ATOM   1293 C CA  . TYR B 1 86 ? 4.751   2.558   -6.816  1.00 16.82 ? 399 TYR B CA  1 
ATOM   1294 C C   . TYR B 1 86 ? 3.751   2.933   -7.910  1.00 16.11 ? 399 TYR B C   1 
ATOM   1295 O O   . TYR B 1 86 ? 3.126   3.997   -7.860  1.00 16.48 ? 399 TYR B O   1 
ATOM   1296 C CB  . TYR B 1 86 ? 4.074   2.371   -5.441  1.00 19.07 ? 399 TYR B CB  1 
ATOM   1297 C CG  . TYR B 1 86 ? 2.804   1.568   -5.508  1.00 22.56 ? 399 TYR B CG  1 
ATOM   1298 C CD1 . TYR B 1 86 ? 2.831   0.170   -5.369  1.00 23.94 ? 399 TYR B CD1 1 
ATOM   1299 C CD2 . TYR B 1 86 ? 1.564   2.206   -5.734  1.00 24.58 ? 399 TYR B CD2 1 
ATOM   1300 C CE1 . TYR B 1 86 ? 1.648   -0.573  -5.453  1.00 25.60 ? 399 TYR B CE1 1 
ATOM   1301 C CE2 . TYR B 1 86 ? 0.380   1.478   -5.820  1.00 25.66 ? 399 TYR B CE2 1 
ATOM   1302 C CZ  . TYR B 1 86 ? 0.429   0.087   -5.684  1.00 25.88 ? 399 TYR B CZ  1 
ATOM   1303 O OH  . TYR B 1 86 ? -0.749  -0.635  -5.783  1.00 27.11 ? 399 TYR B OH  1 
ATOM   1304 N N   . LEU B 1 87 ? 3.612   2.087   -8.922  1.00 14.91 ? 400 LEU B N   1 
ATOM   1305 C CA  . LEU B 1 87 ? 2.578   2.320   -9.912  1.00 13.55 ? 400 LEU B CA  1 
ATOM   1306 C C   . LEU B 1 87 ? 1.603   1.161   -9.897  1.00 13.50 ? 400 LEU B C   1 
ATOM   1307 O O   . LEU B 1 87 ? 1.996   -0.003  -9.773  1.00 11.91 ? 400 LEU B O   1 
ATOM   1308 C CB  . LEU B 1 87 ? 3.152   2.532   -11.305 1.00 13.46 ? 400 LEU B CB  1 
ATOM   1309 C CG  . LEU B 1 87 ? 4.320   3.520   -11.458 1.00 12.71 ? 400 LEU B CG  1 
ATOM   1310 C CD1 . LEU B 1 87 ? 5.099   3.133   -12.684 1.00 9.42  ? 400 LEU B CD1 1 
ATOM   1311 C CD2 . LEU B 1 87 ? 3.832   4.967   -11.545 1.00 10.92 ? 400 LEU B CD2 1 
ATOM   1312 N N   . LYS B 1 88 ? 0.328   1.527   -9.983  1.00 13.42 ? 401 LYS B N   1 
ATOM   1313 C CA  . LYS B 1 88 ? -0.769  0.619   -10.124 1.00 14.58 ? 401 LYS B CA  1 
ATOM   1314 C C   . LYS B 1 88 ? -1.134  0.759   -11.586 1.00 14.55 ? 401 LYS B C   1 
ATOM   1315 O O   . LYS B 1 88 ? -1.489  1.857   -12.033 1.00 13.66 ? 401 LYS B O   1 
ATOM   1316 C CB  . LYS B 1 88 ? -1.923  1.069   -9.220  1.00 14.57 ? 401 LYS B CB  1 
ATOM   1317 C CG  . LYS B 1 88 ? -3.065  0.069   -9.014  1.00 17.40 ? 401 LYS B CG  1 
ATOM   1318 C CD  . LYS B 1 88 ? -4.019  0.586   -7.908  1.00 17.28 ? 401 LYS B CD  1 
ATOM   1319 C CE  . LYS B 1 88 ? -5.001  -0.502  -7.420  1.00 21.81 ? 401 LYS B CE  1 
ATOM   1320 N NZ  . LYS B 1 88 ? -6.000  -0.018  -6.381  1.00 21.99 ? 401 LYS B NZ  1 
ATOM   1321 N N   . VAL B 1 89 ? -1.015  -0.337  -12.344 1.00 14.73 ? 402 VAL B N   1 
ATOM   1322 C CA  . VAL B 1 89 ? -1.340  -0.275  -13.769 1.00 15.04 ? 402 VAL B CA  1 
ATOM   1323 C C   . VAL B 1 89 ? -2.456  -1.240  -14.169 1.00 15.72 ? 402 VAL B C   1 
ATOM   1324 O O   . VAL B 1 89 ? -2.666  -2.254  -13.513 1.00 15.72 ? 402 VAL B O   1 
ATOM   1325 C CB  . VAL B 1 89 ? -0.061  -0.347  -14.717 1.00 14.74 ? 402 VAL B CB  1 
ATOM   1326 C CG1 . VAL B 1 89 ? 1.104   0.365   -14.081 1.00 14.02 ? 402 VAL B CG1 1 
ATOM   1327 C CG2 . VAL B 1 89 ? 0.318   -1.752  -15.095 1.00 13.41 ? 402 VAL B CG2 1 
ATOM   1328 N N   . ALA B 1 90 ? -3.177  -0.890  -15.227 1.00 16.36 ? 403 ALA B N   1 
ATOM   1329 C CA  . ALA B 1 90 ? -4.120  -1.791  -15.839 1.00 17.91 ? 403 ALA B CA  1 
ATOM   1330 C C   . ALA B 1 90 ? -3.823  -1.955  -17.327 1.00 19.59 ? 403 ALA B C   1 
ATOM   1331 O O   . ALA B 1 90 ? -3.398  -1.024  -18.023 1.00 19.26 ? 403 ALA B O   1 
ATOM   1332 C CB  . ALA B 1 90 ? -5.562  -1.346  -15.613 1.00 17.22 ? 403 ALA B CB  1 
ATOM   1333 N N   . LYS B 1 91 ? -4.052  -3.172  -17.801 1.00 21.65 ? 404 LYS B N   1 
ATOM   1334 C CA  . LYS B 1 91 ? -3.939  -3.478  -19.211 1.00 23.60 ? 404 LYS B CA  1 
ATOM   1335 C C   . LYS B 1 91 ? -5.081  -2.808  -19.969 1.00 25.48 ? 404 LYS B C   1 
ATOM   1336 O O   . LYS B 1 91 ? -6.197  -2.713  -19.442 1.00 25.55 ? 404 LYS B O   1 
ATOM   1337 C CB  . LYS B 1 91 ? -3.910  -4.996  -19.397 1.00 23.09 ? 404 LYS B CB  1 
ATOM   1338 C CG  . LYS B 1 91 ? -2.567  -5.593  -19.017 1.00 21.79 ? 404 LYS B CG  1 
ATOM   1339 C CD  . LYS B 1 91 ? -1.446  -5.072  -19.938 1.00 17.12 ? 404 LYS B CD  1 
ATOM   1340 C CE  . LYS B 1 91 ? -0.168  -5.393  -19.314 1.00 18.83 ? 404 LYS B CE  1 
ATOM   1341 N NZ  . LYS B 1 91 ? 1.006   -4.762  -19.947 1.00 22.34 ? 404 LYS B NZ  1 
ATOM   1342 N N   . PRO B 1 92 ? -4.795  -2.289  -21.178 1.00 27.50 ? 405 PRO B N   1 
ATOM   1343 C CA  . PRO B 1 92 ? -5.825  -1.593  -21.977 1.00 29.14 ? 405 PRO B CA  1 
ATOM   1344 C C   . PRO B 1 92 ? -7.165  -2.342  -22.089 1.00 30.86 ? 405 PRO B C   1 
ATOM   1345 O O   . PRO B 1 92 ? -7.214  -3.575  -21.925 1.00 31.36 ? 405 PRO B O   1 
ATOM   1346 C CB  . PRO B 1 92 ? -5.170  -1.427  -23.361 1.00 29.30 ? 405 PRO B CB  1 
ATOM   1347 C CG  . PRO B 1 92 ? -3.801  -2.090  -23.285 1.00 28.14 ? 405 PRO B CG  1 
ATOM   1348 C CD  . PRO B 1 92 ? -3.473  -2.279  -21.842 1.00 27.63 ? 405 PRO B CD  1 
ATOM   1349 N N   . THR B 1 93 ? -8.237  -1.587  -22.343 1.00 32.70 ? 406 THR B N   1 
ATOM   1350 C CA  . THR B 1 93 ? -9.605  -2.140  -22.551 1.00 34.22 ? 406 THR B CA  1 
ATOM   1351 C C   . THR B 1 93 ? -10.653 -1.066  -22.934 1.00 34.37 ? 406 THR B C   1 
ATOM   1352 O O   . THR B 1 93 ? -11.144 -1.041  -24.080 1.00 35.03 ? 406 THR B O   1 
ATOM   1353 C CB  . THR B 1 93 ? -10.108 -2.993  -21.340 1.00 34.24 ? 406 THR B CB  1 
ATOM   1354 O OG1 . THR B 1 93 ? -11.430 -3.471  -21.610 1.00 35.82 ? 406 THR B OG1 1 
ATOM   1355 C CG2 . THR B 1 93 ? -10.120 -2.182  -20.033 1.00 34.92 ? 406 THR B CG2 1 
ATOM   1356 N N   . ALA C 2 1  ? 10.247  15.702  -22.230 1.00 38.23 ? 5   ALA C N   1 
ATOM   1357 C CA  . ALA C 2 1  ? 9.004   15.081  -22.807 1.00 38.76 ? 5   ALA C CA  1 
ATOM   1358 C C   . ALA C 2 1  ? 8.594   13.774  -22.097 1.00 38.60 ? 5   ALA C C   1 
ATOM   1359 O O   . ALA C 2 1  ? 7.567   13.169  -22.457 1.00 38.75 ? 5   ALA C O   1 
ATOM   1360 C CB  . ALA C 2 1  ? 9.167   14.846  -24.335 1.00 38.70 ? 5   ALA C CB  1 
ATOM   1361 N N   . HIS C 2 2  ? 9.400   13.354  -21.105 1.00 37.72 ? 6   HIS C N   1 
ATOM   1362 C CA  . HIS C 2 2  ? 9.139   12.138  -20.308 1.00 36.54 ? 6   HIS C CA  1 
ATOM   1363 C C   . HIS C 2 2  ? 9.448   12.252  -18.792 1.00 35.10 ? 6   HIS C C   1 
ATOM   1364 O O   . HIS C 2 2  ? 10.063  13.216  -18.338 1.00 34.66 ? 6   HIS C O   1 
ATOM   1365 C CB  . HIS C 2 2  ? 9.844   10.922  -20.940 1.00 36.53 ? 6   HIS C CB  1 
ATOM   1366 C CG  . HIS C 2 2  ? 11.280  10.765  -20.540 1.00 37.55 ? 6   HIS C CG  1 
ATOM   1367 N ND1 . HIS C 2 2  ? 11.664  10.266  -19.311 1.00 37.28 ? 6   HIS C ND1 1 
ATOM   1368 C CD2 . HIS C 2 2  ? 12.429  11.017  -21.215 1.00 39.07 ? 6   HIS C CD2 1 
ATOM   1369 C CE1 . HIS C 2 2  ? 12.981  10.220  -19.243 1.00 37.82 ? 6   HIS C CE1 1 
ATOM   1370 N NE2 . HIS C 2 2  ? 13.470  10.672  -20.384 1.00 39.69 ? 6   HIS C NE2 1 
ATOM   1371 N N   . HIS C 2 3  ? 9.012   11.255  -18.025 1.00 33.95 ? 7   HIS C N   1 
ATOM   1372 C CA  . HIS C 2 3  ? 9.177   11.243  -16.557 1.00 33.03 ? 7   HIS C CA  1 
ATOM   1373 C C   . HIS C 2 3  ? 10.174  10.168  -16.065 1.00 32.63 ? 7   HIS C C   1 
ATOM   1374 O O   . HIS C 2 3  ? 10.398  9.991   -14.868 1.00 32.45 ? 7   HIS C O   1 
ATOM   1375 C CB  . HIS C 2 3  ? 7.809   11.119  -15.853 1.00 32.29 ? 7   HIS C CB  1 
ATOM   1376 C CG  . HIS C 2 3  ? 6.794   12.107  -16.342 1.00 32.41 ? 7   HIS C CG  1 
ATOM   1377 N ND1 . HIS C 2 3  ? 6.563   13.314  -15.717 1.00 31.93 ? 7   HIS C ND1 1 
ATOM   1378 C CD2 . HIS C 2 3  ? 5.974   12.083  -17.425 1.00 32.35 ? 7   HIS C CD2 1 
ATOM   1379 C CE1 . HIS C 2 3  ? 5.646   13.987  -16.390 1.00 31.67 ? 7   HIS C CE1 1 
ATOM   1380 N NE2 . HIS C 2 3  ? 5.272   13.263  -17.432 1.00 31.02 ? 7   HIS C NE2 1 
ATOM   1381 O OXT . HIS C 2 3  ? 10.817  9.455   -16.835 1.00 31.90 ? 7   HIS C OXT 1 
HETATM 1382 O O   . HOH D 3 .  ? -15.688 -1.243  14.676  1.00 11.44 ? 1   HOH A O   1 
HETATM 1383 O O   . HOH D 3 .  ? -8.231  -8.720  11.092  1.00 2.03  ? 3   HOH A O   1 
HETATM 1384 O O   . HOH D 3 .  ? 6.305   -1.498  19.878  1.00 10.27 ? 5   HOH A O   1 
HETATM 1385 O O   . HOH D 3 .  ? -6.568  -16.634 24.192  1.00 14.54 ? 6   HOH A O   1 
HETATM 1386 O O   . HOH D 3 .  ? 6.813   -7.665  16.368  1.00 9.17  ? 10  HOH A O   1 
HETATM 1387 O O   . HOH D 3 .  ? -2.610  -16.313 18.052  1.00 6.42  ? 12  HOH A O   1 
HETATM 1388 O O   . HOH D 3 .  ? -5.952  -9.973  31.275  1.00 21.20 ? 14  HOH A O   1 
HETATM 1389 O O   . HOH D 3 .  ? -11.978 -7.811  11.769  1.00 5.21  ? 15  HOH A O   1 
HETATM 1390 O O   . HOH D 3 .  ? -9.192  -8.734  4.214   1.00 17.18 ? 16  HOH A O   1 
HETATM 1391 O O   . HOH D 3 .  ? -6.069  -11.908 4.634   1.00 25.04 ? 17  HOH A O   1 
HETATM 1392 O O   . HOH D 3 .  ? -10.715 -2.312  8.281   1.00 8.69  ? 19  HOH A O   1 
HETATM 1393 O O   . HOH D 3 .  ? -11.181 -9.766  8.645   1.00 8.61  ? 20  HOH A O   1 
HETATM 1394 O O   . HOH D 3 .  ? -10.663 2.443   10.488  1.00 21.30 ? 22  HOH A O   1 
HETATM 1395 O O   . HOH D 3 .  ? 8.406   -13.608 17.366  1.00 7.98  ? 23  HOH A O   1 
HETATM 1396 O O   . HOH D 3 .  ? -19.144 2.650   13.185  1.00 21.84 ? 28  HOH A O   1 
HETATM 1397 O O   . HOH D 3 .  ? 12.783  -3.126  14.775  1.00 16.53 ? 30  HOH A O   1 
HETATM 1398 O O   . HOH D 3 .  ? 6.599   -0.747  10.305  1.00 9.00  ? 32  HOH A O   1 
HETATM 1399 O O   . HOH D 3 .  ? -4.267  -14.085 26.444  1.00 28.30 ? 33  HOH A O   1 
HETATM 1400 O O   . HOH D 3 .  ? -4.443  -7.065  31.215  1.00 15.04 ? 35  HOH A O   1 
HETATM 1401 O O   . HOH D 3 .  ? 2.970   -4.186  6.520   1.00 10.52 ? 38  HOH A O   1 
HETATM 1402 O O   . HOH D 3 .  ? 8.331   -3.815  15.073  1.00 16.78 ? 42  HOH A O   1 
HETATM 1403 O O   . HOH D 3 .  ? -12.782 2.987   4.857   1.00 19.48 ? 46  HOH A O   1 
HETATM 1404 O O   . HOH D 3 .  ? -4.941  -1.974  20.566  1.00 17.22 ? 48  HOH A O   1 
HETATM 1405 O O   . HOH D 3 .  ? -13.746 -7.763  5.547   1.00 15.19 ? 49  HOH A O   1 
HETATM 1406 O O   . HOH D 3 .  ? -8.749  4.239   9.668   1.00 17.50 ? 50  HOH A O   1 
HETATM 1407 O O   . HOH D 3 .  ? -18.153 -3.770  19.596  1.00 21.35 ? 52  HOH A O   1 
HETATM 1408 O O   . HOH D 3 .  ? -19.106 -6.186  6.211   1.00 8.90  ? 56  HOH A O   1 
HETATM 1409 O O   . HOH D 3 .  ? -11.265 -4.267  0.099   1.00 15.03 ? 57  HOH A O   1 
HETATM 1410 O O   . HOH D 3 .  ? 5.472   -17.851 11.711  1.00 8.81  ? 58  HOH A O   1 
HETATM 1411 O O   . HOH D 3 .  ? -1.920  -3.677  4.392   1.00 16.45 ? 60  HOH A O   1 
HETATM 1412 O O   . HOH D 3 .  ? 5.107   -2.745  24.717  1.00 6.63  ? 65  HOH A O   1 
HETATM 1413 O O   . HOH D 3 .  ? -7.502  -11.409 24.752  1.00 23.02 ? 66  HOH A O   1 
HETATM 1414 O O   . HOH D 3 .  ? -2.065  -4.101  27.847  1.00 27.26 ? 103 HOH A O   1 
HETATM 1415 O O   . HOH D 3 .  ? -18.191 -9.916  8.618   1.00 14.36 ? 105 HOH A O   1 
HETATM 1416 O O   . HOH D 3 .  ? 5.134   3.759   13.878  1.00 28.58 ? 106 HOH A O   1 
HETATM 1417 O O   . HOH D 3 .  ? 7.802   -15.646 13.337  1.00 15.33 ? 114 HOH A O   1 
HETATM 1418 O O   . HOH D 3 .  ? -16.218 -1.150  18.200  1.00 28.31 ? 119 HOH A O   1 
HETATM 1419 O O   . HOH D 3 .  ? -7.909  1.519   18.879  1.00 22.67 ? 121 HOH A O   1 
HETATM 1420 O O   . HOH E 3 .  ? -6.977  9.461   -22.242 1.00 10.10 ? 2   HOH B O   1 
HETATM 1421 O O   . HOH E 3 .  ? -7.423  10.175  -15.731 1.00 6.49  ? 4   HOH B O   1 
HETATM 1422 O O   . HOH E 3 .  ? -3.265  12.731  -24.740 1.00 10.23 ? 7   HOH B O   1 
HETATM 1423 O O   . HOH E 3 .  ? 12.617  3.267   -19.129 1.00 9.55  ? 8   HOH B O   1 
HETATM 1424 O O   . HOH E 3 .  ? -5.639  6.660   -15.500 1.00 6.65  ? 9   HOH B O   1 
HETATM 1425 O O   . HOH E 3 .  ? -6.026  3.050   -7.251  1.00 31.60 ? 13  HOH B O   1 
HETATM 1426 O O   . HOH E 3 .  ? 8.693   -1.412  -15.759 1.00 10.31 ? 21  HOH B O   1 
HETATM 1427 O O   . HOH E 3 .  ? -3.752  19.502  -17.595 1.00 13.35 ? 25  HOH B O   1 
HETATM 1428 O O   . HOH E 3 .  ? 13.714  -0.086  -10.664 1.00 6.00  ? 34  HOH B O   1 
HETATM 1429 O O   . HOH E 3 .  ? -14.120 13.279  -15.832 1.00 12.63 ? 36  HOH B O   1 
HETATM 1430 O O   . HOH E 3 .  ? -2.001  3.600   -4.732  1.00 26.47 ? 37  HOH B O   1 
HETATM 1431 O O   . HOH E 3 .  ? -14.864 12.204  -20.794 1.00 25.43 ? 41  HOH B O   1 
HETATM 1432 O O   . HOH E 3 .  ? -12.077 15.169  -21.428 1.00 16.48 ? 43  HOH B O   1 
HETATM 1433 O O   . HOH E 3 .  ? 15.620  10.686  -6.815  1.00 27.78 ? 44  HOH B O   1 
HETATM 1434 O O   . HOH E 3 .  ? -5.873  17.334  -18.859 1.00 20.22 ? 45  HOH B O   1 
HETATM 1435 O O   . HOH E 3 .  ? 9.456   -2.018  -19.504 1.00 12.51 ? 47  HOH B O   1 
HETATM 1436 O O   . HOH E 3 .  ? 4.684   20.257  -16.388 1.00 22.53 ? 51  HOH B O   1 
HETATM 1437 O O   . HOH E 3 .  ? 14.828  7.388   -18.442 1.00 26.60 ? 53  HOH B O   1 
HETATM 1438 O O   . HOH E 3 .  ? -9.446  7.376   -15.733 1.00 14.91 ? 54  HOH B O   1 
HETATM 1439 O O   . HOH E 3 .  ? 9.070   2.954   -25.925 1.00 13.86 ? 61  HOH B O   1 
HETATM 1440 O O   . HOH E 3 .  ? 6.208   -1.788  -24.139 1.00 14.50 ? 62  HOH B O   1 
HETATM 1441 O O   . HOH E 3 .  ? 15.207  6.042   -15.927 1.00 14.40 ? 63  HOH B O   1 
HETATM 1442 O O   . HOH E 3 .  ? 0.049   -2.303  -22.511 1.00 15.28 ? 64  HOH B O   1 
HETATM 1443 O O   . HOH E 3 .  ? 5.653   -5.147  -8.162  1.00 21.77 ? 68  HOH B O   1 
HETATM 1444 O O   . HOH E 3 .  ? 17.941  2.740   -15.588 1.00 20.54 ? 69  HOH B O   1 
HETATM 1445 O O   . HOH E 3 .  ? -6.161  12.172  -7.651  1.00 11.07 ? 70  HOH B O   1 
HETATM 1446 O O   . HOH E 3 .  ? 8.041   -3.954  -10.658 1.00 31.83 ? 101 HOH B O   1 
HETATM 1447 O O   . HOH E 3 .  ? 2.631   -4.068  -17.677 1.00 17.90 ? 102 HOH B O   1 
HETATM 1448 O O   . HOH E 3 .  ? 8.003   8.753   -4.390  1.00 15.60 ? 107 HOH B O   1 
HETATM 1449 O O   . HOH E 3 .  ? -1.712  14.792  -8.088  1.00 23.79 ? 109 HOH B O   1 
HETATM 1450 O O   . HOH E 3 .  ? 14.403  13.435  -16.287 1.00 27.95 ? 110 HOH B O   1 
HETATM 1451 O O   . HOH E 3 .  ? 13.077  1.041   -24.224 1.00 26.83 ? 112 HOH B O   1 
HETATM 1452 O O   . HOH E 3 .  ? 3.911   10.843  -25.257 1.00 21.21 ? 115 HOH B O   1 
HETATM 1453 O O   . HOH E 3 .  ? -5.261  14.222  -8.727  1.00 24.91 ? 116 HOH B O   1 
HETATM 1454 O O   . HOH E 3 .  ? 3.370   14.375  -19.650 1.00 21.68 ? 120 HOH B O   1 
HETATM 1455 O O   . HOH F 3 .  ? 5.313   12.249  -20.687 1.00 11.16 ? 26  HOH C O   1 
# 
